data_4QB4
# 
_entry.id   4QB4 
# 
_audit_conform.dict_name       mmcif_pdbx.dic 
_audit_conform.dict_version    5.387 
_audit_conform.dict_location   http://mmcif.pdb.org/dictionaries/ascii/mmcif_pdbx.dic 
# 
loop_
_database_2.database_id 
_database_2.database_code 
_database_2.pdbx_database_accession 
_database_2.pdbx_DOI 
PDB   4QB4         pdb_00004qb4 10.2210/pdb4qb4/pdb 
RCSB  RCSB085831   ?            ?                   
WWPDB D_1000085831 ?            ?                   
# 
loop_
_pdbx_audit_revision_history.ordinal 
_pdbx_audit_revision_history.data_content_type 
_pdbx_audit_revision_history.major_revision 
_pdbx_audit_revision_history.minor_revision 
_pdbx_audit_revision_history.revision_date 
1 'Structure model' 1 0 2014-06-11 
2 'Structure model' 1 1 2017-11-22 
3 'Structure model' 1 2 2024-02-28 
# 
_pdbx_audit_revision_details.ordinal             1 
_pdbx_audit_revision_details.revision_ordinal    1 
_pdbx_audit_revision_details.data_content_type   'Structure model' 
_pdbx_audit_revision_details.provider            repository 
_pdbx_audit_revision_details.type                'Initial release' 
_pdbx_audit_revision_details.description         ? 
_pdbx_audit_revision_details.details             ? 
# 
loop_
_pdbx_audit_revision_group.ordinal 
_pdbx_audit_revision_group.revision_ordinal 
_pdbx_audit_revision_group.data_content_type 
_pdbx_audit_revision_group.group 
1 2 'Structure model' 'Refinement description' 
2 3 'Structure model' 'Data collection'        
3 3 'Structure model' 'Database references'    
# 
loop_
_pdbx_audit_revision_category.ordinal 
_pdbx_audit_revision_category.revision_ordinal 
_pdbx_audit_revision_category.data_content_type 
_pdbx_audit_revision_category.category 
1 2 'Structure model' software           
2 3 'Structure model' chem_comp_atom     
3 3 'Structure model' chem_comp_bond     
4 3 'Structure model' database_2         
5 3 'Structure model' struct_ref_seq_dif 
# 
loop_
_pdbx_audit_revision_item.ordinal 
_pdbx_audit_revision_item.revision_ordinal 
_pdbx_audit_revision_item.data_content_type 
_pdbx_audit_revision_item.item 
1 3 'Structure model' '_database_2.pdbx_DOI'                
2 3 'Structure model' '_database_2.pdbx_database_accession' 
3 3 'Structure model' '_struct_ref_seq_dif.details'         
# 
_pdbx_database_status.status_code                     REL 
_pdbx_database_status.entry_id                        4QB4 
_pdbx_database_status.recvd_initial_deposition_date   2014-05-06 
_pdbx_database_status.deposit_site                    RCSB 
_pdbx_database_status.process_site                    RCSB 
_pdbx_database_status.status_code_sf                  REL 
_pdbx_database_status.status_code_mr                  ? 
_pdbx_database_status.SG_entry                        ? 
_pdbx_database_status.status_code_cs                  ? 
_pdbx_database_status.methods_development_category    ? 
_pdbx_database_status.pdb_format_compatible           Y 
_pdbx_database_status.status_code_nmr_data            ? 
# 
_pdbx_database_related.db_name        PDB 
_pdbx_database_related.db_id          1EY0 
_pdbx_database_related.details        'Wild Type' 
_pdbx_database_related.content_type   unspecified 
# 
loop_
_audit_author.name 
_audit_author.pdbx_ordinal 
'Lor, P.'      1 
'Janowska, K.' 2 
'Sakon, J.'    3 
'Stites, W.E.' 4 
# 
_citation.id                        primary 
_citation.title                     'Crystal Structure of Staphylococcal Nuclease mutant V23L/L25V/V66L' 
_citation.journal_abbrev            'To be Published' 
_citation.journal_volume            ? 
_citation.page_first                ? 
_citation.page_last                 ? 
_citation.year                      ? 
_citation.journal_id_ASTM           ? 
_citation.country                   ? 
_citation.journal_id_ISSN           ? 
_citation.journal_id_CSD            0353 
_citation.book_publisher            ? 
_citation.pdbx_database_id_PubMed   ? 
_citation.pdbx_database_id_DOI      ? 
# 
loop_
_citation_author.citation_id 
_citation_author.name 
_citation_author.ordinal 
_citation_author.identifier_ORCID 
primary 'Lor, P.'      1 ? 
primary 'Janowska, K.' 2 ? 
primary 'Sakon, J.'    3 ? 
primary 'Stites, W.E.' 4 ? 
# 
loop_
_entity.id 
_entity.type 
_entity.src_method 
_entity.pdbx_description 
_entity.formula_weight 
_entity.pdbx_number_of_molecules 
_entity.pdbx_ec 
_entity.pdbx_mutation 
_entity.pdbx_fragment 
_entity.details 
1 polymer man Thermonuclease 15551.081 1   3.1.31.1 'V23L, L25V, V66L' 'UNP Residues 88-223' ? 
2 water   nat water          18.015    140 ?        ?                  ?                     ? 
# 
_entity_name_com.entity_id   1 
_entity_name_com.name        'TNase, Micrococcal nuclease, Staphylococcal nuclease, Nuclease B, Nuclease A' 
# 
_entity_poly.entity_id                      1 
_entity_poly.type                           'polypeptide(L)' 
_entity_poly.nstd_linkage                   no 
_entity_poly.nstd_monomer                   no 
_entity_poly.pdbx_seq_one_letter_code       
;KLHKEPATLIKAIDGDTLKVMYKGQPMTFRLLLVDTPETKHPKKGVEKYGPEASAFTKKMLENAKKIEVEFDKGQRTDKY
GRGLAYIYADGKMVNEALVRQGLAKVAYVYKPNNTHEQHLRKSEAQAKKEKLNIWS
;
_entity_poly.pdbx_seq_one_letter_code_can   
;KLHKEPATLIKAIDGDTLKVMYKGQPMTFRLLLVDTPETKHPKKGVEKYGPEASAFTKKMLENAKKIEVEFDKGQRTDKY
GRGLAYIYADGKMVNEALVRQGLAKVAYVYKPNNTHEQHLRKSEAQAKKEKLNIWS
;
_entity_poly.pdbx_strand_id                 A 
_entity_poly.pdbx_target_identifier         ? 
# 
_pdbx_entity_nonpoly.entity_id   2 
_pdbx_entity_nonpoly.name        water 
_pdbx_entity_nonpoly.comp_id     HOH 
# 
loop_
_entity_poly_seq.entity_id 
_entity_poly_seq.num 
_entity_poly_seq.mon_id 
_entity_poly_seq.hetero 
1 1   LYS n 
1 2   LEU n 
1 3   HIS n 
1 4   LYS n 
1 5   GLU n 
1 6   PRO n 
1 7   ALA n 
1 8   THR n 
1 9   LEU n 
1 10  ILE n 
1 11  LYS n 
1 12  ALA n 
1 13  ILE n 
1 14  ASP n 
1 15  GLY n 
1 16  ASP n 
1 17  THR n 
1 18  LEU n 
1 19  LYS n 
1 20  VAL n 
1 21  MET n 
1 22  TYR n 
1 23  LYS n 
1 24  GLY n 
1 25  GLN n 
1 26  PRO n 
1 27  MET n 
1 28  THR n 
1 29  PHE n 
1 30  ARG n 
1 31  LEU n 
1 32  LEU n 
1 33  LEU n 
1 34  VAL n 
1 35  ASP n 
1 36  THR n 
1 37  PRO n 
1 38  GLU n 
1 39  THR n 
1 40  LYS n 
1 41  HIS n 
1 42  PRO n 
1 43  LYS n 
1 44  LYS n 
1 45  GLY n 
1 46  VAL n 
1 47  GLU n 
1 48  LYS n 
1 49  TYR n 
1 50  GLY n 
1 51  PRO n 
1 52  GLU n 
1 53  ALA n 
1 54  SER n 
1 55  ALA n 
1 56  PHE n 
1 57  THR n 
1 58  LYS n 
1 59  LYS n 
1 60  MET n 
1 61  LEU n 
1 62  GLU n 
1 63  ASN n 
1 64  ALA n 
1 65  LYS n 
1 66  LYS n 
1 67  ILE n 
1 68  GLU n 
1 69  VAL n 
1 70  GLU n 
1 71  PHE n 
1 72  ASP n 
1 73  LYS n 
1 74  GLY n 
1 75  GLN n 
1 76  ARG n 
1 77  THR n 
1 78  ASP n 
1 79  LYS n 
1 80  TYR n 
1 81  GLY n 
1 82  ARG n 
1 83  GLY n 
1 84  LEU n 
1 85  ALA n 
1 86  TYR n 
1 87  ILE n 
1 88  TYR n 
1 89  ALA n 
1 90  ASP n 
1 91  GLY n 
1 92  LYS n 
1 93  MET n 
1 94  VAL n 
1 95  ASN n 
1 96  GLU n 
1 97  ALA n 
1 98  LEU n 
1 99  VAL n 
1 100 ARG n 
1 101 GLN n 
1 102 GLY n 
1 103 LEU n 
1 104 ALA n 
1 105 LYS n 
1 106 VAL n 
1 107 ALA n 
1 108 TYR n 
1 109 VAL n 
1 110 TYR n 
1 111 LYS n 
1 112 PRO n 
1 113 ASN n 
1 114 ASN n 
1 115 THR n 
1 116 HIS n 
1 117 GLU n 
1 118 GLN n 
1 119 HIS n 
1 120 LEU n 
1 121 ARG n 
1 122 LYS n 
1 123 SER n 
1 124 GLU n 
1 125 ALA n 
1 126 GLN n 
1 127 ALA n 
1 128 LYS n 
1 129 LYS n 
1 130 GLU n 
1 131 LYS n 
1 132 LEU n 
1 133 ASN n 
1 134 ILE n 
1 135 TRP n 
1 136 SER n 
# 
_entity_src_gen.entity_id                          1 
_entity_src_gen.pdbx_src_id                        1 
_entity_src_gen.pdbx_alt_source_flag               sample 
_entity_src_gen.pdbx_seq_type                      ? 
_entity_src_gen.pdbx_beg_seq_num                   ? 
_entity_src_gen.pdbx_end_seq_num                   ? 
_entity_src_gen.gene_src_common_name               ? 
_entity_src_gen.gene_src_genus                     ? 
_entity_src_gen.pdbx_gene_src_gene                 nuc 
_entity_src_gen.gene_src_species                   ? 
_entity_src_gen.gene_src_strain                    ? 
_entity_src_gen.gene_src_tissue                    ? 
_entity_src_gen.gene_src_tissue_fraction           ? 
_entity_src_gen.gene_src_details                   ? 
_entity_src_gen.pdbx_gene_src_fragment             ? 
_entity_src_gen.pdbx_gene_src_scientific_name      'Staphylococcus aureus' 
_entity_src_gen.pdbx_gene_src_ncbi_taxonomy_id     1280 
_entity_src_gen.pdbx_gene_src_variant              ? 
_entity_src_gen.pdbx_gene_src_cell_line            ? 
_entity_src_gen.pdbx_gene_src_atcc                 ? 
_entity_src_gen.pdbx_gene_src_organ                ? 
_entity_src_gen.pdbx_gene_src_organelle            ? 
_entity_src_gen.pdbx_gene_src_cell                 ? 
_entity_src_gen.pdbx_gene_src_cellular_location    ? 
_entity_src_gen.host_org_common_name               ? 
_entity_src_gen.pdbx_host_org_scientific_name      'Escherichia coli' 
_entity_src_gen.pdbx_host_org_ncbi_taxonomy_id     562 
_entity_src_gen.host_org_genus                     ? 
_entity_src_gen.pdbx_host_org_gene                 ? 
_entity_src_gen.pdbx_host_org_organ                ? 
_entity_src_gen.host_org_species                   ? 
_entity_src_gen.pdbx_host_org_tissue               ? 
_entity_src_gen.pdbx_host_org_tissue_fraction      ? 
_entity_src_gen.pdbx_host_org_strain               ? 
_entity_src_gen.pdbx_host_org_variant              ? 
_entity_src_gen.pdbx_host_org_cell_line            ? 
_entity_src_gen.pdbx_host_org_atcc                 ? 
_entity_src_gen.pdbx_host_org_culture_collection   ? 
_entity_src_gen.pdbx_host_org_cell                 ? 
_entity_src_gen.pdbx_host_org_organelle            ? 
_entity_src_gen.pdbx_host_org_cellular_location    ? 
_entity_src_gen.pdbx_host_org_vector_type          ? 
_entity_src_gen.pdbx_host_org_vector               ? 
_entity_src_gen.host_org_details                   ? 
_entity_src_gen.expression_system_id               ? 
_entity_src_gen.plasmid_name                       ? 
_entity_src_gen.plasmid_details                    ? 
_entity_src_gen.pdbx_description                   ? 
# 
loop_
_chem_comp.id 
_chem_comp.type 
_chem_comp.mon_nstd_flag 
_chem_comp.name 
_chem_comp.pdbx_synonyms 
_chem_comp.formula 
_chem_comp.formula_weight 
ALA 'L-peptide linking' y ALANINE         ? 'C3 H7 N O2'     89.093  
ARG 'L-peptide linking' y ARGININE        ? 'C6 H15 N4 O2 1' 175.209 
ASN 'L-peptide linking' y ASPARAGINE      ? 'C4 H8 N2 O3'    132.118 
ASP 'L-peptide linking' y 'ASPARTIC ACID' ? 'C4 H7 N O4'     133.103 
GLN 'L-peptide linking' y GLUTAMINE       ? 'C5 H10 N2 O3'   146.144 
GLU 'L-peptide linking' y 'GLUTAMIC ACID' ? 'C5 H9 N O4'     147.129 
GLY 'peptide linking'   y GLYCINE         ? 'C2 H5 N O2'     75.067  
HIS 'L-peptide linking' y HISTIDINE       ? 'C6 H10 N3 O2 1' 156.162 
HOH non-polymer         . WATER           ? 'H2 O'           18.015  
ILE 'L-peptide linking' y ISOLEUCINE      ? 'C6 H13 N O2'    131.173 
LEU 'L-peptide linking' y LEUCINE         ? 'C6 H13 N O2'    131.173 
LYS 'L-peptide linking' y LYSINE          ? 'C6 H15 N2 O2 1' 147.195 
MET 'L-peptide linking' y METHIONINE      ? 'C5 H11 N O2 S'  149.211 
PHE 'L-peptide linking' y PHENYLALANINE   ? 'C9 H11 N O2'    165.189 
PRO 'L-peptide linking' y PROLINE         ? 'C5 H9 N O2'     115.130 
SER 'L-peptide linking' y SERINE          ? 'C3 H7 N O3'     105.093 
THR 'L-peptide linking' y THREONINE       ? 'C4 H9 N O3'     119.119 
TRP 'L-peptide linking' y TRYPTOPHAN      ? 'C11 H12 N2 O2'  204.225 
TYR 'L-peptide linking' y TYROSINE        ? 'C9 H11 N O3'    181.189 
VAL 'L-peptide linking' y VALINE          ? 'C5 H11 N O2'    117.146 
# 
loop_
_pdbx_poly_seq_scheme.asym_id 
_pdbx_poly_seq_scheme.entity_id 
_pdbx_poly_seq_scheme.seq_id 
_pdbx_poly_seq_scheme.mon_id 
_pdbx_poly_seq_scheme.ndb_seq_num 
_pdbx_poly_seq_scheme.pdb_seq_num 
_pdbx_poly_seq_scheme.auth_seq_num 
_pdbx_poly_seq_scheme.pdb_mon_id 
_pdbx_poly_seq_scheme.auth_mon_id 
_pdbx_poly_seq_scheme.pdb_strand_id 
_pdbx_poly_seq_scheme.pdb_ins_code 
_pdbx_poly_seq_scheme.hetero 
A 1 1   LYS 1   6   6   LYS LYS A . n 
A 1 2   LEU 2   7   7   LEU LEU A . n 
A 1 3   HIS 3   8   8   HIS HIS A . n 
A 1 4   LYS 4   9   9   LYS LYS A . n 
A 1 5   GLU 5   10  10  GLU GLU A . n 
A 1 6   PRO 6   11  11  PRO PRO A . n 
A 1 7   ALA 7   12  12  ALA ALA A . n 
A 1 8   THR 8   13  13  THR THR A . n 
A 1 9   LEU 9   14  14  LEU LEU A . n 
A 1 10  ILE 10  15  15  ILE ILE A . n 
A 1 11  LYS 11  16  16  LYS LYS A . n 
A 1 12  ALA 12  17  17  ALA ALA A . n 
A 1 13  ILE 13  18  18  ILE ILE A . n 
A 1 14  ASP 14  19  19  ASP ASP A . n 
A 1 15  GLY 15  20  20  GLY GLY A . n 
A 1 16  ASP 16  21  21  ASP ASP A . n 
A 1 17  THR 17  22  22  THR THR A . n 
A 1 18  LEU 18  23  23  LEU LEU A . n 
A 1 19  LYS 19  24  24  LYS LYS A . n 
A 1 20  VAL 20  25  25  VAL VAL A . n 
A 1 21  MET 21  26  26  MET MET A . n 
A 1 22  TYR 22  27  27  TYR TYR A . n 
A 1 23  LYS 23  28  28  LYS LYS A . n 
A 1 24  GLY 24  29  29  GLY GLY A . n 
A 1 25  GLN 25  30  30  GLN GLN A . n 
A 1 26  PRO 26  31  31  PRO PRO A . n 
A 1 27  MET 27  32  32  MET MET A . n 
A 1 28  THR 28  33  33  THR THR A . n 
A 1 29  PHE 29  34  34  PHE PHE A . n 
A 1 30  ARG 30  35  35  ARG ARG A . n 
A 1 31  LEU 31  36  36  LEU LEU A . n 
A 1 32  LEU 32  37  37  LEU LEU A . n 
A 1 33  LEU 33  38  38  LEU LEU A . n 
A 1 34  VAL 34  39  39  VAL VAL A . n 
A 1 35  ASP 35  40  40  ASP ASP A . n 
A 1 36  THR 36  41  41  THR THR A . n 
A 1 37  PRO 37  42  42  PRO PRO A . n 
A 1 38  GLU 38  43  43  GLU GLU A . n 
A 1 39  THR 39  44  44  THR THR A . n 
A 1 40  LYS 40  45  45  LYS LYS A . n 
A 1 41  HIS 41  46  46  HIS HIS A . n 
A 1 42  PRO 42  47  47  PRO PRO A . n 
A 1 43  LYS 43  48  48  LYS LYS A . n 
A 1 44  LYS 44  49  49  LYS LYS A . n 
A 1 45  GLY 45  50  50  GLY GLY A . n 
A 1 46  VAL 46  51  51  VAL VAL A . n 
A 1 47  GLU 47  52  52  GLU GLU A . n 
A 1 48  LYS 48  53  53  LYS LYS A . n 
A 1 49  TYR 49  54  54  TYR TYR A . n 
A 1 50  GLY 50  55  55  GLY GLY A . n 
A 1 51  PRO 51  56  56  PRO PRO A . n 
A 1 52  GLU 52  57  57  GLU GLU A . n 
A 1 53  ALA 53  58  58  ALA ALA A . n 
A 1 54  SER 54  59  59  SER SER A . n 
A 1 55  ALA 55  60  60  ALA ALA A . n 
A 1 56  PHE 56  61  61  PHE PHE A . n 
A 1 57  THR 57  62  62  THR THR A . n 
A 1 58  LYS 58  63  63  LYS LYS A . n 
A 1 59  LYS 59  64  64  LYS LYS A . n 
A 1 60  MET 60  65  65  MET MET A . n 
A 1 61  LEU 61  66  66  LEU LEU A . n 
A 1 62  GLU 62  67  67  GLU GLU A . n 
A 1 63  ASN 63  68  68  ASN ASN A . n 
A 1 64  ALA 64  69  69  ALA ALA A . n 
A 1 65  LYS 65  70  70  LYS LYS A . n 
A 1 66  LYS 66  71  71  LYS LYS A . n 
A 1 67  ILE 67  72  72  ILE ILE A . n 
A 1 68  GLU 68  73  73  GLU GLU A . n 
A 1 69  VAL 69  74  74  VAL VAL A . n 
A 1 70  GLU 70  75  75  GLU GLU A . n 
A 1 71  PHE 71  76  76  PHE PHE A . n 
A 1 72  ASP 72  77  77  ASP ASP A . n 
A 1 73  LYS 73  78  78  LYS LYS A . n 
A 1 74  GLY 74  79  79  GLY GLY A . n 
A 1 75  GLN 75  80  80  GLN GLN A . n 
A 1 76  ARG 76  81  81  ARG ARG A . n 
A 1 77  THR 77  82  82  THR THR A . n 
A 1 78  ASP 78  83  83  ASP ASP A . n 
A 1 79  LYS 79  84  84  LYS LYS A . n 
A 1 80  TYR 80  85  85  TYR TYR A . n 
A 1 81  GLY 81  86  86  GLY GLY A . n 
A 1 82  ARG 82  87  87  ARG ARG A . n 
A 1 83  GLY 83  88  88  GLY GLY A . n 
A 1 84  LEU 84  89  89  LEU LEU A . n 
A 1 85  ALA 85  90  90  ALA ALA A . n 
A 1 86  TYR 86  91  91  TYR TYR A . n 
A 1 87  ILE 87  92  92  ILE ILE A . n 
A 1 88  TYR 88  93  93  TYR TYR A . n 
A 1 89  ALA 89  94  94  ALA ALA A . n 
A 1 90  ASP 90  95  95  ASP ASP A . n 
A 1 91  GLY 91  96  96  GLY GLY A . n 
A 1 92  LYS 92  97  97  LYS LYS A . n 
A 1 93  MET 93  98  98  MET MET A . n 
A 1 94  VAL 94  99  99  VAL VAL A . n 
A 1 95  ASN 95  100 100 ASN ASN A . n 
A 1 96  GLU 96  101 101 GLU GLU A . n 
A 1 97  ALA 97  102 102 ALA ALA A . n 
A 1 98  LEU 98  103 103 LEU LEU A . n 
A 1 99  VAL 99  104 104 VAL VAL A . n 
A 1 100 ARG 100 105 105 ARG ARG A . n 
A 1 101 GLN 101 106 106 GLN GLN A . n 
A 1 102 GLY 102 107 107 GLY GLY A . n 
A 1 103 LEU 103 108 108 LEU LEU A . n 
A 1 104 ALA 104 109 109 ALA ALA A . n 
A 1 105 LYS 105 110 110 LYS LYS A . n 
A 1 106 VAL 106 111 111 VAL VAL A . n 
A 1 107 ALA 107 112 112 ALA ALA A . n 
A 1 108 TYR 108 113 113 TYR TYR A . n 
A 1 109 VAL 109 114 114 VAL VAL A . n 
A 1 110 TYR 110 115 115 TYR TYR A . n 
A 1 111 LYS 111 116 116 LYS LYS A . n 
A 1 112 PRO 112 117 117 PRO PRO A . n 
A 1 113 ASN 113 118 118 ASN ASN A . n 
A 1 114 ASN 114 119 119 ASN ASN A . n 
A 1 115 THR 115 120 120 THR THR A . n 
A 1 116 HIS 116 121 121 HIS HIS A . n 
A 1 117 GLU 117 122 122 GLU GLU A . n 
A 1 118 GLN 118 123 123 GLN GLN A . n 
A 1 119 HIS 119 124 124 HIS HIS A . n 
A 1 120 LEU 120 125 125 LEU LEU A . n 
A 1 121 ARG 121 126 126 ARG ARG A . n 
A 1 122 LYS 122 127 127 LYS LYS A . n 
A 1 123 SER 123 128 128 SER SER A . n 
A 1 124 GLU 124 129 129 GLU GLU A . n 
A 1 125 ALA 125 130 130 ALA ALA A . n 
A 1 126 GLN 126 131 131 GLN GLN A . n 
A 1 127 ALA 127 132 132 ALA ALA A . n 
A 1 128 LYS 128 133 133 LYS LYS A . n 
A 1 129 LYS 129 134 134 LYS LYS A . n 
A 1 130 GLU 130 135 135 GLU GLU A . n 
A 1 131 LYS 131 136 136 LYS LYS A . n 
A 1 132 LEU 132 137 137 LEU LEU A . n 
A 1 133 ASN 133 138 138 ASN ASN A . n 
A 1 134 ILE 134 139 139 ILE ILE A . n 
A 1 135 TRP 135 140 140 TRP TRP A . n 
A 1 136 SER 136 141 141 SER SER A . n 
# 
loop_
_pdbx_nonpoly_scheme.asym_id 
_pdbx_nonpoly_scheme.entity_id 
_pdbx_nonpoly_scheme.mon_id 
_pdbx_nonpoly_scheme.ndb_seq_num 
_pdbx_nonpoly_scheme.pdb_seq_num 
_pdbx_nonpoly_scheme.auth_seq_num 
_pdbx_nonpoly_scheme.pdb_mon_id 
_pdbx_nonpoly_scheme.auth_mon_id 
_pdbx_nonpoly_scheme.pdb_strand_id 
_pdbx_nonpoly_scheme.pdb_ins_code 
B 2 HOH 1   201 1   HOH HOH A . 
B 2 HOH 2   202 2   HOH HOH A . 
B 2 HOH 3   203 3   HOH HOH A . 
B 2 HOH 4   204 4   HOH HOH A . 
B 2 HOH 5   205 5   HOH HOH A . 
B 2 HOH 6   206 6   HOH HOH A . 
B 2 HOH 7   207 7   HOH HOH A . 
B 2 HOH 8   208 8   HOH HOH A . 
B 2 HOH 9   209 9   HOH HOH A . 
B 2 HOH 10  210 10  HOH HOH A . 
B 2 HOH 11  211 11  HOH HOH A . 
B 2 HOH 12  212 12  HOH HOH A . 
B 2 HOH 13  213 13  HOH HOH A . 
B 2 HOH 14  214 14  HOH HOH A . 
B 2 HOH 15  215 15  HOH HOH A . 
B 2 HOH 16  216 16  HOH HOH A . 
B 2 HOH 17  217 17  HOH HOH A . 
B 2 HOH 18  218 18  HOH HOH A . 
B 2 HOH 19  219 19  HOH HOH A . 
B 2 HOH 20  220 20  HOH HOH A . 
B 2 HOH 21  221 21  HOH HOH A . 
B 2 HOH 22  222 22  HOH HOH A . 
B 2 HOH 23  223 23  HOH HOH A . 
B 2 HOH 24  224 24  HOH HOH A . 
B 2 HOH 25  225 25  HOH HOH A . 
B 2 HOH 26  226 26  HOH HOH A . 
B 2 HOH 27  227 27  HOH HOH A . 
B 2 HOH 28  228 28  HOH HOH A . 
B 2 HOH 29  229 30  HOH HOH A . 
B 2 HOH 30  230 31  HOH HOH A . 
B 2 HOH 31  231 32  HOH HOH A . 
B 2 HOH 32  232 33  HOH HOH A . 
B 2 HOH 33  233 34  HOH HOH A . 
B 2 HOH 34  234 35  HOH HOH A . 
B 2 HOH 35  235 36  HOH HOH A . 
B 2 HOH 36  236 37  HOH HOH A . 
B 2 HOH 37  237 38  HOH HOH A . 
B 2 HOH 38  238 39  HOH HOH A . 
B 2 HOH 39  239 40  HOH HOH A . 
B 2 HOH 40  240 41  HOH HOH A . 
B 2 HOH 41  241 42  HOH HOH A . 
B 2 HOH 42  242 43  HOH HOH A . 
B 2 HOH 43  243 44  HOH HOH A . 
B 2 HOH 44  244 45  HOH HOH A . 
B 2 HOH 45  245 46  HOH HOH A . 
B 2 HOH 46  246 48  HOH HOH A . 
B 2 HOH 47  247 49  HOH HOH A . 
B 2 HOH 48  248 51  HOH HOH A . 
B 2 HOH 49  249 53  HOH HOH A . 
B 2 HOH 50  250 54  HOH HOH A . 
B 2 HOH 51  251 55  HOH HOH A . 
B 2 HOH 52  252 56  HOH HOH A . 
B 2 HOH 53  253 57  HOH HOH A . 
B 2 HOH 54  254 58  HOH HOH A . 
B 2 HOH 55  255 59  HOH HOH A . 
B 2 HOH 56  256 60  HOH HOH A . 
B 2 HOH 57  257 61  HOH HOH A . 
B 2 HOH 58  258 64  HOH HOH A . 
B 2 HOH 59  259 65  HOH HOH A . 
B 2 HOH 60  260 66  HOH HOH A . 
B 2 HOH 61  261 68  HOH HOH A . 
B 2 HOH 62  262 69  HOH HOH A . 
B 2 HOH 63  263 70  HOH HOH A . 
B 2 HOH 64  264 71  HOH HOH A . 
B 2 HOH 65  265 72  HOH HOH A . 
B 2 HOH 66  266 73  HOH HOH A . 
B 2 HOH 67  267 74  HOH HOH A . 
B 2 HOH 68  268 75  HOH HOH A . 
B 2 HOH 69  269 76  HOH HOH A . 
B 2 HOH 70  270 77  HOH HOH A . 
B 2 HOH 71  271 78  HOH HOH A . 
B 2 HOH 72  272 80  HOH HOH A . 
B 2 HOH 73  273 82  HOH HOH A . 
B 2 HOH 74  274 83  HOH HOH A . 
B 2 HOH 75  275 84  HOH HOH A . 
B 2 HOH 76  276 85  HOH HOH A . 
B 2 HOH 77  277 86  HOH HOH A . 
B 2 HOH 78  278 87  HOH HOH A . 
B 2 HOH 79  279 90  HOH HOH A . 
B 2 HOH 80  280 91  HOH HOH A . 
B 2 HOH 81  281 92  HOH HOH A . 
B 2 HOH 82  282 93  HOH HOH A . 
B 2 HOH 83  283 94  HOH HOH A . 
B 2 HOH 84  284 95  HOH HOH A . 
B 2 HOH 85  285 96  HOH HOH A . 
B 2 HOH 86  286 97  HOH HOH A . 
B 2 HOH 87  287 98  HOH HOH A . 
B 2 HOH 88  288 101 HOH HOH A . 
B 2 HOH 89  289 102 HOH HOH A . 
B 2 HOH 90  290 103 HOH HOH A . 
B 2 HOH 91  291 104 HOH HOH A . 
B 2 HOH 92  292 105 HOH HOH A . 
B 2 HOH 93  293 106 HOH HOH A . 
B 2 HOH 94  294 107 HOH HOH A . 
B 2 HOH 95  295 109 HOH HOH A . 
B 2 HOH 96  296 112 HOH HOH A . 
B 2 HOH 97  297 113 HOH HOH A . 
B 2 HOH 98  298 117 HOH HOH A . 
B 2 HOH 99  299 120 HOH HOH A . 
B 2 HOH 100 300 121 HOH HOH A . 
B 2 HOH 101 301 122 HOH HOH A . 
B 2 HOH 102 302 123 HOH HOH A . 
B 2 HOH 103 303 124 HOH HOH A . 
B 2 HOH 104 304 125 HOH HOH A . 
B 2 HOH 105 305 126 HOH HOH A . 
B 2 HOH 106 306 127 HOH HOH A . 
B 2 HOH 107 307 129 HOH HOH A . 
B 2 HOH 108 308 130 HOH HOH A . 
B 2 HOH 109 309 131 HOH HOH A . 
B 2 HOH 110 310 133 HOH HOH A . 
B 2 HOH 111 311 134 HOH HOH A . 
B 2 HOH 112 312 136 HOH HOH A . 
B 2 HOH 113 313 137 HOH HOH A . 
B 2 HOH 114 314 138 HOH HOH A . 
B 2 HOH 115 315 141 HOH HOH A . 
B 2 HOH 116 316 142 HOH HOH A . 
B 2 HOH 117 317 143 HOH HOH A . 
B 2 HOH 118 318 144 HOH HOH A . 
B 2 HOH 119 319 146 HOH HOH A . 
B 2 HOH 120 320 147 HOH HOH A . 
B 2 HOH 121 321 153 HOH HOH A . 
B 2 HOH 122 322 154 HOH HOH A . 
B 2 HOH 123 323 155 HOH HOH A . 
B 2 HOH 124 324 160 HOH HOH A . 
B 2 HOH 125 325 161 HOH HOH A . 
B 2 HOH 126 326 167 HOH HOH A . 
B 2 HOH 127 327 168 HOH HOH A . 
B 2 HOH 128 328 169 HOH HOH A . 
B 2 HOH 129 329 170 HOH HOH A . 
B 2 HOH 130 330 172 HOH HOH A . 
B 2 HOH 131 331 174 HOH HOH A . 
B 2 HOH 132 332 178 HOH HOH A . 
B 2 HOH 133 333 179 HOH HOH A . 
B 2 HOH 134 334 183 HOH HOH A . 
B 2 HOH 135 335 185 HOH HOH A . 
B 2 HOH 136 336 186 HOH HOH A . 
B 2 HOH 137 337 187 HOH HOH A . 
B 2 HOH 138 338 190 HOH HOH A . 
B 2 HOH 139 339 194 HOH HOH A . 
B 2 HOH 140 340 198 HOH HOH A . 
# 
loop_
_software.name 
_software.classification 
_software.version 
_software.citation_id 
_software.pdbx_ordinal 
CrystalClear 'data collection' .        ? 1 
CCP4         'model building'  .        ? 2 
REFMAC       refinement        5.5.0109 ? 3 
d*TREK       'data reduction'  .        ? 4 
d*TREK       'data scaling'    .        ? 5 
CCP4         phasing           .        ? 6 
# 
_cell.entry_id           4QB4 
_cell.length_a           47.930 
_cell.length_b           47.930 
_cell.length_c           63.680 
_cell.angle_alpha        90.00 
_cell.angle_beta         90.00 
_cell.angle_gamma        90.00 
_cell.Z_PDB              4 
_cell.pdbx_unique_axis   ? 
_cell.length_a_esd       ? 
_cell.length_b_esd       ? 
_cell.length_c_esd       ? 
_cell.angle_alpha_esd    ? 
_cell.angle_beta_esd     ? 
_cell.angle_gamma_esd    ? 
# 
_symmetry.entry_id                         4QB4 
_symmetry.space_group_name_H-M             'P 41' 
_symmetry.pdbx_full_space_group_name_H-M   ? 
_symmetry.cell_setting                     ? 
_symmetry.Int_Tables_number                76 
_symmetry.space_group_name_Hall            ? 
# 
_exptl.entry_id          4QB4 
_exptl.method            'X-RAY DIFFRACTION' 
_exptl.crystals_number   1 
# 
_exptl_crystal.id                    1 
_exptl_crystal.density_meas          ? 
_exptl_crystal.density_Matthews      2.35 
_exptl_crystal.density_percent_sol   47.70 
_exptl_crystal.description           ? 
_exptl_crystal.F_000                 ? 
_exptl_crystal.preparation           ? 
# 
_exptl_crystal_grow.crystal_id      1 
_exptl_crystal_grow.method          'VAPOR DIFFUSION, HANGING DROP' 
_exptl_crystal_grow.temp            277.0 
_exptl_crystal_grow.temp_details    ? 
_exptl_crystal_grow.pH              7.0 
_exptl_crystal_grow.pdbx_details    
'0.6 M Ammonium sulfate, MPD 50-60%, pH 7.0, VAPOR DIFFUSION, HANGING DROP, temperature 277K, temperature 277.0K' 
_exptl_crystal_grow.pdbx_pH_range   ? 
# 
_diffrn.id                     1 
_diffrn.ambient_temp           293 
_diffrn.ambient_temp_details   ? 
_diffrn.crystal_id             1 
# 
_diffrn_detector.diffrn_id              1 
_diffrn_detector.detector               CCD 
_diffrn_detector.type                   'RIGAKU SATURN 92' 
_diffrn_detector.pdbx_collection_date   2011-04-19 
_diffrn_detector.details                mirrors 
# 
_diffrn_radiation.diffrn_id                        1 
_diffrn_radiation.wavelength_id                    1 
_diffrn_radiation.pdbx_monochromatic_or_laue_m_l   M 
_diffrn_radiation.monochromator                    'VariMax HF optics' 
_diffrn_radiation.pdbx_diffrn_protocol             'SINGLE WAVELENGTH' 
_diffrn_radiation.pdbx_scattering_type             x-ray 
# 
_diffrn_radiation_wavelength.id           1 
_diffrn_radiation_wavelength.wavelength   1.5418 
_diffrn_radiation_wavelength.wt           1.0 
# 
_diffrn_source.diffrn_id                   1 
_diffrn_source.source                      'ROTATING ANODE' 
_diffrn_source.type                        RIGAKU 
_diffrn_source.pdbx_synchrotron_site       ? 
_diffrn_source.pdbx_synchrotron_beamline   ? 
_diffrn_source.pdbx_wavelength             ? 
_diffrn_source.pdbx_wavelength_list        1.5418 
# 
_reflns.entry_id                     4QB4 
_reflns.observed_criterion_sigma_I   3.0 
_reflns.observed_criterion_sigma_F   ? 
_reflns.d_resolution_low             19.409 
_reflns.d_resolution_high            1.6 
_reflns.number_obs                   15001 
_reflns.number_all                   29329 
_reflns.percent_possible_obs         79.1 
_reflns.pdbx_Rmerge_I_obs            0.04 
_reflns.pdbx_Rsym_value              ? 
_reflns.pdbx_netI_over_sigmaI        11.3 
_reflns.B_iso_Wilson_estimate        ? 
_reflns.pdbx_redundancy              1.96 
_reflns.R_free_details               ? 
_reflns.limit_h_max                  ? 
_reflns.limit_h_min                  ? 
_reflns.limit_k_max                  ? 
_reflns.limit_k_min                  ? 
_reflns.limit_l_max                  ? 
_reflns.limit_l_min                  ? 
_reflns.observed_criterion_F_max     ? 
_reflns.observed_criterion_F_min     ? 
_reflns.pdbx_chi_squared             ? 
_reflns.pdbx_scaling_rejects         ? 
_reflns.pdbx_ordinal                 1 
_reflns.pdbx_diffrn_id               1 
# 
_reflns_shell.d_res_high             1.60 
_reflns_shell.d_res_low              1.66 
_reflns_shell.percent_possible_all   11.8 
_reflns_shell.Rmerge_I_obs           ? 
_reflns_shell.pdbx_Rsym_value        ? 
_reflns_shell.meanI_over_sigI_obs    ? 
_reflns_shell.pdbx_redundancy        ? 
_reflns_shell.percent_possible_obs   ? 
_reflns_shell.number_unique_all      ? 
_reflns_shell.number_measured_all    ? 
_reflns_shell.number_measured_obs    ? 
_reflns_shell.number_unique_obs      ? 
_reflns_shell.pdbx_chi_squared       ? 
_reflns_shell.pdbx_ordinal           1 
_reflns_shell.pdbx_diffrn_id         1 
# 
_refine.entry_id                                 4QB4 
_refine.ls_number_reflns_obs                     14211 
_refine.ls_number_reflns_all                     29329 
_refine.pdbx_ls_sigma_I                          ? 
_refine.pdbx_ls_sigma_F                          . 
_refine.pdbx_data_cutoff_high_absF               ? 
_refine.pdbx_data_cutoff_low_absF                ? 
_refine.pdbx_data_cutoff_high_rms_absF           ? 
_refine.ls_d_res_low                             19.409 
_refine.ls_d_res_high                            1.60 
_refine.ls_percent_reflns_obs                    79.09 
_refine.ls_R_factor_obs                          0.18283 
_refine.ls_R_factor_all                          ? 
_refine.ls_R_factor_R_work                       0.17991 
_refine.ls_R_factor_R_free                       0.23631 
_refine.ls_R_factor_R_free_error                 ? 
_refine.ls_R_factor_R_free_error_details         ? 
_refine.ls_percent_reflns_R_free                 5.3 
_refine.ls_number_reflns_R_free                  790 
_refine.ls_number_parameters                     ? 
_refine.ls_number_restraints                     ? 
_refine.occupancy_min                            ? 
_refine.occupancy_max                            ? 
_refine.correlation_coeff_Fo_to_Fc               0.975 
_refine.correlation_coeff_Fo_to_Fc_free          0.958 
_refine.B_iso_mean                               36.833 
_refine.aniso_B[1][1]                            0.66 
_refine.aniso_B[2][2]                            0.66 
_refine.aniso_B[3][3]                            -1.33 
_refine.aniso_B[1][2]                            0.00 
_refine.aniso_B[1][3]                            0.00 
_refine.aniso_B[2][3]                            0.00 
_refine.solvent_model_details                    MASK 
_refine.solvent_model_param_ksol                 ? 
_refine.solvent_model_param_bsol                 ? 
_refine.pdbx_solvent_vdw_probe_radii             1.40 
_refine.pdbx_solvent_ion_probe_radii             0.80 
_refine.pdbx_solvent_shrinkage_radii             0.80 
_refine.pdbx_ls_cross_valid_method               THROUGHOUT 
_refine.details                                  'HYDROGENS HAVE BEEN ADDED IN THE RIDING POSITIONS' 
_refine.pdbx_starting_model                      ? 
_refine.pdbx_method_to_determine_struct          'MOLECULAR REPLACEMENT' 
_refine.pdbx_isotropic_thermal_model             ? 
_refine.pdbx_stereochemistry_target_values       'MAXIMUM LIKELIHOOD' 
_refine.pdbx_stereochem_target_val_spec_case     ? 
_refine.pdbx_R_Free_selection_details            RANDOM 
_refine.pdbx_overall_ESU_R                       0.117 
_refine.pdbx_overall_ESU_R_Free                  0.124 
_refine.overall_SU_ML                            0.087 
_refine.pdbx_overall_phase_error                 ? 
_refine.overall_SU_B                             2.701 
_refine.overall_SU_R_Cruickshank_DPI             ? 
_refine.ls_redundancy_reflns_obs                 ? 
_refine.B_iso_min                                ? 
_refine.B_iso_max                                ? 
_refine.overall_SU_R_free                        ? 
_refine.ls_wR_factor_R_free                      ? 
_refine.ls_wR_factor_R_work                      ? 
_refine.overall_FOM_free_R_set                   ? 
_refine.overall_FOM_work_R_set                   ? 
_refine.pdbx_diffrn_id                           1 
_refine.pdbx_refine_id                           'X-RAY DIFFRACTION' 
_refine.pdbx_TLS_residual_ADP_flag               ? 
_refine.pdbx_overall_SU_R_free_Cruickshank_DPI   ? 
_refine.pdbx_overall_SU_R_Blow_DPI               ? 
_refine.pdbx_overall_SU_R_free_Blow_DPI          ? 
# 
_refine_hist.pdbx_refine_id                   'X-RAY DIFFRACTION' 
_refine_hist.cycle_id                         LAST 
_refine_hist.pdbx_number_atoms_protein        1092 
_refine_hist.pdbx_number_atoms_nucleic_acid   0 
_refine_hist.pdbx_number_atoms_ligand         0 
_refine_hist.number_atoms_solvent             140 
_refine_hist.number_atoms_total               1232 
_refine_hist.d_res_high                       1.60 
_refine_hist.d_res_low                        19.409 
# 
loop_
_refine_ls_restr.type 
_refine_ls_restr.dev_ideal 
_refine_ls_restr.dev_ideal_target 
_refine_ls_restr.weight 
_refine_ls_restr.number 
_refine_ls_restr.pdbx_restraint_function 
_refine_ls_restr.pdbx_refine_id 
r_bond_refined_d       0.026  0.022  ? 1134 ? 'X-RAY DIFFRACTION' 
r_angle_refined_deg    2.317  1.982  ? 1517 ? 'X-RAY DIFFRACTION' 
r_dihedral_angle_1_deg 6.454  5.000  ? 135  ? 'X-RAY DIFFRACTION' 
r_dihedral_angle_2_deg 37.347 24.490 ? 49   ? 'X-RAY DIFFRACTION' 
r_dihedral_angle_3_deg 19.068 15.000 ? 239  ? 'X-RAY DIFFRACTION' 
r_dihedral_angle_4_deg 9.495  15.000 ? 6    ? 'X-RAY DIFFRACTION' 
r_chiral_restr         0.162  0.200  ? 163  ? 'X-RAY DIFFRACTION' 
r_gen_planes_refined   0.010  0.021  ? 817  ? 'X-RAY DIFFRACTION' 
r_mcbond_it            1.428  1.500  ? 676  ? 'X-RAY DIFFRACTION' 
r_mcangle_it           2.708  2.000  ? 1092 ? 'X-RAY DIFFRACTION' 
r_scbond_it            4.511  3.000  ? 458  ? 'X-RAY DIFFRACTION' 
r_scangle_it           7.459  4.500  ? 425  ? 'X-RAY DIFFRACTION' 
# 
_refine_ls_shell.pdbx_total_number_of_bins_used   20 
_refine_ls_shell.d_res_high                       1.602 
_refine_ls_shell.d_res_low                        1.643 
_refine_ls_shell.number_reflns_R_work             112 
_refine_ls_shell.R_factor_R_work                  0.498 
_refine_ls_shell.percent_reflns_obs               8.52 
_refine_ls_shell.R_factor_R_free                  0.415 
_refine_ls_shell.R_factor_R_free_error            ? 
_refine_ls_shell.percent_reflns_R_free            ? 
_refine_ls_shell.number_reflns_R_free             4 
_refine_ls_shell.number_reflns_all                ? 
_refine_ls_shell.R_factor_all                     ? 
_refine_ls_shell.number_reflns_obs                ? 
_refine_ls_shell.redundancy_reflns_obs            ? 
_refine_ls_shell.pdbx_refine_id                   'X-RAY DIFFRACTION' 
# 
_struct.entry_id                  4QB4 
_struct.title                     'Crystal Structure of Staphylococcal Nuclease mutant V23L/L25V/V66L' 
_struct.pdbx_model_details        ? 
_struct.pdbx_CASP_flag            ? 
_struct.pdbx_model_type_details   ? 
# 
_struct_keywords.entry_id        4QB4 
_struct_keywords.pdbx_keywords   HYDROLASE 
_struct_keywords.text            Hydrolase 
# 
loop_
_struct_asym.id 
_struct_asym.pdbx_blank_PDB_chainid_flag 
_struct_asym.pdbx_modified 
_struct_asym.entity_id 
_struct_asym.details 
A N N 1 ? 
B N N 2 ? 
# 
_struct_ref.id                         1 
_struct_ref.db_name                    UNP 
_struct_ref.db_code                    NUC_STAAU 
_struct_ref.pdbx_db_accession          P00644 
_struct_ref.entity_id                  1 
_struct_ref.pdbx_seq_one_letter_code   
;KLHKEPATLIKAIDGDTVKLMYKGQPMTFRLLLVDTPETKHPKKGVEKYGPEASAFTKKMVENAKKIEVEFDKGQRTDKY
GRGLAYIYADGKMVNEALVRQGLAKVAYVYKPNNTHEQHLRKSEAQAKKEKLNIWS
;
_struct_ref.pdbx_align_begin           88 
_struct_ref.pdbx_db_isoform            ? 
# 
_struct_ref_seq.align_id                      1 
_struct_ref_seq.ref_id                        1 
_struct_ref_seq.pdbx_PDB_id_code              4QB4 
_struct_ref_seq.pdbx_strand_id                A 
_struct_ref_seq.seq_align_beg                 1 
_struct_ref_seq.pdbx_seq_align_beg_ins_code   ? 
_struct_ref_seq.seq_align_end                 136 
_struct_ref_seq.pdbx_seq_align_end_ins_code   ? 
_struct_ref_seq.pdbx_db_accession             P00644 
_struct_ref_seq.db_align_beg                  88 
_struct_ref_seq.pdbx_db_align_beg_ins_code    ? 
_struct_ref_seq.db_align_end                  223 
_struct_ref_seq.pdbx_db_align_end_ins_code    ? 
_struct_ref_seq.pdbx_auth_seq_align_beg       6 
_struct_ref_seq.pdbx_auth_seq_align_end       141 
# 
loop_
_struct_ref_seq_dif.align_id 
_struct_ref_seq_dif.pdbx_pdb_id_code 
_struct_ref_seq_dif.mon_id 
_struct_ref_seq_dif.pdbx_pdb_strand_id 
_struct_ref_seq_dif.seq_num 
_struct_ref_seq_dif.pdbx_pdb_ins_code 
_struct_ref_seq_dif.pdbx_seq_db_name 
_struct_ref_seq_dif.pdbx_seq_db_accession_code 
_struct_ref_seq_dif.db_mon_id 
_struct_ref_seq_dif.pdbx_seq_db_seq_num 
_struct_ref_seq_dif.details 
_struct_ref_seq_dif.pdbx_auth_seq_num 
_struct_ref_seq_dif.pdbx_ordinal 
1 4QB4 LEU A 18 ? UNP P00644 VAL 105 'engineered mutation' 23 1 
1 4QB4 VAL A 20 ? UNP P00644 LEU 107 'engineered mutation' 25 2 
1 4QB4 LEU A 61 ? UNP P00644 VAL 148 'engineered mutation' 66 3 
# 
_pdbx_struct_assembly.id                   1 
_pdbx_struct_assembly.details              author_and_software_defined_assembly 
_pdbx_struct_assembly.method_details       PISA 
_pdbx_struct_assembly.oligomeric_details   monomeric 
_pdbx_struct_assembly.oligomeric_count     1 
# 
_pdbx_struct_assembly_gen.assembly_id       1 
_pdbx_struct_assembly_gen.oper_expression   1 
_pdbx_struct_assembly_gen.asym_id_list      A,B 
# 
_pdbx_struct_oper_list.id                   1 
_pdbx_struct_oper_list.type                 'identity operation' 
_pdbx_struct_oper_list.name                 1_555 
_pdbx_struct_oper_list.symmetry_operation   x,y,z 
_pdbx_struct_oper_list.matrix[1][1]         1.0000000000 
_pdbx_struct_oper_list.matrix[1][2]         0.0000000000 
_pdbx_struct_oper_list.matrix[1][3]         0.0000000000 
_pdbx_struct_oper_list.vector[1]            0.0000000000 
_pdbx_struct_oper_list.matrix[2][1]         0.0000000000 
_pdbx_struct_oper_list.matrix[2][2]         1.0000000000 
_pdbx_struct_oper_list.matrix[2][3]         0.0000000000 
_pdbx_struct_oper_list.vector[2]            0.0000000000 
_pdbx_struct_oper_list.matrix[3][1]         0.0000000000 
_pdbx_struct_oper_list.matrix[3][2]         0.0000000000 
_pdbx_struct_oper_list.matrix[3][3]         1.0000000000 
_pdbx_struct_oper_list.vector[3]            0.0000000000 
# 
_struct_biol.id        1 
_struct_biol.details   ? 
# 
loop_
_struct_conf.conf_type_id 
_struct_conf.id 
_struct_conf.pdbx_PDB_helix_id 
_struct_conf.beg_label_comp_id 
_struct_conf.beg_label_asym_id 
_struct_conf.beg_label_seq_id 
_struct_conf.pdbx_beg_PDB_ins_code 
_struct_conf.end_label_comp_id 
_struct_conf.end_label_asym_id 
_struct_conf.end_label_seq_id 
_struct_conf.pdbx_end_PDB_ins_code 
_struct_conf.beg_auth_comp_id 
_struct_conf.beg_auth_asym_id 
_struct_conf.beg_auth_seq_id 
_struct_conf.end_auth_comp_id 
_struct_conf.end_auth_asym_id 
_struct_conf.end_auth_seq_id 
_struct_conf.pdbx_PDB_helix_class 
_struct_conf.details 
_struct_conf.pdbx_PDB_helix_length 
HELX_P HELX_P1 1 TYR A 49  ? ASN A 63  ? TYR A 54  ASN A 68  1 ? 15 
HELX_P HELX_P2 2 VAL A 94  ? GLN A 101 ? VAL A 99  GLN A 106 1 ? 8  
HELX_P HELX_P3 3 HIS A 116 ? GLU A 130 ? HIS A 121 GLU A 135 1 ? 15 
HELX_P HELX_P4 4 LEU A 132 ? SER A 136 ? LEU A 137 SER A 141 5 ? 5  
# 
_struct_conf_type.id          HELX_P 
_struct_conf_type.criteria    ? 
_struct_conf_type.reference   ? 
# 
_struct_mon_prot_cis.pdbx_id                1 
_struct_mon_prot_cis.label_comp_id          LYS 
_struct_mon_prot_cis.label_seq_id           111 
_struct_mon_prot_cis.label_asym_id          A 
_struct_mon_prot_cis.label_alt_id           . 
_struct_mon_prot_cis.pdbx_PDB_ins_code      ? 
_struct_mon_prot_cis.auth_comp_id           LYS 
_struct_mon_prot_cis.auth_seq_id            116 
_struct_mon_prot_cis.auth_asym_id           A 
_struct_mon_prot_cis.pdbx_label_comp_id_2   PRO 
_struct_mon_prot_cis.pdbx_label_seq_id_2    112 
_struct_mon_prot_cis.pdbx_label_asym_id_2   A 
_struct_mon_prot_cis.pdbx_PDB_ins_code_2    ? 
_struct_mon_prot_cis.pdbx_auth_comp_id_2    PRO 
_struct_mon_prot_cis.pdbx_auth_seq_id_2     117 
_struct_mon_prot_cis.pdbx_auth_asym_id_2    A 
_struct_mon_prot_cis.pdbx_PDB_model_num     1 
_struct_mon_prot_cis.pdbx_omega_angle       3.44 
# 
loop_
_struct_sheet.id 
_struct_sheet.type 
_struct_sheet.number_strands 
_struct_sheet.details 
A ? 7 ? 
B ? 2 ? 
# 
loop_
_struct_sheet_order.sheet_id 
_struct_sheet_order.range_id_1 
_struct_sheet_order.range_id_2 
_struct_sheet_order.offset 
_struct_sheet_order.sense 
A 1 2 ? anti-parallel 
A 2 3 ? anti-parallel 
A 3 4 ? anti-parallel 
A 4 5 ? anti-parallel 
A 5 6 ? anti-parallel 
A 6 7 ? parallel      
B 1 2 ? anti-parallel 
# 
loop_
_struct_sheet_range.sheet_id 
_struct_sheet_range.id 
_struct_sheet_range.beg_label_comp_id 
_struct_sheet_range.beg_label_asym_id 
_struct_sheet_range.beg_label_seq_id 
_struct_sheet_range.pdbx_beg_PDB_ins_code 
_struct_sheet_range.end_label_comp_id 
_struct_sheet_range.end_label_asym_id 
_struct_sheet_range.end_label_seq_id 
_struct_sheet_range.pdbx_end_PDB_ins_code 
_struct_sheet_range.beg_auth_comp_id 
_struct_sheet_range.beg_auth_asym_id 
_struct_sheet_range.beg_auth_seq_id 
_struct_sheet_range.end_auth_comp_id 
_struct_sheet_range.end_auth_asym_id 
_struct_sheet_range.end_auth_seq_id 
A 1 LYS A 92  ? MET A 93  ? LYS A 97  MET A 98  
A 2 GLY A 83  ? ALA A 89  ? GLY A 88  ALA A 94  
A 3 ILE A 67  ? PHE A 71  ? ILE A 72  PHE A 76  
A 4 LYS A 4   ? ASP A 14  ? LYS A 9   ASP A 19  
A 5 THR A 17  ? TYR A 22  ? THR A 22  TYR A 27  
A 6 GLN A 25  ? LEU A 31  ? GLN A 30  LEU A 36  
A 7 GLY A 83  ? ALA A 89  ? GLY A 88  ALA A 94  
B 1 VAL A 34  ? ASP A 35  ? VAL A 39  ASP A 40  
B 2 LYS A 105 ? VAL A 106 ? LYS A 110 VAL A 111 
# 
loop_
_pdbx_struct_sheet_hbond.sheet_id 
_pdbx_struct_sheet_hbond.range_id_1 
_pdbx_struct_sheet_hbond.range_id_2 
_pdbx_struct_sheet_hbond.range_1_label_atom_id 
_pdbx_struct_sheet_hbond.range_1_label_comp_id 
_pdbx_struct_sheet_hbond.range_1_label_asym_id 
_pdbx_struct_sheet_hbond.range_1_label_seq_id 
_pdbx_struct_sheet_hbond.range_1_PDB_ins_code 
_pdbx_struct_sheet_hbond.range_1_auth_atom_id 
_pdbx_struct_sheet_hbond.range_1_auth_comp_id 
_pdbx_struct_sheet_hbond.range_1_auth_asym_id 
_pdbx_struct_sheet_hbond.range_1_auth_seq_id 
_pdbx_struct_sheet_hbond.range_2_label_atom_id 
_pdbx_struct_sheet_hbond.range_2_label_comp_id 
_pdbx_struct_sheet_hbond.range_2_label_asym_id 
_pdbx_struct_sheet_hbond.range_2_label_seq_id 
_pdbx_struct_sheet_hbond.range_2_PDB_ins_code 
_pdbx_struct_sheet_hbond.range_2_auth_atom_id 
_pdbx_struct_sheet_hbond.range_2_auth_comp_id 
_pdbx_struct_sheet_hbond.range_2_auth_asym_id 
_pdbx_struct_sheet_hbond.range_2_auth_seq_id 
A 1 2 O LYS A 92 ? O LYS A 97 N ALA A 89  ? N ALA A 94  
A 2 3 O TYR A 88 ? O TYR A 93 N GLU A 68  ? N GLU A 73  
A 3 4 O VAL A 69 ? O VAL A 74 N GLU A 5   ? N GLU A 10  
A 4 5 N LYS A 11 ? N LYS A 16 O LYS A 19  ? O LYS A 24  
A 5 6 N LEU A 18 ? N LEU A 23 O PHE A 29  ? O PHE A 34  
A 6 7 N ARG A 30 ? N ARG A 35 O GLY A 83  ? O GLY A 88  
B 1 2 N ASP A 35 ? N ASP A 40 O LYS A 105 ? O LYS A 110 
# 
_pdbx_validate_rmsd_bond.id                        1 
_pdbx_validate_rmsd_bond.PDB_model_num             1 
_pdbx_validate_rmsd_bond.auth_atom_id_1            CB 
_pdbx_validate_rmsd_bond.auth_asym_id_1            A 
_pdbx_validate_rmsd_bond.auth_comp_id_1            VAL 
_pdbx_validate_rmsd_bond.auth_seq_id_1             74 
_pdbx_validate_rmsd_bond.PDB_ins_code_1            ? 
_pdbx_validate_rmsd_bond.label_alt_id_1            ? 
_pdbx_validate_rmsd_bond.auth_atom_id_2            CG2 
_pdbx_validate_rmsd_bond.auth_asym_id_2            A 
_pdbx_validate_rmsd_bond.auth_comp_id_2            VAL 
_pdbx_validate_rmsd_bond.auth_seq_id_2             74 
_pdbx_validate_rmsd_bond.PDB_ins_code_2            ? 
_pdbx_validate_rmsd_bond.label_alt_id_2            ? 
_pdbx_validate_rmsd_bond.bond_value                1.358 
_pdbx_validate_rmsd_bond.bond_target_value         1.524 
_pdbx_validate_rmsd_bond.bond_deviation            -0.166 
_pdbx_validate_rmsd_bond.bond_standard_deviation   0.021 
_pdbx_validate_rmsd_bond.linker_flag               N 
# 
loop_
_pdbx_validate_rmsd_angle.id 
_pdbx_validate_rmsd_angle.PDB_model_num 
_pdbx_validate_rmsd_angle.auth_atom_id_1 
_pdbx_validate_rmsd_angle.auth_asym_id_1 
_pdbx_validate_rmsd_angle.auth_comp_id_1 
_pdbx_validate_rmsd_angle.auth_seq_id_1 
_pdbx_validate_rmsd_angle.PDB_ins_code_1 
_pdbx_validate_rmsd_angle.label_alt_id_1 
_pdbx_validate_rmsd_angle.auth_atom_id_2 
_pdbx_validate_rmsd_angle.auth_asym_id_2 
_pdbx_validate_rmsd_angle.auth_comp_id_2 
_pdbx_validate_rmsd_angle.auth_seq_id_2 
_pdbx_validate_rmsd_angle.PDB_ins_code_2 
_pdbx_validate_rmsd_angle.label_alt_id_2 
_pdbx_validate_rmsd_angle.auth_atom_id_3 
_pdbx_validate_rmsd_angle.auth_asym_id_3 
_pdbx_validate_rmsd_angle.auth_comp_id_3 
_pdbx_validate_rmsd_angle.auth_seq_id_3 
_pdbx_validate_rmsd_angle.PDB_ins_code_3 
_pdbx_validate_rmsd_angle.label_alt_id_3 
_pdbx_validate_rmsd_angle.angle_value 
_pdbx_validate_rmsd_angle.angle_target_value 
_pdbx_validate_rmsd_angle.angle_deviation 
_pdbx_validate_rmsd_angle.angle_standard_deviation 
_pdbx_validate_rmsd_angle.linker_flag 
1 1 CB A LEU 38 ? ? CG A LEU 38 ? ? CD2 A LEU 38 ? ? 121.79 111.00 10.79  1.70 N 
2 1 CA A LEU 66 ? ? CB A LEU 66 ? ? CG  A LEU 66 ? ? 94.62  115.30 -20.68 2.30 N 
3 1 CB A ASP 95 ? ? CG A ASP 95 ? ? OD2 A ASP 95 ? ? 112.56 118.30 -5.74  0.90 N 
# 
loop_
_pdbx_validate_torsion.id 
_pdbx_validate_torsion.PDB_model_num 
_pdbx_validate_torsion.auth_comp_id 
_pdbx_validate_torsion.auth_asym_id 
_pdbx_validate_torsion.auth_seq_id 
_pdbx_validate_torsion.PDB_ins_code 
_pdbx_validate_torsion.label_alt_id 
_pdbx_validate_torsion.phi 
_pdbx_validate_torsion.psi 
1 1 ILE A 15  ? ? -100.58 -60.72  
2 1 ASN A 119 ? ? -141.57 17.45   
3 1 ASN A 138 ? ? 51.41   -112.53 
# 
loop_
_chem_comp_atom.comp_id 
_chem_comp_atom.atom_id 
_chem_comp_atom.type_symbol 
_chem_comp_atom.pdbx_aromatic_flag 
_chem_comp_atom.pdbx_stereo_config 
_chem_comp_atom.pdbx_ordinal 
ALA N    N N N 1   
ALA CA   C N S 2   
ALA C    C N N 3   
ALA O    O N N 4   
ALA CB   C N N 5   
ALA OXT  O N N 6   
ALA H    H N N 7   
ALA H2   H N N 8   
ALA HA   H N N 9   
ALA HB1  H N N 10  
ALA HB2  H N N 11  
ALA HB3  H N N 12  
ALA HXT  H N N 13  
ARG N    N N N 14  
ARG CA   C N S 15  
ARG C    C N N 16  
ARG O    O N N 17  
ARG CB   C N N 18  
ARG CG   C N N 19  
ARG CD   C N N 20  
ARG NE   N N N 21  
ARG CZ   C N N 22  
ARG NH1  N N N 23  
ARG NH2  N N N 24  
ARG OXT  O N N 25  
ARG H    H N N 26  
ARG H2   H N N 27  
ARG HA   H N N 28  
ARG HB2  H N N 29  
ARG HB3  H N N 30  
ARG HG2  H N N 31  
ARG HG3  H N N 32  
ARG HD2  H N N 33  
ARG HD3  H N N 34  
ARG HE   H N N 35  
ARG HH11 H N N 36  
ARG HH12 H N N 37  
ARG HH21 H N N 38  
ARG HH22 H N N 39  
ARG HXT  H N N 40  
ASN N    N N N 41  
ASN CA   C N S 42  
ASN C    C N N 43  
ASN O    O N N 44  
ASN CB   C N N 45  
ASN CG   C N N 46  
ASN OD1  O N N 47  
ASN ND2  N N N 48  
ASN OXT  O N N 49  
ASN H    H N N 50  
ASN H2   H N N 51  
ASN HA   H N N 52  
ASN HB2  H N N 53  
ASN HB3  H N N 54  
ASN HD21 H N N 55  
ASN HD22 H N N 56  
ASN HXT  H N N 57  
ASP N    N N N 58  
ASP CA   C N S 59  
ASP C    C N N 60  
ASP O    O N N 61  
ASP CB   C N N 62  
ASP CG   C N N 63  
ASP OD1  O N N 64  
ASP OD2  O N N 65  
ASP OXT  O N N 66  
ASP H    H N N 67  
ASP H2   H N N 68  
ASP HA   H N N 69  
ASP HB2  H N N 70  
ASP HB3  H N N 71  
ASP HD2  H N N 72  
ASP HXT  H N N 73  
GLN N    N N N 74  
GLN CA   C N S 75  
GLN C    C N N 76  
GLN O    O N N 77  
GLN CB   C N N 78  
GLN CG   C N N 79  
GLN CD   C N N 80  
GLN OE1  O N N 81  
GLN NE2  N N N 82  
GLN OXT  O N N 83  
GLN H    H N N 84  
GLN H2   H N N 85  
GLN HA   H N N 86  
GLN HB2  H N N 87  
GLN HB3  H N N 88  
GLN HG2  H N N 89  
GLN HG3  H N N 90  
GLN HE21 H N N 91  
GLN HE22 H N N 92  
GLN HXT  H N N 93  
GLU N    N N N 94  
GLU CA   C N S 95  
GLU C    C N N 96  
GLU O    O N N 97  
GLU CB   C N N 98  
GLU CG   C N N 99  
GLU CD   C N N 100 
GLU OE1  O N N 101 
GLU OE2  O N N 102 
GLU OXT  O N N 103 
GLU H    H N N 104 
GLU H2   H N N 105 
GLU HA   H N N 106 
GLU HB2  H N N 107 
GLU HB3  H N N 108 
GLU HG2  H N N 109 
GLU HG3  H N N 110 
GLU HE2  H N N 111 
GLU HXT  H N N 112 
GLY N    N N N 113 
GLY CA   C N N 114 
GLY C    C N N 115 
GLY O    O N N 116 
GLY OXT  O N N 117 
GLY H    H N N 118 
GLY H2   H N N 119 
GLY HA2  H N N 120 
GLY HA3  H N N 121 
GLY HXT  H N N 122 
HIS N    N N N 123 
HIS CA   C N S 124 
HIS C    C N N 125 
HIS O    O N N 126 
HIS CB   C N N 127 
HIS CG   C Y N 128 
HIS ND1  N Y N 129 
HIS CD2  C Y N 130 
HIS CE1  C Y N 131 
HIS NE2  N Y N 132 
HIS OXT  O N N 133 
HIS H    H N N 134 
HIS H2   H N N 135 
HIS HA   H N N 136 
HIS HB2  H N N 137 
HIS HB3  H N N 138 
HIS HD1  H N N 139 
HIS HD2  H N N 140 
HIS HE1  H N N 141 
HIS HE2  H N N 142 
HIS HXT  H N N 143 
HOH O    O N N 144 
HOH H1   H N N 145 
HOH H2   H N N 146 
ILE N    N N N 147 
ILE CA   C N S 148 
ILE C    C N N 149 
ILE O    O N N 150 
ILE CB   C N S 151 
ILE CG1  C N N 152 
ILE CG2  C N N 153 
ILE CD1  C N N 154 
ILE OXT  O N N 155 
ILE H    H N N 156 
ILE H2   H N N 157 
ILE HA   H N N 158 
ILE HB   H N N 159 
ILE HG12 H N N 160 
ILE HG13 H N N 161 
ILE HG21 H N N 162 
ILE HG22 H N N 163 
ILE HG23 H N N 164 
ILE HD11 H N N 165 
ILE HD12 H N N 166 
ILE HD13 H N N 167 
ILE HXT  H N N 168 
LEU N    N N N 169 
LEU CA   C N S 170 
LEU C    C N N 171 
LEU O    O N N 172 
LEU CB   C N N 173 
LEU CG   C N N 174 
LEU CD1  C N N 175 
LEU CD2  C N N 176 
LEU OXT  O N N 177 
LEU H    H N N 178 
LEU H2   H N N 179 
LEU HA   H N N 180 
LEU HB2  H N N 181 
LEU HB3  H N N 182 
LEU HG   H N N 183 
LEU HD11 H N N 184 
LEU HD12 H N N 185 
LEU HD13 H N N 186 
LEU HD21 H N N 187 
LEU HD22 H N N 188 
LEU HD23 H N N 189 
LEU HXT  H N N 190 
LYS N    N N N 191 
LYS CA   C N S 192 
LYS C    C N N 193 
LYS O    O N N 194 
LYS CB   C N N 195 
LYS CG   C N N 196 
LYS CD   C N N 197 
LYS CE   C N N 198 
LYS NZ   N N N 199 
LYS OXT  O N N 200 
LYS H    H N N 201 
LYS H2   H N N 202 
LYS HA   H N N 203 
LYS HB2  H N N 204 
LYS HB3  H N N 205 
LYS HG2  H N N 206 
LYS HG3  H N N 207 
LYS HD2  H N N 208 
LYS HD3  H N N 209 
LYS HE2  H N N 210 
LYS HE3  H N N 211 
LYS HZ1  H N N 212 
LYS HZ2  H N N 213 
LYS HZ3  H N N 214 
LYS HXT  H N N 215 
MET N    N N N 216 
MET CA   C N S 217 
MET C    C N N 218 
MET O    O N N 219 
MET CB   C N N 220 
MET CG   C N N 221 
MET SD   S N N 222 
MET CE   C N N 223 
MET OXT  O N N 224 
MET H    H N N 225 
MET H2   H N N 226 
MET HA   H N N 227 
MET HB2  H N N 228 
MET HB3  H N N 229 
MET HG2  H N N 230 
MET HG3  H N N 231 
MET HE1  H N N 232 
MET HE2  H N N 233 
MET HE3  H N N 234 
MET HXT  H N N 235 
PHE N    N N N 236 
PHE CA   C N S 237 
PHE C    C N N 238 
PHE O    O N N 239 
PHE CB   C N N 240 
PHE CG   C Y N 241 
PHE CD1  C Y N 242 
PHE CD2  C Y N 243 
PHE CE1  C Y N 244 
PHE CE2  C Y N 245 
PHE CZ   C Y N 246 
PHE OXT  O N N 247 
PHE H    H N N 248 
PHE H2   H N N 249 
PHE HA   H N N 250 
PHE HB2  H N N 251 
PHE HB3  H N N 252 
PHE HD1  H N N 253 
PHE HD2  H N N 254 
PHE HE1  H N N 255 
PHE HE2  H N N 256 
PHE HZ   H N N 257 
PHE HXT  H N N 258 
PRO N    N N N 259 
PRO CA   C N S 260 
PRO C    C N N 261 
PRO O    O N N 262 
PRO CB   C N N 263 
PRO CG   C N N 264 
PRO CD   C N N 265 
PRO OXT  O N N 266 
PRO H    H N N 267 
PRO HA   H N N 268 
PRO HB2  H N N 269 
PRO HB3  H N N 270 
PRO HG2  H N N 271 
PRO HG3  H N N 272 
PRO HD2  H N N 273 
PRO HD3  H N N 274 
PRO HXT  H N N 275 
SER N    N N N 276 
SER CA   C N S 277 
SER C    C N N 278 
SER O    O N N 279 
SER CB   C N N 280 
SER OG   O N N 281 
SER OXT  O N N 282 
SER H    H N N 283 
SER H2   H N N 284 
SER HA   H N N 285 
SER HB2  H N N 286 
SER HB3  H N N 287 
SER HG   H N N 288 
SER HXT  H N N 289 
THR N    N N N 290 
THR CA   C N S 291 
THR C    C N N 292 
THR O    O N N 293 
THR CB   C N R 294 
THR OG1  O N N 295 
THR CG2  C N N 296 
THR OXT  O N N 297 
THR H    H N N 298 
THR H2   H N N 299 
THR HA   H N N 300 
THR HB   H N N 301 
THR HG1  H N N 302 
THR HG21 H N N 303 
THR HG22 H N N 304 
THR HG23 H N N 305 
THR HXT  H N N 306 
TRP N    N N N 307 
TRP CA   C N S 308 
TRP C    C N N 309 
TRP O    O N N 310 
TRP CB   C N N 311 
TRP CG   C Y N 312 
TRP CD1  C Y N 313 
TRP CD2  C Y N 314 
TRP NE1  N Y N 315 
TRP CE2  C Y N 316 
TRP CE3  C Y N 317 
TRP CZ2  C Y N 318 
TRP CZ3  C Y N 319 
TRP CH2  C Y N 320 
TRP OXT  O N N 321 
TRP H    H N N 322 
TRP H2   H N N 323 
TRP HA   H N N 324 
TRP HB2  H N N 325 
TRP HB3  H N N 326 
TRP HD1  H N N 327 
TRP HE1  H N N 328 
TRP HE3  H N N 329 
TRP HZ2  H N N 330 
TRP HZ3  H N N 331 
TRP HH2  H N N 332 
TRP HXT  H N N 333 
TYR N    N N N 334 
TYR CA   C N S 335 
TYR C    C N N 336 
TYR O    O N N 337 
TYR CB   C N N 338 
TYR CG   C Y N 339 
TYR CD1  C Y N 340 
TYR CD2  C Y N 341 
TYR CE1  C Y N 342 
TYR CE2  C Y N 343 
TYR CZ   C Y N 344 
TYR OH   O N N 345 
TYR OXT  O N N 346 
TYR H    H N N 347 
TYR H2   H N N 348 
TYR HA   H N N 349 
TYR HB2  H N N 350 
TYR HB3  H N N 351 
TYR HD1  H N N 352 
TYR HD2  H N N 353 
TYR HE1  H N N 354 
TYR HE2  H N N 355 
TYR HH   H N N 356 
TYR HXT  H N N 357 
VAL N    N N N 358 
VAL CA   C N S 359 
VAL C    C N N 360 
VAL O    O N N 361 
VAL CB   C N N 362 
VAL CG1  C N N 363 
VAL CG2  C N N 364 
VAL OXT  O N N 365 
VAL H    H N N 366 
VAL H2   H N N 367 
VAL HA   H N N 368 
VAL HB   H N N 369 
VAL HG11 H N N 370 
VAL HG12 H N N 371 
VAL HG13 H N N 372 
VAL HG21 H N N 373 
VAL HG22 H N N 374 
VAL HG23 H N N 375 
VAL HXT  H N N 376 
# 
loop_
_chem_comp_bond.comp_id 
_chem_comp_bond.atom_id_1 
_chem_comp_bond.atom_id_2 
_chem_comp_bond.value_order 
_chem_comp_bond.pdbx_aromatic_flag 
_chem_comp_bond.pdbx_stereo_config 
_chem_comp_bond.pdbx_ordinal 
ALA N   CA   sing N N 1   
ALA N   H    sing N N 2   
ALA N   H2   sing N N 3   
ALA CA  C    sing N N 4   
ALA CA  CB   sing N N 5   
ALA CA  HA   sing N N 6   
ALA C   O    doub N N 7   
ALA C   OXT  sing N N 8   
ALA CB  HB1  sing N N 9   
ALA CB  HB2  sing N N 10  
ALA CB  HB3  sing N N 11  
ALA OXT HXT  sing N N 12  
ARG N   CA   sing N N 13  
ARG N   H    sing N N 14  
ARG N   H2   sing N N 15  
ARG CA  C    sing N N 16  
ARG CA  CB   sing N N 17  
ARG CA  HA   sing N N 18  
ARG C   O    doub N N 19  
ARG C   OXT  sing N N 20  
ARG CB  CG   sing N N 21  
ARG CB  HB2  sing N N 22  
ARG CB  HB3  sing N N 23  
ARG CG  CD   sing N N 24  
ARG CG  HG2  sing N N 25  
ARG CG  HG3  sing N N 26  
ARG CD  NE   sing N N 27  
ARG CD  HD2  sing N N 28  
ARG CD  HD3  sing N N 29  
ARG NE  CZ   sing N N 30  
ARG NE  HE   sing N N 31  
ARG CZ  NH1  sing N N 32  
ARG CZ  NH2  doub N N 33  
ARG NH1 HH11 sing N N 34  
ARG NH1 HH12 sing N N 35  
ARG NH2 HH21 sing N N 36  
ARG NH2 HH22 sing N N 37  
ARG OXT HXT  sing N N 38  
ASN N   CA   sing N N 39  
ASN N   H    sing N N 40  
ASN N   H2   sing N N 41  
ASN CA  C    sing N N 42  
ASN CA  CB   sing N N 43  
ASN CA  HA   sing N N 44  
ASN C   O    doub N N 45  
ASN C   OXT  sing N N 46  
ASN CB  CG   sing N N 47  
ASN CB  HB2  sing N N 48  
ASN CB  HB3  sing N N 49  
ASN CG  OD1  doub N N 50  
ASN CG  ND2  sing N N 51  
ASN ND2 HD21 sing N N 52  
ASN ND2 HD22 sing N N 53  
ASN OXT HXT  sing N N 54  
ASP N   CA   sing N N 55  
ASP N   H    sing N N 56  
ASP N   H2   sing N N 57  
ASP CA  C    sing N N 58  
ASP CA  CB   sing N N 59  
ASP CA  HA   sing N N 60  
ASP C   O    doub N N 61  
ASP C   OXT  sing N N 62  
ASP CB  CG   sing N N 63  
ASP CB  HB2  sing N N 64  
ASP CB  HB3  sing N N 65  
ASP CG  OD1  doub N N 66  
ASP CG  OD2  sing N N 67  
ASP OD2 HD2  sing N N 68  
ASP OXT HXT  sing N N 69  
GLN N   CA   sing N N 70  
GLN N   H    sing N N 71  
GLN N   H2   sing N N 72  
GLN CA  C    sing N N 73  
GLN CA  CB   sing N N 74  
GLN CA  HA   sing N N 75  
GLN C   O    doub N N 76  
GLN C   OXT  sing N N 77  
GLN CB  CG   sing N N 78  
GLN CB  HB2  sing N N 79  
GLN CB  HB3  sing N N 80  
GLN CG  CD   sing N N 81  
GLN CG  HG2  sing N N 82  
GLN CG  HG3  sing N N 83  
GLN CD  OE1  doub N N 84  
GLN CD  NE2  sing N N 85  
GLN NE2 HE21 sing N N 86  
GLN NE2 HE22 sing N N 87  
GLN OXT HXT  sing N N 88  
GLU N   CA   sing N N 89  
GLU N   H    sing N N 90  
GLU N   H2   sing N N 91  
GLU CA  C    sing N N 92  
GLU CA  CB   sing N N 93  
GLU CA  HA   sing N N 94  
GLU C   O    doub N N 95  
GLU C   OXT  sing N N 96  
GLU CB  CG   sing N N 97  
GLU CB  HB2  sing N N 98  
GLU CB  HB3  sing N N 99  
GLU CG  CD   sing N N 100 
GLU CG  HG2  sing N N 101 
GLU CG  HG3  sing N N 102 
GLU CD  OE1  doub N N 103 
GLU CD  OE2  sing N N 104 
GLU OE2 HE2  sing N N 105 
GLU OXT HXT  sing N N 106 
GLY N   CA   sing N N 107 
GLY N   H    sing N N 108 
GLY N   H2   sing N N 109 
GLY CA  C    sing N N 110 
GLY CA  HA2  sing N N 111 
GLY CA  HA3  sing N N 112 
GLY C   O    doub N N 113 
GLY C   OXT  sing N N 114 
GLY OXT HXT  sing N N 115 
HIS N   CA   sing N N 116 
HIS N   H    sing N N 117 
HIS N   H2   sing N N 118 
HIS CA  C    sing N N 119 
HIS CA  CB   sing N N 120 
HIS CA  HA   sing N N 121 
HIS C   O    doub N N 122 
HIS C   OXT  sing N N 123 
HIS CB  CG   sing N N 124 
HIS CB  HB2  sing N N 125 
HIS CB  HB3  sing N N 126 
HIS CG  ND1  sing Y N 127 
HIS CG  CD2  doub Y N 128 
HIS ND1 CE1  doub Y N 129 
HIS ND1 HD1  sing N N 130 
HIS CD2 NE2  sing Y N 131 
HIS CD2 HD2  sing N N 132 
HIS CE1 NE2  sing Y N 133 
HIS CE1 HE1  sing N N 134 
HIS NE2 HE2  sing N N 135 
HIS OXT HXT  sing N N 136 
HOH O   H1   sing N N 137 
HOH O   H2   sing N N 138 
ILE N   CA   sing N N 139 
ILE N   H    sing N N 140 
ILE N   H2   sing N N 141 
ILE CA  C    sing N N 142 
ILE CA  CB   sing N N 143 
ILE CA  HA   sing N N 144 
ILE C   O    doub N N 145 
ILE C   OXT  sing N N 146 
ILE CB  CG1  sing N N 147 
ILE CB  CG2  sing N N 148 
ILE CB  HB   sing N N 149 
ILE CG1 CD1  sing N N 150 
ILE CG1 HG12 sing N N 151 
ILE CG1 HG13 sing N N 152 
ILE CG2 HG21 sing N N 153 
ILE CG2 HG22 sing N N 154 
ILE CG2 HG23 sing N N 155 
ILE CD1 HD11 sing N N 156 
ILE CD1 HD12 sing N N 157 
ILE CD1 HD13 sing N N 158 
ILE OXT HXT  sing N N 159 
LEU N   CA   sing N N 160 
LEU N   H    sing N N 161 
LEU N   H2   sing N N 162 
LEU CA  C    sing N N 163 
LEU CA  CB   sing N N 164 
LEU CA  HA   sing N N 165 
LEU C   O    doub N N 166 
LEU C   OXT  sing N N 167 
LEU CB  CG   sing N N 168 
LEU CB  HB2  sing N N 169 
LEU CB  HB3  sing N N 170 
LEU CG  CD1  sing N N 171 
LEU CG  CD2  sing N N 172 
LEU CG  HG   sing N N 173 
LEU CD1 HD11 sing N N 174 
LEU CD1 HD12 sing N N 175 
LEU CD1 HD13 sing N N 176 
LEU CD2 HD21 sing N N 177 
LEU CD2 HD22 sing N N 178 
LEU CD2 HD23 sing N N 179 
LEU OXT HXT  sing N N 180 
LYS N   CA   sing N N 181 
LYS N   H    sing N N 182 
LYS N   H2   sing N N 183 
LYS CA  C    sing N N 184 
LYS CA  CB   sing N N 185 
LYS CA  HA   sing N N 186 
LYS C   O    doub N N 187 
LYS C   OXT  sing N N 188 
LYS CB  CG   sing N N 189 
LYS CB  HB2  sing N N 190 
LYS CB  HB3  sing N N 191 
LYS CG  CD   sing N N 192 
LYS CG  HG2  sing N N 193 
LYS CG  HG3  sing N N 194 
LYS CD  CE   sing N N 195 
LYS CD  HD2  sing N N 196 
LYS CD  HD3  sing N N 197 
LYS CE  NZ   sing N N 198 
LYS CE  HE2  sing N N 199 
LYS CE  HE3  sing N N 200 
LYS NZ  HZ1  sing N N 201 
LYS NZ  HZ2  sing N N 202 
LYS NZ  HZ3  sing N N 203 
LYS OXT HXT  sing N N 204 
MET N   CA   sing N N 205 
MET N   H    sing N N 206 
MET N   H2   sing N N 207 
MET CA  C    sing N N 208 
MET CA  CB   sing N N 209 
MET CA  HA   sing N N 210 
MET C   O    doub N N 211 
MET C   OXT  sing N N 212 
MET CB  CG   sing N N 213 
MET CB  HB2  sing N N 214 
MET CB  HB3  sing N N 215 
MET CG  SD   sing N N 216 
MET CG  HG2  sing N N 217 
MET CG  HG3  sing N N 218 
MET SD  CE   sing N N 219 
MET CE  HE1  sing N N 220 
MET CE  HE2  sing N N 221 
MET CE  HE3  sing N N 222 
MET OXT HXT  sing N N 223 
PHE N   CA   sing N N 224 
PHE N   H    sing N N 225 
PHE N   H2   sing N N 226 
PHE CA  C    sing N N 227 
PHE CA  CB   sing N N 228 
PHE CA  HA   sing N N 229 
PHE C   O    doub N N 230 
PHE C   OXT  sing N N 231 
PHE CB  CG   sing N N 232 
PHE CB  HB2  sing N N 233 
PHE CB  HB3  sing N N 234 
PHE CG  CD1  doub Y N 235 
PHE CG  CD2  sing Y N 236 
PHE CD1 CE1  sing Y N 237 
PHE CD1 HD1  sing N N 238 
PHE CD2 CE2  doub Y N 239 
PHE CD2 HD2  sing N N 240 
PHE CE1 CZ   doub Y N 241 
PHE CE1 HE1  sing N N 242 
PHE CE2 CZ   sing Y N 243 
PHE CE2 HE2  sing N N 244 
PHE CZ  HZ   sing N N 245 
PHE OXT HXT  sing N N 246 
PRO N   CA   sing N N 247 
PRO N   CD   sing N N 248 
PRO N   H    sing N N 249 
PRO CA  C    sing N N 250 
PRO CA  CB   sing N N 251 
PRO CA  HA   sing N N 252 
PRO C   O    doub N N 253 
PRO C   OXT  sing N N 254 
PRO CB  CG   sing N N 255 
PRO CB  HB2  sing N N 256 
PRO CB  HB3  sing N N 257 
PRO CG  CD   sing N N 258 
PRO CG  HG2  sing N N 259 
PRO CG  HG3  sing N N 260 
PRO CD  HD2  sing N N 261 
PRO CD  HD3  sing N N 262 
PRO OXT HXT  sing N N 263 
SER N   CA   sing N N 264 
SER N   H    sing N N 265 
SER N   H2   sing N N 266 
SER CA  C    sing N N 267 
SER CA  CB   sing N N 268 
SER CA  HA   sing N N 269 
SER C   O    doub N N 270 
SER C   OXT  sing N N 271 
SER CB  OG   sing N N 272 
SER CB  HB2  sing N N 273 
SER CB  HB3  sing N N 274 
SER OG  HG   sing N N 275 
SER OXT HXT  sing N N 276 
THR N   CA   sing N N 277 
THR N   H    sing N N 278 
THR N   H2   sing N N 279 
THR CA  C    sing N N 280 
THR CA  CB   sing N N 281 
THR CA  HA   sing N N 282 
THR C   O    doub N N 283 
THR C   OXT  sing N N 284 
THR CB  OG1  sing N N 285 
THR CB  CG2  sing N N 286 
THR CB  HB   sing N N 287 
THR OG1 HG1  sing N N 288 
THR CG2 HG21 sing N N 289 
THR CG2 HG22 sing N N 290 
THR CG2 HG23 sing N N 291 
THR OXT HXT  sing N N 292 
TRP N   CA   sing N N 293 
TRP N   H    sing N N 294 
TRP N   H2   sing N N 295 
TRP CA  C    sing N N 296 
TRP CA  CB   sing N N 297 
TRP CA  HA   sing N N 298 
TRP C   O    doub N N 299 
TRP C   OXT  sing N N 300 
TRP CB  CG   sing N N 301 
TRP CB  HB2  sing N N 302 
TRP CB  HB3  sing N N 303 
TRP CG  CD1  doub Y N 304 
TRP CG  CD2  sing Y N 305 
TRP CD1 NE1  sing Y N 306 
TRP CD1 HD1  sing N N 307 
TRP CD2 CE2  doub Y N 308 
TRP CD2 CE3  sing Y N 309 
TRP NE1 CE2  sing Y N 310 
TRP NE1 HE1  sing N N 311 
TRP CE2 CZ2  sing Y N 312 
TRP CE3 CZ3  doub Y N 313 
TRP CE3 HE3  sing N N 314 
TRP CZ2 CH2  doub Y N 315 
TRP CZ2 HZ2  sing N N 316 
TRP CZ3 CH2  sing Y N 317 
TRP CZ3 HZ3  sing N N 318 
TRP CH2 HH2  sing N N 319 
TRP OXT HXT  sing N N 320 
TYR N   CA   sing N N 321 
TYR N   H    sing N N 322 
TYR N   H2   sing N N 323 
TYR CA  C    sing N N 324 
TYR CA  CB   sing N N 325 
TYR CA  HA   sing N N 326 
TYR C   O    doub N N 327 
TYR C   OXT  sing N N 328 
TYR CB  CG   sing N N 329 
TYR CB  HB2  sing N N 330 
TYR CB  HB3  sing N N 331 
TYR CG  CD1  doub Y N 332 
TYR CG  CD2  sing Y N 333 
TYR CD1 CE1  sing Y N 334 
TYR CD1 HD1  sing N N 335 
TYR CD2 CE2  doub Y N 336 
TYR CD2 HD2  sing N N 337 
TYR CE1 CZ   doub Y N 338 
TYR CE1 HE1  sing N N 339 
TYR CE2 CZ   sing Y N 340 
TYR CE2 HE2  sing N N 341 
TYR CZ  OH   sing N N 342 
TYR OH  HH   sing N N 343 
TYR OXT HXT  sing N N 344 
VAL N   CA   sing N N 345 
VAL N   H    sing N N 346 
VAL N   H2   sing N N 347 
VAL CA  C    sing N N 348 
VAL CA  CB   sing N N 349 
VAL CA  HA   sing N N 350 
VAL C   O    doub N N 351 
VAL C   OXT  sing N N 352 
VAL CB  CG1  sing N N 353 
VAL CB  CG2  sing N N 354 
VAL CB  HB   sing N N 355 
VAL CG1 HG11 sing N N 356 
VAL CG1 HG12 sing N N 357 
VAL CG1 HG13 sing N N 358 
VAL CG2 HG21 sing N N 359 
VAL CG2 HG22 sing N N 360 
VAL CG2 HG23 sing N N 361 
VAL OXT HXT  sing N N 362 
# 
_atom_sites.entry_id                    4QB4 
_atom_sites.fract_transf_matrix[1][1]   -0.01322634 
_atom_sites.fract_transf_matrix[1][2]   0.00501380 
_atom_sites.fract_transf_matrix[1][3]   -0.01533729 
_atom_sites.fract_transf_matrix[2][1]   -0.01328412 
_atom_sites.fract_transf_matrix[2][2]   0.00787416 
_atom_sites.fract_transf_matrix[2][3]   0.01402984 
_atom_sites.fract_transf_matrix[3][1]   0.00689447 
_atom_sites.fract_transf_matrix[3][2]   0.01404449 
_atom_sites.fract_transf_matrix[3][3]   -0.00135437 
_atom_sites.fract_transf_vector[1]      0.106658 
_atom_sites.fract_transf_vector[2]      0.459837 
_atom_sites.fract_transf_vector[3]      0.004653 
# 
loop_
_atom_type.symbol 
C 
N 
O 
S 
# 
loop_
_atom_site.group_PDB 
_atom_site.id 
_atom_site.type_symbol 
_atom_site.label_atom_id 
_atom_site.label_alt_id 
_atom_site.label_comp_id 
_atom_site.label_asym_id 
_atom_site.label_entity_id 
_atom_site.label_seq_id 
_atom_site.pdbx_PDB_ins_code 
_atom_site.Cartn_x 
_atom_site.Cartn_y 
_atom_site.Cartn_z 
_atom_site.occupancy 
_atom_site.B_iso_or_equiv 
_atom_site.pdbx_formal_charge 
_atom_site.auth_seq_id 
_atom_site.auth_comp_id 
_atom_site.auth_asym_id 
_atom_site.auth_atom_id 
_atom_site.pdbx_PDB_model_num 
ATOM   1    N N   . LYS A 1 1   ? -1.078  13.182  16.000  1.00 49.55 ? 6   LYS A N   1 
ATOM   2    C CA  . LYS A 1 1   ? -2.248  12.235  15.913  1.00 50.09 ? 6   LYS A CA  1 
ATOM   3    C C   . LYS A 1 1   ? -2.888  12.020  14.491  1.00 48.11 ? 6   LYS A C   1 
ATOM   4    O O   . LYS A 1 1   ? -3.471  12.939  13.899  1.00 48.49 ? 6   LYS A O   1 
ATOM   5    C CB  . LYS A 1 1   ? -3.281  12.684  16.936  1.00 51.18 ? 6   LYS A CB  1 
ATOM   6    C CG  . LYS A 1 1   ? -2.636  12.722  18.367  1.00 56.95 ? 6   LYS A CG  1 
ATOM   7    C CD  . LYS A 1 1   ? -2.664  14.117  19.056  1.00 64.15 ? 6   LYS A CD  1 
ATOM   8    C CE  . LYS A 1 1   ? -1.523  14.262  20.084  1.00 66.29 ? 6   LYS A CE  1 
ATOM   9    N NZ  . LYS A 1 1   ? -1.752  15.500  20.905  1.00 70.81 ? 6   LYS A NZ  1 
ATOM   10   N N   . LEU A 1 2   ? -2.789  10.813  13.951  1.00 44.87 ? 7   LEU A N   1 
ATOM   11   C CA  . LEU A 1 2   ? -3.267  10.571  12.562  1.00 42.13 ? 7   LEU A CA  1 
ATOM   12   C C   . LEU A 1 2   ? -4.807  10.362  12.624  1.00 42.63 ? 7   LEU A C   1 
ATOM   13   O O   . LEU A 1 2   ? -5.339  9.904   13.657  1.00 43.65 ? 7   LEU A O   1 
ATOM   14   C CB  . LEU A 1 2   ? -2.557  9.378   11.900  1.00 40.83 ? 7   LEU A CB  1 
ATOM   15   C CG  . LEU A 1 2   ? -1.026  9.419   11.860  1.00 36.11 ? 7   LEU A CG  1 
ATOM   16   C CD1 . LEU A 1 2   ? -0.428  8.317   11.057  1.00 32.68 ? 7   LEU A CD1 1 
ATOM   17   C CD2 . LEU A 1 2   ? -0.544  10.778  11.454  1.00 35.38 ? 7   LEU A CD2 1 
ATOM   18   N N   . HIS A 1 3   ? -5.522  10.717  11.559  1.00 39.87 ? 8   HIS A N   1 
ATOM   19   C CA  . HIS A 1 3   ? -6.955  10.406  11.448  1.00 40.42 ? 8   HIS A CA  1 
ATOM   20   C C   . HIS A 1 3   ? -7.242  9.825   10.023  1.00 37.25 ? 8   HIS A C   1 
ATOM   21   O O   . HIS A 1 3   ? -6.591  10.194  9.027   1.00 37.21 ? 8   HIS A O   1 
ATOM   22   C CB  . HIS A 1 3   ? -7.799  11.680  11.707  1.00 42.56 ? 8   HIS A CB  1 
ATOM   23   C CG  . HIS A 1 3   ? -7.429  12.822  10.803  1.00 49.33 ? 8   HIS A CG  1 
ATOM   24   N ND1 . HIS A 1 3   ? -8.254  13.275  9.784   1.00 55.56 ? 8   HIS A ND1 1 
ATOM   25   C CD2 . HIS A 1 3   ? -6.288  13.558  10.722  1.00 54.21 ? 8   HIS A CD2 1 
ATOM   26   C CE1 . HIS A 1 3   ? -7.638  14.244  9.121   1.00 59.16 ? 8   HIS A CE1 1 
ATOM   27   N NE2 . HIS A 1 3   ? -6.437  14.423  9.659   1.00 61.02 ? 8   HIS A NE2 1 
ATOM   28   N N   . LYS A 1 4   ? -8.199  8.912   9.969   1.00 34.82 ? 9   LYS A N   1 
ATOM   29   C CA  . LYS A 1 4   ? -8.738  8.356   8.720   1.00 33.50 ? 9   LYS A CA  1 
ATOM   30   C C   . LYS A 1 4   ? -9.787  9.295   8.088   1.00 33.91 ? 9   LYS A C   1 
ATOM   31   O O   . LYS A 1 4   ? -10.569 9.932   8.818   1.00 35.08 ? 9   LYS A O   1 
ATOM   32   C CB  . LYS A 1 4   ? -9.355  6.981   8.989   1.00 33.02 ? 9   LYS A CB  1 
ATOM   33   C CG  . LYS A 1 4   ? -8.383  5.945   9.402   1.00 35.23 ? 9   LYS A CG  1 
ATOM   34   C CD  . LYS A 1 4   ? -9.146  4.865   10.130  1.00 38.05 ? 9   LYS A CD  1 
ATOM   35   C CE  . LYS A 1 4   ? -8.256  3.684   10.498  1.00 40.89 ? 9   LYS A CE  1 
ATOM   36   N NZ  . LYS A 1 4   ? -7.319  3.926   11.614  1.00 44.31 ? 9   LYS A NZ  1 
ATOM   37   N N   . GLU A 1 5   ? -9.737  9.441   6.773   1.00 31.95 ? 10  GLU A N   1 
ATOM   38   C CA  . GLU A 1 5   ? -10.643 10.246  6.001   1.00 31.24 ? 10  GLU A CA  1 
ATOM   39   C C   . GLU A 1 5   ? -11.281 9.354   4.941   1.00 30.66 ? 10  GLU A C   1 
ATOM   40   O O   . GLU A 1 5   ? -10.679 8.443   4.426   1.00 27.95 ? 10  GLU A O   1 
ATOM   41   C CB  . GLU A 1 5   ? -9.937  11.370  5.306   1.00 32.08 ? 10  GLU A CB  1 
ATOM   42   C CG  . GLU A 1 5   ? -9.291  12.319  6.324   1.00 39.21 ? 10  GLU A CG  1 
ATOM   43   C CD  . GLU A 1 5   ? -8.461  13.418  5.668   1.00 45.59 ? 10  GLU A CD  1 
ATOM   44   O OE1 . GLU A 1 5   ? -9.030  14.224  4.922   1.00 46.29 ? 10  GLU A OE1 1 
ATOM   45   O OE2 . GLU A 1 5   ? -7.236  13.461  5.917   1.00 46.42 ? 10  GLU A OE2 1 
ATOM   46   N N   . PRO A 1 6   ? -12.529 9.622   4.623   1.00 31.16 ? 11  PRO A N   1 
ATOM   47   C CA  . PRO A 1 6   ? -13.165 8.734   3.626   1.00 30.82 ? 11  PRO A CA  1 
ATOM   48   C C   . PRO A 1 6   ? -12.689 9.004   2.214   1.00 29.08 ? 11  PRO A C   1 
ATOM   49   O O   . PRO A 1 6   ? -12.207 10.141  1.881   1.00 30.13 ? 11  PRO A O   1 
ATOM   50   C CB  . PRO A 1 6   ? -14.660 9.063   3.782   1.00 31.53 ? 11  PRO A CB  1 
ATOM   51   C CG  . PRO A 1 6   ? -14.688 10.494  4.295   1.00 35.00 ? 11  PRO A CG  1 
ATOM   52   C CD  . PRO A 1 6   ? -13.414 10.705  5.103   1.00 33.49 ? 11  PRO A CD  1 
ATOM   53   N N   . ALA A 1 7   ? -12.735 7.985   1.369   1.00 26.74 ? 12  ALA A N   1 
ATOM   54   C CA  . ALA A 1 7   ? -12.376 8.136   -0.025  1.00 26.34 ? 12  ALA A CA  1 
ATOM   55   C C   . ALA A 1 7   ? -13.157 7.148   -0.838  1.00 26.80 ? 12  ALA A C   1 
ATOM   56   O O   . ALA A 1 7   ? -13.818 6.276   -0.308  1.00 27.24 ? 12  ALA A O   1 
ATOM   57   C CB  . ALA A 1 7   ? -10.934 7.877   -0.220  1.00 27.98 ? 12  ALA A CB  1 
ATOM   58   N N   . THR A 1 8   ? -13.121 7.330   -2.148  1.00 26.96 ? 13  THR A N   1 
ATOM   59   C CA  . THR A 1 8   ? -13.800 6.430   -3.071  1.00 28.28 ? 13  THR A CA  1 
ATOM   60   C C   . THR A 1 8   ? -12.867 5.835   -4.111  1.00 27.62 ? 13  THR A C   1 
ATOM   61   O O   . THR A 1 8   ? -12.084 6.557   -4.771  1.00 27.98 ? 13  THR A O   1 
ATOM   62   C CB  . THR A 1 8   ? -15.001 7.142   -3.791  1.00 28.54 ? 13  THR A CB  1 
ATOM   63   O OG1 . THR A 1 8   ? -15.811 7.826   -2.829  1.00 30.33 ? 13  THR A OG1 1 
ATOM   64   C CG2 . THR A 1 8   ? -15.840 6.149   -4.522  1.00 30.53 ? 13  THR A CG2 1 
ATOM   65   N N   . LEU A 1 9   ? -12.927 4.517   -4.248  1.00 28.22 ? 14  LEU A N   1 
ATOM   66   C CA  . LEU A 1 9   ? -12.039 3.867   -5.210  1.00 28.24 ? 14  LEU A CA  1 
ATOM   67   C C   . LEU A 1 9   ? -12.394 4.333   -6.620  1.00 30.57 ? 14  LEU A C   1 
ATOM   68   O O   . LEU A 1 9   ? -13.620 4.376   -6.975  1.00 32.94 ? 14  LEU A O   1 
ATOM   69   C CB  . LEU A 1 9   ? -12.130 2.353   -5.104  1.00 27.23 ? 14  LEU A CB  1 
ATOM   70   C CG  . LEU A 1 9   ? -11.270 1.600   -6.120  1.00 26.30 ? 14  LEU A CG  1 
ATOM   71   C CD1 . LEU A 1 9   ? -9.722  1.871   -5.967  1.00 28.01 ? 14  LEU A CD1 1 
ATOM   72   C CD2 . LEU A 1 9   ? -11.636 0.101   -6.159  1.00 28.36 ? 14  LEU A CD2 1 
ATOM   73   N N   . ILE A 1 10  ? -11.382 4.661   -7.439  1.00 30.01 ? 15  ILE A N   1 
ATOM   74   C CA  . ILE A 1 10  ? -11.571 4.790   -8.861  1.00 30.04 ? 15  ILE A CA  1 
ATOM   75   C C   . ILE A 1 10  ? -11.059 3.509   -9.503  1.00 31.78 ? 15  ILE A C   1 
ATOM   76   O O   . ILE A 1 10  ? -11.874 2.789   -10.150 1.00 34.16 ? 15  ILE A O   1 
ATOM   77   C CB  . ILE A 1 10  ? -10.995 6.023   -9.463  1.00 31.01 ? 15  ILE A CB  1 
ATOM   78   C CG1 . ILE A 1 10  ? -11.586 7.288   -8.819  1.00 29.76 ? 15  ILE A CG1 1 
ATOM   79   C CG2 . ILE A 1 10  ? -11.173 5.910   -11.034 1.00 29.52 ? 15  ILE A CG2 1 
ATOM   80   C CD1 . ILE A 1 10  ? -10.803 8.537   -9.242  1.00 31.51 ? 15  ILE A CD1 1 
ATOM   81   N N   . LYS A 1 11  ? -9.767  3.182   -9.340  1.00 29.86 ? 16  LYS A N   1 
ATOM   82   C CA  . LYS A 1 11  ? -9.169  2.069   -10.015 1.00 31.29 ? 16  LYS A CA  1 
ATOM   83   C C   . LYS A 1 11  ? -7.853  1.696   -9.343  1.00 29.73 ? 16  LYS A C   1 
ATOM   84   O O   . LYS A 1 11  ? -7.064  2.590   -9.032  1.00 28.81 ? 16  LYS A O   1 
ATOM   85   C CB  . LYS A 1 11  ? -8.893  2.603   -11.429 1.00 33.20 ? 16  LYS A CB  1 
ATOM   86   C CG  . LYS A 1 11  ? -7.937  1.975   -12.263 1.00 36.98 ? 16  LYS A CG  1 
ATOM   87   C CD  . LYS A 1 11  ? -7.829  2.847   -13.507 1.00 45.86 ? 16  LYS A CD  1 
ATOM   88   C CE  . LYS A 1 11  ? -7.227  2.058   -14.610 1.00 48.40 ? 16  LYS A CE  1 
ATOM   89   N NZ  . LYS A 1 11  ? -7.971  0.769   -14.602 1.00 56.94 ? 16  LYS A NZ  1 
ATOM   90   N N   . ALA A 1 12  ? -7.605  0.405   -9.129  1.00 30.12 ? 17  ALA A N   1 
ATOM   91   C CA  . ALA A 1 12  ? -6.341  -0.064  -8.580  1.00 28.81 ? 17  ALA A CA  1 
ATOM   92   C C   . ALA A 1 12  ? -5.429  -0.133  -9.770  1.00 29.82 ? 17  ALA A C   1 
ATOM   93   O O   . ALA A 1 12  ? -5.807  -0.692  -10.799 1.00 31.64 ? 17  ALA A O   1 
ATOM   94   C CB  . ALA A 1 12  ? -6.499  -1.389  -8.021  1.00 29.35 ? 17  ALA A CB  1 
ATOM   95   N N   . ILE A 1 13  ? -4.237  0.402   -9.671  1.00 27.62 ? 18  ILE A N   1 
ATOM   96   C CA  . ILE A 1 13  ? -3.281  0.428   -10.774 1.00 30.31 ? 18  ILE A CA  1 
ATOM   97   C C   . ILE A 1 13  ? -2.216  -0.696  -10.705 1.00 31.21 ? 18  ILE A C   1 
ATOM   98   O O   . ILE A 1 13  ? -1.874  -1.308  -11.686 1.00 32.54 ? 18  ILE A O   1 
ATOM   99   C CB  . ILE A 1 13  ? -2.598  1.807   -10.866 1.00 30.70 ? 18  ILE A CB  1 
ATOM   100  C CG1 . ILE A 1 13  ? -3.595  2.898   -11.328 1.00 35.07 ? 18  ILE A CG1 1 
ATOM   101  C CG2 . ILE A 1 13  ? -1.455  1.756   -11.813 1.00 32.89 ? 18  ILE A CG2 1 
ATOM   102  C CD1 . ILE A 1 13  ? -3.039  4.250   -11.054 1.00 39.20 ? 18  ILE A CD1 1 
ATOM   103  N N   . ASP A 1 14  ? -1.690  -0.990  -9.522  1.00 28.54 ? 19  ASP A N   1 
ATOM   104  C CA  . ASP A 1 14  ? -0.602  -1.930  -9.342  1.00 29.73 ? 19  ASP A CA  1 
ATOM   105  C C   . ASP A 1 14  ? -0.692  -2.329  -7.854  1.00 27.34 ? 19  ASP A C   1 
ATOM   106  O O   . ASP A 1 14  ? -1.606  -1.872  -7.165  1.00 28.00 ? 19  ASP A O   1 
ATOM   107  C CB  . ASP A 1 14  ? 0.683   -1.157  -9.570  1.00 30.82 ? 19  ASP A CB  1 
ATOM   108  C CG  . ASP A 1 14  ? 1.710   -1.983  -10.012 1.00 36.80 ? 19  ASP A CG  1 
ATOM   109  O OD1 . ASP A 1 14  ? 1.419   -3.146  -10.328 1.00 41.37 ? 19  ASP A OD1 1 
ATOM   110  O OD2 . ASP A 1 14  ? 2.836   -1.495  -10.012 1.00 47.08 ? 19  ASP A OD2 1 
ATOM   111  N N   . GLY A 1 15  ? 0.199   -3.183  -7.366  1.00 25.41 ? 20  GLY A N   1 
ATOM   112  C CA  . GLY A 1 15  ? 0.112   -3.642  -5.966  1.00 25.13 ? 20  GLY A CA  1 
ATOM   113  C C   . GLY A 1 15  ? 0.263   -2.501  -4.982  1.00 23.50 ? 20  GLY A C   1 
ATOM   114  O O   . GLY A 1 15  ? -0.304  -2.505  -3.947  1.00 25.47 ? 20  GLY A O   1 
ATOM   115  N N   . ASP A 1 16  ? 0.973   -1.452  -5.375  1.00 23.82 ? 21  ASP A N   1 
ATOM   116  C CA  . ASP A 1 16  ? 1.388   -0.415  -4.456  1.00 26.19 ? 21  ASP A CA  1 
ATOM   117  C C   . ASP A 1 16  ? 0.711   0.980   -4.821  1.00 24.03 ? 21  ASP A C   1 
ATOM   118  O O   . ASP A 1 16  ? 0.995   1.953   -4.196  1.00 24.27 ? 21  ASP A O   1 
ATOM   119  C CB  . ASP A 1 16  ? 2.995   -0.306  -4.473  1.00 27.12 ? 21  ASP A CB  1 
ATOM   120  C CG  . ASP A 1 16  ? 3.555   0.254   -5.771  1.00 29.88 ? 21  ASP A CG  1 
ATOM   121  O OD1 . ASP A 1 16  ? 2.817   0.508   -6.753  1.00 34.74 ? 21  ASP A OD1 1 
ATOM   122  O OD2 . ASP A 1 16  ? 4.787   0.465   -5.932  1.00 40.17 ? 21  ASP A OD2 1 
ATOM   123  N N   . THR A 1 17  ? -0.140  1.047   -5.839  1.00 22.71 ? 22  THR A N   1 
ATOM   124  C CA  . THR A 1 17  ? -0.659  2.339   -6.354  1.00 24.25 ? 22  THR A CA  1 
ATOM   125  C C   . THR A 1 17  ? -2.136  2.228   -6.721  1.00 22.69 ? 22  THR A C   1 
ATOM   126  O O   . THR A 1 17  ? -2.530  1.282   -7.384  1.00 24.18 ? 22  THR A O   1 
ATOM   127  C CB  . THR A 1 17  ? 0.209   2.843   -7.610  1.00 25.54 ? 22  THR A CB  1 
ATOM   128  O OG1 . THR A 1 17  ? 1.615   2.895   -7.286  1.00 28.01 ? 22  THR A OG1 1 
ATOM   129  C CG2 . THR A 1 17  ? -0.245  4.208   -8.070  1.00 27.57 ? 22  THR A CG2 1 
ATOM   130  N N   . LEU A 1 18  ? -2.978  3.145   -6.228  1.00 23.52 ? 23  LEU A N   1 
ATOM   131  C CA  . LEU A 1 18  ? -4.422  3.068   -6.438  1.00 24.39 ? 23  LEU A CA  1 
ATOM   132  C C   . LEU A 1 18  ? -4.830  4.493   -6.812  1.00 25.03 ? 23  LEU A C   1 
ATOM   133  O O   . LEU A 1 18  ? -4.273  5.467   -6.283  1.00 26.00 ? 23  LEU A O   1 
ATOM   134  C CB  . LEU A 1 18  ? -5.202  2.583   -5.196  1.00 27.16 ? 23  LEU A CB  1 
ATOM   135  C CG  . LEU A 1 18  ? -4.514  1.360   -4.532  1.00 30.35 ? 23  LEU A CG  1 
ATOM   136  C CD1 . LEU A 1 18  ? -5.060  0.939   -3.153  1.00 38.15 ? 23  LEU A CD1 1 
ATOM   137  C CD2 . LEU A 1 18  ? -4.551  0.201   -5.438  1.00 39.23 ? 23  LEU A CD2 1 
ATOM   138  N N   . LYS A 1 19  ? -5.775  4.616   -7.727  1.00 24.95 ? 24  LYS A N   1 
ATOM   139  C CA  . LYS A 1 19  ? -6.414  5.899   -7.981  1.00 26.13 ? 24  LYS A CA  1 
ATOM   140  C C   . LYS A 1 19  ? -7.707  5.962   -7.217  1.00 25.58 ? 24  LYS A C   1 
ATOM   141  O O   . LYS A 1 19  ? -8.513  5.015   -7.213  1.00 25.65 ? 24  LYS A O   1 
ATOM   142  C CB  . LYS A 1 19  ? -6.525  6.108   -9.527  1.00 26.90 ? 24  LYS A CB  1 
ATOM   143  C CG  . LYS A 1 19  ? -7.247  7.373   -9.984  1.00 37.48 ? 24  LYS A CG  1 
ATOM   144  C CD  . LYS A 1 19  ? -6.334  8.438   -10.673 1.00 48.17 ? 24  LYS A CD  1 
ATOM   145  C CE  . LYS A 1 19  ? -6.232  8.281   -12.227 1.00 53.05 ? 24  LYS A CE  1 
ATOM   146  N NZ  . LYS A 1 19  ? -4.940  7.617   -12.635 1.00 57.96 ? 24  LYS A NZ  1 
ATOM   147  N N   . VAL A 1 20  ? -7.874  7.054   -6.489  1.00 25.56 ? 25  VAL A N   1 
ATOM   148  C CA  . VAL A 1 20  ? -8.979  7.250   -5.550  1.00 25.70 ? 25  VAL A CA  1 
ATOM   149  C C   . VAL A 1 20  ? -9.541  8.705   -5.724  1.00 27.31 ? 25  VAL A C   1 
ATOM   150  O O   . VAL A 1 20  ? -8.814  9.643   -6.094  1.00 27.01 ? 25  VAL A O   1 
ATOM   151  C CB  . VAL A 1 20  ? -8.415  6.983   -4.133  1.00 27.35 ? 25  VAL A CB  1 
ATOM   152  C CG1 A VAL A 1 20  ? -9.298  7.645   -3.079  0.50 23.93 ? 25  VAL A CG1 1 
ATOM   153  C CG1 B VAL A 1 20  ? -7.564  8.103   -3.689  0.50 24.16 ? 25  VAL A CG1 1 
ATOM   154  C CG2 A VAL A 1 20  ? -8.128  5.507   -3.907  0.50 24.79 ? 25  VAL A CG2 1 
ATOM   155  C CG2 B VAL A 1 20  ? -9.508  6.730   -3.090  0.50 28.34 ? 25  VAL A CG2 1 
ATOM   156  N N   . MET A 1 21  ? -10.848 8.866   -5.503  1.00 27.54 ? 26  MET A N   1 
ATOM   157  C CA  . MET A 1 21  ? -11.462 10.182  -5.421  1.00 30.86 ? 26  MET A CA  1 
ATOM   158  C C   . MET A 1 21  ? -11.308 10.651  -4.008  1.00 29.35 ? 26  MET A C   1 
ATOM   159  O O   . MET A 1 21  ? -11.821 10.018  -3.108  1.00 32.77 ? 26  MET A O   1 
ATOM   160  C CB  . MET A 1 21  ? -12.972 10.051  -5.739  1.00 32.16 ? 26  MET A CB  1 
ATOM   161  C CG  . MET A 1 21  ? -13.653 11.342  -6.144  1.00 41.79 ? 26  MET A CG  1 
ATOM   162  S SD  . MET A 1 21  ? -13.441 11.667  -7.950  1.00 60.51 ? 26  MET A SD  1 
ATOM   163  C CE  . MET A 1 21  ? -14.325 10.226  -8.656  1.00 55.86 ? 26  MET A CE  1 
ATOM   164  N N   . TYR A 1 22  ? -10.581 11.735  -3.807  1.00 29.73 ? 27  TYR A N   1 
ATOM   165  C CA  . TYR A 1 22  ? -10.291 12.264  -2.469  1.00 31.92 ? 27  TYR A CA  1 
ATOM   166  C C   . TYR A 1 22  ? -10.645 13.747  -2.405  1.00 33.10 ? 27  TYR A C   1 
ATOM   167  O O   . TYR A 1 22  ? -10.129 14.530  -3.186  1.00 33.45 ? 27  TYR A O   1 
ATOM   168  C CB  . TYR A 1 22  ? -8.810  12.000  -2.033  1.00 29.84 ? 27  TYR A CB  1 
ATOM   169  C CG  . TYR A 1 22  ? -8.448  12.644  -0.673  1.00 30.19 ? 27  TYR A CG  1 
ATOM   170  C CD1 . TYR A 1 22  ? -8.944  12.156  0.536   1.00 31.66 ? 27  TYR A CD1 1 
ATOM   171  C CD2 . TYR A 1 22  ? -7.661  13.805  -0.628  1.00 31.89 ? 27  TYR A CD2 1 
ATOM   172  C CE1 . TYR A 1 22  ? -8.608  12.800  1.782   1.00 34.62 ? 27  TYR A CE1 1 
ATOM   173  C CE2 . TYR A 1 22  ? -7.295  14.401  0.546   1.00 31.32 ? 27  TYR A CE2 1 
ATOM   174  C CZ  . TYR A 1 22  ? -7.752  13.927  1.745   1.00 36.73 ? 27  TYR A CZ  1 
ATOM   175  O OH  . TYR A 1 22  ? -7.373  14.630  2.890   1.00 40.10 ? 27  TYR A OH  1 
ATOM   176  N N   . LYS A 1 23  ? -11.490 14.097  -1.429  1.00 36.94 ? 28  LYS A N   1 
ATOM   177  C CA  . LYS A 1 23  ? -12.031 15.478  -1.279  1.00 39.90 ? 28  LYS A CA  1 
ATOM   178  C C   . LYS A 1 23  ? -12.494 15.959  -2.667  1.00 39.91 ? 28  LYS A C   1 
ATOM   179  O O   . LYS A 1 23  ? -12.090 16.991  -3.148  1.00 41.52 ? 28  LYS A O   1 
ATOM   180  C CB  . LYS A 1 23  ? -10.991 16.416  -0.623  1.00 40.14 ? 28  LYS A CB  1 
ATOM   181  C CG  . LYS A 1 23  ? -10.843 16.193  0.860   1.00 41.63 ? 28  LYS A CG  1 
ATOM   182  C CD  . LYS A 1 23  ? -10.222 17.409  1.573   1.00 49.23 ? 28  LYS A CD  1 
ATOM   183  C CE  . LYS A 1 23  ? -10.203 17.135  3.097   1.00 54.38 ? 28  LYS A CE  1 
ATOM   184  N NZ  . LYS A 1 23  ? -9.142  17.893  3.857   1.00 57.54 ? 28  LYS A NZ  1 
ATOM   185  N N   . GLY A 1 24  ? -13.255 15.124  -3.353  1.00 40.25 ? 29  GLY A N   1 
ATOM   186  C CA  . GLY A 1 24  ? -13.785 15.492  -4.639  1.00 40.53 ? 29  GLY A CA  1 
ATOM   187  C C   . GLY A 1 24  ? -12.958 15.511  -5.895  1.00 41.01 ? 29  GLY A C   1 
ATOM   188  O O   . GLY A 1 24  ? -13.505 15.896  -6.934  1.00 41.39 ? 29  GLY A O   1 
ATOM   189  N N   . GLN A 1 25  ? -11.683 15.068  -5.845  1.00 39.78 ? 30  GLN A N   1 
ATOM   190  C CA  . GLN A 1 25  ? -10.750 15.068  -7.014  1.00 40.31 ? 30  GLN A CA  1 
ATOM   191  C C   . GLN A 1 25  ? -10.136 13.690  -7.177  1.00 37.59 ? 30  GLN A C   1 
ATOM   192  O O   . GLN A 1 25  ? -9.769  13.100  -6.147  1.00 36.99 ? 30  GLN A O   1 
ATOM   193  C CB  . GLN A 1 25  ? -9.579  16.006  -6.761  1.00 40.41 ? 30  GLN A CB  1 
ATOM   194  C CG  . GLN A 1 25  ? -10.009 17.390  -6.301  1.00 50.12 ? 30  GLN A CG  1 
ATOM   195  C CD  . GLN A 1 25  ? -9.708  18.482  -7.329  1.00 58.23 ? 30  GLN A CD  1 
ATOM   196  O OE1 . GLN A 1 25  ? -10.427 19.517  -7.419  1.00 61.12 ? 30  GLN A OE1 1 
ATOM   197  N NE2 . GLN A 1 25  ? -8.614  18.275  -8.093  1.00 58.64 ? 30  GLN A NE2 1 
ATOM   198  N N   . PRO A 1 26  ? -9.989  13.199  -8.435  1.00 36.79 ? 31  PRO A N   1 
ATOM   199  C CA  . PRO A 1 26  ? -9.227  11.977  -8.680  1.00 34.85 ? 31  PRO A CA  1 
ATOM   200  C C   . PRO A 1 26  ? -7.750  12.215  -8.344  1.00 33.38 ? 31  PRO A C   1 
ATOM   201  O O   . PRO A 1 26  ? -7.205  13.260  -8.659  1.00 33.19 ? 31  PRO A O   1 
ATOM   202  C CB  . PRO A 1 26  ? -9.401  11.696  -10.190 1.00 36.39 ? 31  PRO A CB  1 
ATOM   203  C CG  . PRO A 1 26  ? -9.825  13.019  -10.816 1.00 38.68 ? 31  PRO A CG  1 
ATOM   204  C CD  . PRO A 1 26  ? -10.466 13.839  -9.696  1.00 37.09 ? 31  PRO A CD  1 
ATOM   205  N N   . MET A 1 27  ? -7.122  11.269  -7.659  1.00 28.81 ? 32  MET A N   1 
ATOM   206  C CA  . MET A 1 27  ? -5.755  11.470  -7.274  1.00 27.84 ? 32  MET A CA  1 
ATOM   207  C C   . MET A 1 27  ? -5.135  10.060  -7.235  1.00 25.95 ? 32  MET A C   1 
ATOM   208  O O   . MET A 1 27  ? -5.795  9.099   -6.880  1.00 26.64 ? 32  MET A O   1 
ATOM   209  C CB  . MET A 1 27  ? -5.660  12.123  -5.865  1.00 29.62 ? 32  MET A CB  1 
ATOM   210  C CG  A MET A 1 27  ? -4.271  12.619  -5.621  0.64 32.12 ? 32  MET A CG  1 
ATOM   211  C CG  B MET A 1 27  ? -6.069  13.602  -5.780  0.36 29.48 ? 32  MET A CG  1 
ATOM   212  S SD  A MET A 1 27  ? -4.153  13.624  -4.150  0.64 41.22 ? 32  MET A SD  1 
ATOM   213  S SD  B MET A 1 27  ? -5.291  14.572  -4.442  0.36 34.69 ? 32  MET A SD  1 
ATOM   214  C CE  A MET A 1 27  ? -2.461  14.163  -4.369  0.64 40.85 ? 32  MET A CE  1 
ATOM   215  C CE  B MET A 1 27  ? -5.462  13.454  -3.067  0.36 32.86 ? 32  MET A CE  1 
ATOM   216  N N   . THR A 1 28  ? -3.881  9.949   -7.660  1.00 23.85 ? 33  THR A N   1 
ATOM   217  C CA  . THR A 1 28  ? -3.126  8.685   -7.538  1.00 22.95 ? 33  THR A CA  1 
ATOM   218  C C   . THR A 1 28  ? -2.444  8.612   -6.152  1.00 21.66 ? 33  THR A C   1 
ATOM   219  O O   . THR A 1 28  ? -1.880  9.631   -5.754  1.00 23.01 ? 33  THR A O   1 
ATOM   220  C CB  . THR A 1 28  ? -2.051  8.622   -8.629  1.00 25.66 ? 33  THR A CB  1 
ATOM   221  O OG1 . THR A 1 28  ? -2.737  8.641   -9.894  1.00 30.56 ? 33  THR A OG1 1 
ATOM   222  C CG2 . THR A 1 28  ? -1.268  7.334   -8.572  1.00 23.39 ? 33  THR A CG2 1 
ATOM   223  N N   . PHE A 1 29  ? -2.617  7.498   -5.438  1.00 21.35 ? 34  PHE A N   1 
ATOM   224  C CA  . PHE A 1 29  ? -1.969  7.253   -4.158  1.00 21.75 ? 34  PHE A CA  1 
ATOM   225  C C   . PHE A 1 29  ? -0.966  6.147   -4.233  1.00 21.34 ? 34  PHE A C   1 
ATOM   226  O O   . PHE A 1 29  ? -1.177  5.134   -4.908  1.00 23.75 ? 34  PHE A O   1 
ATOM   227  C CB  . PHE A 1 29  ? -2.990  6.951   -3.032  1.00 23.28 ? 34  PHE A CB  1 
ATOM   228  C CG  . PHE A 1 29  ? -3.633  8.154   -2.453  1.00 25.36 ? 34  PHE A CG  1 
ATOM   229  C CD1 . PHE A 1 29  ? -4.530  8.904   -3.199  1.00 28.09 ? 34  PHE A CD1 1 
ATOM   230  C CD2 . PHE A 1 29  ? -3.345  8.587   -1.160  1.00 23.21 ? 34  PHE A CD2 1 
ATOM   231  C CE1 . PHE A 1 29  ? -5.143  10.042  -2.615  1.00 34.76 ? 34  PHE A CE1 1 
ATOM   232  C CE2 . PHE A 1 29  ? -3.934  9.727   -0.644  1.00 27.61 ? 34  PHE A CE2 1 
ATOM   233  C CZ  . PHE A 1 29  ? -4.825  10.452  -1.367  1.00 29.65 ? 34  PHE A CZ  1 
ATOM   234  N N   . ARG A 1 30  ? 0.168   6.372   -3.600  1.00 20.98 ? 35  ARG A N   1 
ATOM   235  C CA  . ARG A 1 30  ? 1.170   5.373   -3.385  1.00 21.45 ? 35  ARG A CA  1 
ATOM   236  C C   . ARG A 1 30  ? 1.070   4.930   -1.902  1.00 22.38 ? 35  ARG A C   1 
ATOM   237  O O   . ARG A 1 30  ? 1.059   5.742   -1.003  1.00 22.08 ? 35  ARG A O   1 
ATOM   238  C CB  . ARG A 1 30  ? 2.527   6.027   -3.680  1.00 22.56 ? 35  ARG A CB  1 
ATOM   239  C CG  . ARG A 1 30  ? 3.790   5.214   -3.332  1.00 24.58 ? 35  ARG A CG  1 
ATOM   240  C CD  . ARG A 1 30  ? 3.873   4.040   -4.204  1.00 28.70 ? 35  ARG A CD  1 
ATOM   241  N NE  . ARG A 1 30  ? 5.188   3.353   -4.200  1.00 29.15 ? 35  ARG A NE  1 
ATOM   242  C CZ  . ARG A 1 30  ? 5.587   2.411   -3.318  1.00 30.53 ? 35  ARG A CZ  1 
ATOM   243  N NH1 . ARG A 1 30  ? 4.830   2.014   -2.316  1.00 25.46 ? 35  ARG A NH1 1 
ATOM   244  N NH2 . ARG A 1 30  ? 6.786   1.822   -3.465  1.00 32.73 ? 35  ARG A NH2 1 
ATOM   245  N N   . LEU A 1 31  ? 1.045   3.634   -1.698  1.00 20.22 ? 36  LEU A N   1 
ATOM   246  C CA  . LEU A 1 31  ? 0.953   3.052   -0.333  1.00 20.48 ? 36  LEU A CA  1 
ATOM   247  C C   . LEU A 1 31  ? 2.278   3.311   0.428   1.00 20.68 ? 36  LEU A C   1 
ATOM   248  O O   . LEU A 1 31  ? 3.362   2.804   -0.020  1.00 23.62 ? 36  LEU A O   1 
ATOM   249  C CB  . LEU A 1 31  ? 0.664   1.546   -0.444  1.00 21.04 ? 36  LEU A CB  1 
ATOM   250  C CG  . LEU A 1 31  ? -0.682  1.133   -0.984  1.00 23.42 ? 36  LEU A CG  1 
ATOM   251  C CD1 . LEU A 1 31  ? -0.735  -0.417  -0.795  1.00 27.64 ? 36  LEU A CD1 1 
ATOM   252  C CD2 . LEU A 1 31  ? -1.783  1.692   -0.278  1.00 26.68 ? 36  LEU A CD2 1 
ATOM   253  N N   . LEU A 1 32  ? 2.177   4.009   1.573   1.00 21.50 ? 37  LEU A N   1 
ATOM   254  C CA  . LEU A 1 32  ? 3.335   4.284   2.401   1.00 22.87 ? 37  LEU A CA  1 
ATOM   255  C C   . LEU A 1 32  ? 4.008   3.001   2.911   1.00 22.07 ? 37  LEU A C   1 
ATOM   256  O O   . LEU A 1 32  ? 3.338   2.016   3.268   1.00 22.46 ? 37  LEU A O   1 
ATOM   257  C CB  . LEU A 1 32  ? 2.907   5.074   3.625   1.00 23.70 ? 37  LEU A CB  1 
ATOM   258  C CG  . LEU A 1 32  ? 3.103   6.584   3.504   1.00 26.55 ? 37  LEU A CG  1 
ATOM   259  C CD1 . LEU A 1 32  ? 2.521   7.219   4.763   1.00 28.40 ? 37  LEU A CD1 1 
ATOM   260  C CD2 . LEU A 1 32  ? 4.597   6.927   3.222   1.00 24.73 ? 37  LEU A CD2 1 
ATOM   261  N N   . LEU A 1 33  ? 5.344   3.021   2.910   1.00 22.73 ? 38  LEU A N   1 
ATOM   262  C CA  . LEU A 1 33  ? 6.188   2.078   3.627   1.00 24.75 ? 38  LEU A CA  1 
ATOM   263  C C   . LEU A 1 33  ? 6.287   0.725   3.037   1.00 25.56 ? 38  LEU A C   1 
ATOM   264  O O   . LEU A 1 33  ? 6.872   -0.103  3.681   1.00 28.92 ? 38  LEU A O   1 
ATOM   265  C CB  . LEU A 1 33  ? 5.788   1.913   5.095   1.00 22.88 ? 38  LEU A CB  1 
ATOM   266  C CG  . LEU A 1 33  ? 5.851   3.145   6.049   1.00 28.43 ? 38  LEU A CG  1 
ATOM   267  C CD1 . LEU A 1 33  ? 5.754   2.812   7.471   1.00 30.94 ? 38  LEU A CD1 1 
ATOM   268  C CD2 . LEU A 1 33  ? 6.920   4.183   5.926   1.00 31.96 ? 38  LEU A CD2 1 
ATOM   269  N N   . VAL A 1 34  ? 5.711   0.439   1.864   1.00 24.86 ? 39  VAL A N   1 
ATOM   270  C CA  . VAL A 1 34  ? 5.815   -0.901  1.341   1.00 25.97 ? 39  VAL A CA  1 
ATOM   271  C C   . VAL A 1 34  ? 6.315   -0.876  -0.092  1.00 27.32 ? 39  VAL A C   1 
ATOM   272  O O   . VAL A 1 34  ? 6.079   0.087   -0.801  1.00 28.41 ? 39  VAL A O   1 
ATOM   273  C CB  . VAL A 1 34  ? 4.436   -1.690  1.421   1.00 25.10 ? 39  VAL A CB  1 
ATOM   274  C CG1 . VAL A 1 34  ? 3.947   -1.683  2.852   1.00 27.58 ? 39  VAL A CG1 1 
ATOM   275  C CG2 . VAL A 1 34  ? 3.425   -1.158  0.342   1.00 27.67 ? 39  VAL A CG2 1 
ATOM   276  N N   . ASP A 1 35  ? 7.059   -1.882  -0.474  1.00 27.06 ? 40  ASP A N   1 
ATOM   277  C CA  . ASP A 1 35  ? 7.467   -2.115  -1.866  1.00 29.35 ? 40  ASP A CA  1 
ATOM   278  C C   . ASP A 1 35  ? 6.898   -3.413  -2.326  1.00 29.30 ? 40  ASP A C   1 
ATOM   279  O O   . ASP A 1 35  ? 7.291   -4.455  -1.782  1.00 28.55 ? 40  ASP A O   1 
ATOM   280  C CB  . ASP A 1 35  ? 8.989   -2.261  -1.976  1.00 32.49 ? 40  ASP A CB  1 
ATOM   281  C CG  . ASP A 1 35  ? 9.726   -0.909  -1.832  1.00 40.43 ? 40  ASP A CG  1 
ATOM   282  O OD1 . ASP A 1 35  ? 9.332   0.071   -2.522  1.00 47.86 ? 40  ASP A OD1 1 
ATOM   283  O OD2 . ASP A 1 35  ? 10.712  -0.819  -1.040  1.00 44.47 ? 40  ASP A OD2 1 
ATOM   284  N N   . THR A 1 36  ? 5.990   -3.404  -3.293  1.00 28.64 ? 41  THR A N   1 
ATOM   285  C CA  . THR A 1 36  ? 5.460   -4.619  -3.871  1.00 30.16 ? 41  THR A CA  1 
ATOM   286  C C   . THR A 1 36  ? 6.266   -4.896  -5.140  1.00 31.76 ? 41  THR A C   1 
ATOM   287  O O   . THR A 1 36  ? 6.711   -3.968  -5.784  1.00 32.09 ? 41  THR A O   1 
ATOM   288  C CB  . THR A 1 36  ? 3.991   -4.489  -4.361  1.00 31.58 ? 41  THR A CB  1 
ATOM   289  O OG1 . THR A 1 36  ? 3.854   -3.395  -5.285  1.00 33.07 ? 41  THR A OG1 1 
ATOM   290  C CG2 . THR A 1 36  ? 3.064   -4.213  -3.232  1.00 34.32 ? 41  THR A CG2 1 
ATOM   291  N N   . PRO A 1 37  ? 6.342   -6.153  -5.583  1.00 33.22 ? 42  PRO A N   1 
ATOM   292  C CA  . PRO A 1 37  ? 6.859   -6.418  -6.933  1.00 33.77 ? 42  PRO A CA  1 
ATOM   293  C C   . PRO A 1 37  ? 5.970   -5.749  -8.041  1.00 36.53 ? 42  PRO A C   1 
ATOM   294  O O   . PRO A 1 37  ? 4.796   -5.602  -7.898  1.00 36.96 ? 42  PRO A O   1 
ATOM   295  C CB  . PRO A 1 37  ? 6.809   -7.962  -7.017  1.00 33.84 ? 42  PRO A CB  1 
ATOM   296  C CG  . PRO A 1 37  ? 6.578   -8.400  -5.592  1.00 34.27 ? 42  PRO A CG  1 
ATOM   297  C CD  . PRO A 1 37  ? 5.727   -7.374  -5.016  1.00 31.56 ? 42  PRO A CD  1 
ATOM   298  N N   . GLU A 1 38  ? 6.540   -5.346  -9.145  1.00 40.12 ? 43  GLU A N   1 
ATOM   299  C CA  . GLU A 1 38  ? 5.755   -4.543  -10.056 1.00 43.09 ? 43  GLU A CA  1 
ATOM   300  C C   . GLU A 1 38  ? 5.410   -5.247  -11.333 1.00 43.79 ? 43  GLU A C   1 
ATOM   301  O O   . GLU A 1 38  ? 6.076   -6.180  -11.708 1.00 43.92 ? 43  GLU A O   1 
ATOM   302  C CB  . GLU A 1 38  ? 6.426   -3.216  -10.280 1.00 43.65 ? 43  GLU A CB  1 
ATOM   303  C CG  . GLU A 1 38  ? 6.332   -2.343  -8.976  1.00 48.02 ? 43  GLU A CG  1 
ATOM   304  C CD  . GLU A 1 38  ? 7.153   -1.048  -9.076  1.00 51.63 ? 43  GLU A CD  1 
ATOM   305  O OE1 . GLU A 1 38  ? 6.935   -0.263  -10.053 1.00 51.00 ? 43  GLU A OE1 1 
ATOM   306  O OE2 . GLU A 1 38  ? 8.012   -0.840  -8.185  1.00 51.94 ? 43  GLU A OE2 1 
ATOM   307  N N   . THR A 1 39  ? 4.266   -4.861  -11.889 1.00 45.75 ? 44  THR A N   1 
ATOM   308  C CA  . THR A 1 39  ? 3.824   -5.304  -13.197 1.00 48.24 ? 44  THR A CA  1 
ATOM   309  C C   . THR A 1 39  ? 4.150   -4.239  -14.289 1.00 51.84 ? 44  THR A C   1 
ATOM   310  O O   . THR A 1 39  ? 4.205   -4.555  -15.481 1.00 51.33 ? 44  THR A O   1 
ATOM   311  C CB  . THR A 1 39  ? 2.319   -5.595  -13.207 1.00 47.63 ? 44  THR A CB  1 
ATOM   312  O OG1 . THR A 1 39  ? 1.566   -4.385  -12.985 1.00 44.99 ? 44  THR A OG1 1 
ATOM   313  C CG2 . THR A 1 39  ? 1.985   -6.600  -12.143 1.00 47.56 ? 44  THR A CG2 1 
ATOM   314  N N   . LYS A 1 40  ? 4.327   -2.989  -13.847 1.00 55.39 ? 45  LYS A N   1 
ATOM   315  C CA  . LYS A 1 40  ? 4.746   -1.865  -14.706 1.00 59.31 ? 45  LYS A CA  1 
ATOM   316  C C   . LYS A 1 40  ? 5.879   -1.124  -13.947 1.00 61.38 ? 45  LYS A C   1 
ATOM   317  O O   . LYS A 1 40  ? 5.801   0.098   -13.634 1.00 61.23 ? 45  LYS A O   1 
ATOM   318  C CB  . LYS A 1 40  ? 3.543   -0.986  -15.152 1.00 59.38 ? 45  LYS A CB  1 
ATOM   319  C CG  . LYS A 1 40  ? 2.517   -0.659  -14.066 1.00 61.38 ? 45  LYS A CG  1 
ATOM   320  C CD  . LYS A 1 40  ? 1.117   -0.355  -14.618 1.00 61.49 ? 45  LYS A CD  1 
ATOM   321  C CE  . LYS A 1 40  ? 0.833   1.178   -14.474 1.00 62.37 ? 45  LYS A CE  1 
ATOM   322  N NZ  . LYS A 1 40  ? -0.246  1.799   -15.364 1.00 60.71 ? 45  LYS A NZ  1 
ATOM   323  N N   . HIS A 1 41  ? 6.890   -1.940  -13.598 1.00 63.07 ? 46  HIS A N   1 
ATOM   324  C CA  . HIS A 1 41  ? 8.231   -1.504  -13.234 1.00 65.36 ? 46  HIS A CA  1 
ATOM   325  C C   . HIS A 1 41  ? 8.912   -0.790  -14.464 1.00 66.92 ? 46  HIS A C   1 
ATOM   326  O O   . HIS A 1 41  ? 8.885   -1.345  -15.630 1.00 66.58 ? 46  HIS A O   1 
ATOM   327  C CB  . HIS A 1 41  ? 9.107   -2.698  -12.751 1.00 65.45 ? 46  HIS A CB  1 
ATOM   328  C CG  . HIS A 1 41  ? 10.413  -2.285  -12.116 1.00 65.73 ? 46  HIS A CG  1 
ATOM   329  N ND1 . HIS A 1 41  ? 11.424  -1.656  -12.814 1.00 64.76 ? 46  HIS A ND1 1 
ATOM   330  C CD2 . HIS A 1 41  ? 10.858  -2.394  -10.841 1.00 64.52 ? 46  HIS A CD2 1 
ATOM   331  C CE1 . HIS A 1 41  ? 12.424  -1.380  -11.997 1.00 64.18 ? 46  HIS A CE1 1 
ATOM   332  N NE2 . HIS A 1 41  ? 12.105  -1.821  -10.794 1.00 65.56 ? 46  HIS A NE2 1 
ATOM   333  N N   . PRO A 1 42  ? 9.519   0.424   -14.188 1.00 68.02 ? 47  PRO A N   1 
ATOM   334  C CA  . PRO A 1 42  ? 10.189  1.322   -15.167 1.00 68.78 ? 47  PRO A CA  1 
ATOM   335  C C   . PRO A 1 42  ? 11.271  0.685   -16.039 1.00 68.94 ? 47  PRO A C   1 
ATOM   336  O O   . PRO A 1 42  ? 11.257  0.896   -17.234 1.00 69.18 ? 47  PRO A O   1 
ATOM   337  C CB  . PRO A 1 42  ? 10.735  2.484   -14.296 1.00 69.14 ? 47  PRO A CB  1 
ATOM   338  C CG  . PRO A 1 42  ? 9.794   2.548   -13.074 1.00 68.98 ? 47  PRO A CG  1 
ATOM   339  C CD  . PRO A 1 42  ? 9.422   1.066   -12.840 1.00 68.58 ? 47  PRO A CD  1 
ATOM   340  N N   . LYS A 1 43  ? 12.179  -0.104  -15.472 1.00 69.74 ? 48  LYS A N   1 
ATOM   341  C CA  . LYS A 1 43  ? 13.183  -0.828  -16.303 1.00 70.74 ? 48  LYS A CA  1 
ATOM   342  C C   . LYS A 1 43  ? 12.882  -2.323  -16.446 1.00 70.02 ? 48  LYS A C   1 
ATOM   343  O O   . LYS A 1 43  ? 13.096  -2.920  -17.504 1.00 69.68 ? 48  LYS A O   1 
ATOM   344  C CB  . LYS A 1 43  ? 14.624  -0.618  -15.782 1.00 71.33 ? 48  LYS A CB  1 
ATOM   345  C CG  . LYS A 1 43  ? 14.985  0.861   -15.475 1.00 73.85 ? 48  LYS A CG  1 
ATOM   346  C CD  . LYS A 1 43  ? 14.858  1.176   -13.949 1.00 78.62 ? 48  LYS A CD  1 
ATOM   347  C CE  . LYS A 1 43  ? 14.387  2.634   -13.639 1.00 81.63 ? 48  LYS A CE  1 
ATOM   348  N NZ  . LYS A 1 43  ? 15.148  3.730   -14.343 1.00 82.33 ? 48  LYS A NZ  1 
ATOM   349  N N   . LYS A 1 44  ? 12.361  -2.898  -15.366 1.00 69.55 ? 49  LYS A N   1 
ATOM   350  C CA  . LYS A 1 44  ? 12.153  -4.328  -15.247 1.00 69.24 ? 49  LYS A CA  1 
ATOM   351  C C   . LYS A 1 44  ? 10.784  -4.787  -15.821 1.00 68.20 ? 49  LYS A C   1 
ATOM   352  O O   . LYS A 1 44  ? 10.703  -5.886  -16.396 1.00 68.23 ? 49  LYS A O   1 
ATOM   353  C CB  . LYS A 1 44  ? 12.453  -4.752  -13.779 1.00 69.72 ? 49  LYS A CB  1 
ATOM   354  C CG  . LYS A 1 44  ? 12.516  -6.256  -13.385 1.00 71.98 ? 49  LYS A CG  1 
ATOM   355  C CD  . LYS A 1 44  ? 12.882  -7.282  -14.491 1.00 74.79 ? 49  LYS A CD  1 
ATOM   356  C CE  . LYS A 1 44  ? 12.499  -8.711  -14.064 1.00 74.68 ? 49  LYS A CE  1 
ATOM   357  N NZ  . LYS A 1 44  ? 12.738  -9.676  -15.175 1.00 76.62 ? 49  LYS A NZ  1 
ATOM   358  N N   . GLY A 1 45  ? 9.724   -3.960  -15.727 1.00 66.56 ? 50  GLY A N   1 
ATOM   359  C CA  . GLY A 1 45  ? 8.412   -4.385  -16.259 1.00 64.58 ? 50  GLY A CA  1 
ATOM   360  C C   . GLY A 1 45  ? 7.578   -5.341  -15.362 1.00 63.11 ? 50  GLY A C   1 
ATOM   361  O O   . GLY A 1 45  ? 7.023   -4.872  -14.347 1.00 63.67 ? 50  GLY A O   1 
ATOM   362  N N   . VAL A 1 46  ? 7.462   -6.649  -15.724 1.00 60.50 ? 51  VAL A N   1 
ATOM   363  C CA  . VAL A 1 46  ? 6.711   -7.700  -14.902 1.00 57.29 ? 51  VAL A CA  1 
ATOM   364  C C   . VAL A 1 46  ? 7.581   -8.630  -14.050 1.00 54.24 ? 51  VAL A C   1 
ATOM   365  O O   . VAL A 1 46  ? 8.181   -9.555  -14.549 1.00 54.01 ? 51  VAL A O   1 
ATOM   366  C CB  . VAL A 1 46  ? 5.712   -8.579  -15.737 1.00 56.99 ? 51  VAL A CB  1 
ATOM   367  C CG1 . VAL A 1 46  ? 4.813   -9.447  -14.824 1.00 57.32 ? 51  VAL A CG1 1 
ATOM   368  C CG2 . VAL A 1 46  ? 4.848   -7.687  -16.601 1.00 58.73 ? 51  VAL A CG2 1 
ATOM   369  N N   . GLU A 1 47  ? 7.589   -8.386  -12.749 1.00 50.26 ? 52  GLU A N   1 
ATOM   370  C CA  . GLU A 1 47  ? 8.446   -9.070  -11.823 1.00 47.13 ? 52  GLU A CA  1 
ATOM   371  C C   . GLU A 1 47  ? 7.673   -10.186 -11.151 1.00 45.65 ? 52  GLU A C   1 
ATOM   372  O O   . GLU A 1 47  ? 6.449   -10.109 -11.109 1.00 45.28 ? 52  GLU A O   1 
ATOM   373  C CB  . GLU A 1 47  ? 8.853   -8.084  -10.747 1.00 47.33 ? 52  GLU A CB  1 
ATOM   374  C CG  . GLU A 1 47  ? 9.522   -6.813  -11.199 1.00 45.15 ? 52  GLU A CG  1 
ATOM   375  C CD  . GLU A 1 47  ? 9.967   -6.009  -10.004 1.00 48.44 ? 52  GLU A CD  1 
ATOM   376  O OE1 . GLU A 1 47  ? 9.140   -5.310  -9.408  1.00 46.26 ? 52  GLU A OE1 1 
ATOM   377  O OE2 . GLU A 1 47  ? 11.146  -6.095  -9.606  1.00 51.20 ? 52  GLU A OE2 1 
ATOM   378  N N   . LYS A 1 48  ? 8.363   -11.199 -10.592 1.00 44.29 ? 53  LYS A N   1 
ATOM   379  C CA  . LYS A 1 48  ? 7.708   -12.344 -9.885  1.00 43.16 ? 53  LYS A CA  1 
ATOM   380  C C   . LYS A 1 48  ? 6.880   -11.940 -8.617  1.00 40.58 ? 53  LYS A C   1 
ATOM   381  O O   . LYS A 1 48  ? 7.375   -11.171 -7.796  1.00 40.58 ? 53  LYS A O   1 
ATOM   382  C CB  . LYS A 1 48  ? 8.723   -13.433 -9.510  1.00 43.47 ? 53  LYS A CB  1 
ATOM   383  C CG  . LYS A 1 48  ? 8.038   -14.740 -9.210  1.00 46.25 ? 53  LYS A CG  1 
ATOM   384  C CD  . LYS A 1 48  ? 9.088   -15.836 -9.046  1.00 55.05 ? 53  LYS A CD  1 
ATOM   385  C CE  . LYS A 1 48  ? 8.744   -16.799 -7.912  1.00 59.52 ? 53  LYS A CE  1 
ATOM   386  N NZ  . LYS A 1 48  ? 7.503   -17.571 -8.263  1.00 63.30 ? 53  LYS A NZ  1 
ATOM   387  N N   . TYR A 1 49  ? 5.647   -12.462 -8.505  1.00 37.73 ? 54  TYR A N   1 
ATOM   388  C CA  . TYR A 1 49  ? 4.646   -12.067 -7.494  1.00 35.89 ? 54  TYR A CA  1 
ATOM   389  C C   . TYR A 1 49  ? 4.048   -10.675 -7.777  1.00 34.59 ? 54  TYR A C   1 
ATOM   390  O O   . TYR A 1 49  ? 3.178   -10.241 -7.028  1.00 32.90 ? 54  TYR A O   1 
ATOM   391  C CB  . TYR A 1 49  ? 5.194   -12.128 -6.041  1.00 36.37 ? 54  TYR A CB  1 
ATOM   392  C CG  . TYR A 1 49  ? 5.535   -13.554 -5.611  1.00 37.71 ? 54  TYR A CG  1 
ATOM   393  C CD1 . TYR A 1 49  ? 4.519   -14.488 -5.443  1.00 39.59 ? 54  TYR A CD1 1 
ATOM   394  C CD2 . TYR A 1 49  ? 6.861   -13.972 -5.447  1.00 39.84 ? 54  TYR A CD2 1 
ATOM   395  C CE1 . TYR A 1 49  ? 4.799   -15.808 -5.077  1.00 41.14 ? 54  TYR A CE1 1 
ATOM   396  C CE2 . TYR A 1 49  ? 7.165   -15.317 -5.085  1.00 42.19 ? 54  TYR A CE2 1 
ATOM   397  C CZ  . TYR A 1 49  ? 6.109   -16.199 -4.898  1.00 43.03 ? 54  TYR A CZ  1 
ATOM   398  O OH  . TYR A 1 49  ? 6.293   -17.520 -4.550  1.00 48.89 ? 54  TYR A OH  1 
ATOM   399  N N   . GLY A 1 50  ? 4.481   -10.016 -8.857  1.00 32.47 ? 55  GLY A N   1 
ATOM   400  C CA  . GLY A 1 50  ? 3.879   -8.742  -9.273  1.00 31.97 ? 55  GLY A CA  1 
ATOM   401  C C   . GLY A 1 50  ? 2.405   -8.930  -9.595  1.00 30.92 ? 55  GLY A C   1 
ATOM   402  O O   . GLY A 1 50  ? 1.566   -8.217  -9.032  1.00 30.87 ? 55  GLY A O   1 
ATOM   403  N N   . PRO A 1 51  ? 2.056   -9.858  -10.509 1.00 30.73 ? 56  PRO A N   1 
ATOM   404  C CA  . PRO A 1 51  ? 0.615   -9.964  -10.721 1.00 30.50 ? 56  PRO A CA  1 
ATOM   405  C C   . PRO A 1 51  ? -0.203  -10.364 -9.462  1.00 30.53 ? 56  PRO A C   1 
ATOM   406  O O   . PRO A 1 51  ? -1.365  -9.942  -9.331  1.00 31.61 ? 56  PRO A O   1 
ATOM   407  C CB  . PRO A 1 51  ? 0.497   -11.036 -11.844 1.00 32.38 ? 56  PRO A CB  1 
ATOM   408  C CG  . PRO A 1 51  ? 1.857   -11.047 -12.550 1.00 28.92 ? 56  PRO A CG  1 
ATOM   409  C CD  . PRO A 1 51  ? 2.842   -10.661 -11.489 1.00 32.05 ? 56  PRO A CD  1 
ATOM   410  N N   . GLU A 1 52  ? 0.365   -11.203 -8.611  1.00 29.76 ? 57  GLU A N   1 
ATOM   411  C CA  . GLU A 1 52  ? -0.259  -11.618 -7.354  1.00 30.50 ? 57  GLU A CA  1 
ATOM   412  C C   . GLU A 1 52  ? -0.510  -10.466 -6.382  1.00 29.35 ? 57  GLU A C   1 
ATOM   413  O O   . GLU A 1 52  ? -1.612  -10.356 -5.834  1.00 29.69 ? 57  GLU A O   1 
ATOM   414  C CB  . GLU A 1 52  ? 0.631   -12.567 -6.582  1.00 30.76 ? 57  GLU A CB  1 
ATOM   415  C CG  . GLU A 1 52  ? 0.573   -13.997 -7.113  1.00 37.08 ? 57  GLU A CG  1 
ATOM   416  C CD  . GLU A 1 52  ? 1.350   -14.170 -8.395  1.00 39.58 ? 57  GLU A CD  1 
ATOM   417  O OE1 . GLU A 1 52  ? 2.120   -13.283 -8.862  1.00 37.02 ? 57  GLU A OE1 1 
ATOM   418  O OE2 . GLU A 1 52  ? 1.187   -15.245 -8.967  1.00 48.57 ? 57  GLU A OE2 1 
ATOM   419  N N   . ALA A 1 53  ? 0.516   -9.644  -6.155  1.00 29.08 ? 58  ALA A N   1 
ATOM   420  C CA  . ALA A 1 53  ? 0.388   -8.367  -5.367  1.00 28.09 ? 58  ALA A CA  1 
ATOM   421  C C   . ALA A 1 53  ? -0.639  -7.445  -5.912  1.00 27.89 ? 58  ALA A C   1 
ATOM   422  O O   . ALA A 1 53  ? -1.488  -6.947  -5.180  1.00 24.87 ? 58  ALA A O   1 
ATOM   423  C CB  . ALA A 1 53  ? 1.732   -7.640  -5.234  1.00 27.56 ? 58  ALA A CB  1 
ATOM   424  N N   . SER A 1 54  ? -0.619  -7.246  -7.225  1.00 26.43 ? 59  SER A N   1 
ATOM   425  C CA  . SER A 1 54  ? -1.638  -6.454  -7.935  1.00 28.09 ? 59  SER A CA  1 
ATOM   426  C C   . SER A 1 54  ? -3.057  -7.008  -7.756  1.00 27.33 ? 59  SER A C   1 
ATOM   427  O O   . SER A 1 54  ? -3.968  -6.251  -7.416  1.00 26.15 ? 59  SER A O   1 
ATOM   428  C CB  . SER A 1 54  ? -1.198  -6.360  -9.393  1.00 27.69 ? 59  SER A CB  1 
ATOM   429  O OG  . SER A 1 54  ? -2.018  -5.410  -9.967  1.00 40.14 ? 59  SER A OG  1 
ATOM   430  N N   . ALA A 1 55  ? -3.247  -8.312  -7.920  1.00 27.49 ? 60  ALA A N   1 
ATOM   431  C CA  . ALA A 1 55  ? -4.590  -8.853  -7.735  1.00 27.65 ? 60  ALA A CA  1 
ATOM   432  C C   . ALA A 1 55  ? -5.075  -8.702  -6.292  1.00 25.76 ? 60  ALA A C   1 
ATOM   433  O O   . ALA A 1 55  ? -6.267  -8.450  -6.049  1.00 27.47 ? 60  ALA A O   1 
ATOM   434  C CB  . ALA A 1 55  ? -4.662  -10.313 -8.195  1.00 28.09 ? 60  ALA A CB  1 
ATOM   435  N N   . PHE A 1 56  ? -4.184  -8.899  -5.348  1.00 25.37 ? 61  PHE A N   1 
ATOM   436  C CA  . PHE A 1 56  ? -4.504  -8.844  -3.929  1.00 26.56 ? 61  PHE A CA  1 
ATOM   437  C C   . PHE A 1 56  ? -4.981  -7.421  -3.546  1.00 24.64 ? 61  PHE A C   1 
ATOM   438  O O   . PHE A 1 56  ? -6.015  -7.260  -2.969  1.00 24.72 ? 61  PHE A O   1 
ATOM   439  C CB  . PHE A 1 56  ? -3.271  -9.290  -3.125  1.00 25.68 ? 61  PHE A CB  1 
ATOM   440  C CG  . PHE A 1 56  ? -3.504  -9.360  -1.613  1.00 29.76 ? 61  PHE A CG  1 
ATOM   441  C CD1 . PHE A 1 56  ? -3.401  -8.221  -0.831  1.00 30.42 ? 61  PHE A CD1 1 
ATOM   442  C CD2 . PHE A 1 56  ? -3.860  -10.563 -0.995  1.00 31.70 ? 61  PHE A CD2 1 
ATOM   443  C CE1 . PHE A 1 56  ? -3.585  -8.274  0.612   1.00 32.71 ? 61  PHE A CE1 1 
ATOM   444  C CE2 . PHE A 1 56  ? -4.112  -10.603 0.409   1.00 34.32 ? 61  PHE A CE2 1 
ATOM   445  C CZ  . PHE A 1 56  ? -3.971  -9.452  1.189   1.00 31.96 ? 61  PHE A CZ  1 
ATOM   446  N N   . THR A 1 57  ? -4.221  -6.375  -3.896  1.00 24.63 ? 62  THR A N   1 
ATOM   447  C CA  . THR A 1 57  ? -4.646  -5.009  -3.598  1.00 24.53 ? 62  THR A CA  1 
ATOM   448  C C   . THR A 1 57  ? -5.995  -4.670  -4.274  1.00 23.85 ? 62  THR A C   1 
ATOM   449  O O   . THR A 1 57  ? -6.897  -4.121  -3.671  1.00 23.78 ? 62  THR A O   1 
ATOM   450  C CB  . THR A 1 57  ? -3.554  -4.087  -4.093  1.00 23.47 ? 62  THR A CB  1 
ATOM   451  O OG1 . THR A 1 57  ? -2.388  -4.307  -3.295  1.00 21.40 ? 62  THR A OG1 1 
ATOM   452  C CG2 . THR A 1 57  ? -4.005  -2.627  -4.004  1.00 23.82 ? 62  THR A CG2 1 
ATOM   453  N N   . LYS A 1 58  ? -6.126  -5.049  -5.550  1.00 24.66 ? 63  LYS A N   1 
ATOM   454  C CA  . LYS A 1 58  ? -7.357  -4.868  -6.353  1.00 26.08 ? 63  LYS A CA  1 
ATOM   455  C C   . LYS A 1 58  ? -8.590  -5.491  -5.704  1.00 26.78 ? 63  LYS A C   1 
ATOM   456  O O   . LYS A 1 58  ? -9.566  -4.785  -5.468  1.00 27.96 ? 63  LYS A O   1 
ATOM   457  C CB  . LYS A 1 58  ? -7.167  -5.454  -7.779  1.00 25.10 ? 63  LYS A CB  1 
ATOM   458  C CG  . LYS A 1 58  ? -8.405  -5.252  -8.682  1.00 32.82 ? 63  LYS A CG  1 
ATOM   459  C CD  . LYS A 1 58  ? -8.071  -5.747  -10.115 1.00 39.41 ? 63  LYS A CD  1 
ATOM   460  C CE  . LYS A 1 58  ? -8.961  -5.103  -11.182 1.00 45.64 ? 63  LYS A CE  1 
ATOM   461  N NZ  . LYS A 1 58  ? -10.231 -5.821  -11.089 1.00 47.61 ? 63  LYS A NZ  1 
ATOM   462  N N   . LYS A 1 59  ? -8.507  -6.760  -5.345  1.00 27.47 ? 64  LYS A N   1 
ATOM   463  C CA  . LYS A 1 59  ? -9.594  -7.446  -4.696  1.00 29.74 ? 64  LYS A CA  1 
ATOM   464  C C   . LYS A 1 59  ? -9.952  -6.865  -3.395  1.00 29.20 ? 64  LYS A C   1 
ATOM   465  O O   . LYS A 1 59  ? -11.113 -6.644  -3.136  1.00 30.24 ? 64  LYS A O   1 
ATOM   466  C CB  . LYS A 1 59  ? -9.286  -8.914  -4.556  1.00 30.87 ? 64  LYS A CB  1 
ATOM   467  C CG  . LYS A 1 59  ? -9.687  -9.566  -5.901  1.00 41.13 ? 64  LYS A CG  1 
ATOM   468  C CD  . LYS A 1 59  ? -8.993  -10.940 -6.245  1.00 52.60 ? 64  LYS A CD  1 
ATOM   469  C CE  . LYS A 1 59  ? -8.457  -10.970 -7.718  1.00 55.42 ? 64  LYS A CE  1 
ATOM   470  N NZ  . LYS A 1 59  ? -7.964  -9.595  -8.163  1.00 56.17 ? 64  LYS A NZ  1 
ATOM   471  N N   . MET A 1 60  ? -8.954  -6.515  -2.600  1.00 28.37 ? 65  MET A N   1 
ATOM   472  C CA  . MET A 1 60  ? -9.187  -5.934  -1.278  1.00 29.19 ? 65  MET A CA  1 
ATOM   473  C C   . MET A 1 60  ? -9.903  -4.623  -1.337  1.00 27.83 ? 65  MET A C   1 
ATOM   474  O O   . MET A 1 60  ? -10.830 -4.430  -0.552  1.00 29.39 ? 65  MET A O   1 
ATOM   475  C CB  . MET A 1 60  ? -7.828  -5.789  -0.535  1.00 30.03 ? 65  MET A CB  1 
ATOM   476  C CG  . MET A 1 60  ? -7.995  -5.458  0.903   1.00 35.89 ? 65  MET A CG  1 
ATOM   477  S SD  . MET A 1 60  ? -6.468  -5.838  1.846   1.00 36.95 ? 65  MET A SD  1 
ATOM   478  C CE  . MET A 1 60  ? -7.006  -5.175  3.427   1.00 31.48 ? 65  MET A CE  1 
ATOM   479  N N   . LEU A 1 61  ? -9.515  -3.707  -2.243  1.00 26.88 ? 66  LEU A N   1 
ATOM   480  C CA  . LEU A 1 61  ? -10.142 -2.403  -2.372  1.00 27.50 ? 66  LEU A CA  1 
ATOM   481  C C   . LEU A 1 61  ? -11.485 -2.500  -3.095  1.00 28.79 ? 66  LEU A C   1 
ATOM   482  O O   . LEU A 1 61  ? -12.415 -1.796  -2.724  1.00 28.46 ? 66  LEU A O   1 
ATOM   483  C CB  . LEU A 1 61  ? -9.214  -1.466  -3.145  1.00 29.51 ? 66  LEU A CB  1 
ATOM   484  C CG  . LEU A 1 61  ? -8.359  -1.120  -1.943  1.00 28.96 ? 66  LEU A CG  1 
ATOM   485  C CD1 . LEU A 1 61  ? -7.068  -1.925  -1.870  1.00 39.34 ? 66  LEU A CD1 1 
ATOM   486  C CD2 . LEU A 1 61  ? -8.025  0.343   -1.932  1.00 42.27 ? 66  LEU A CD2 1 
ATOM   487  N N   . GLU A 1 62  ? -11.579 -3.372  -4.096  1.00 28.81 ? 67  GLU A N   1 
ATOM   488  C CA  . GLU A 1 62  ? -12.814 -3.379  -4.923  1.00 30.51 ? 67  GLU A CA  1 
ATOM   489  C C   . GLU A 1 62  ? -13.965 -3.974  -4.141  1.00 31.30 ? 67  GLU A C   1 
ATOM   490  O O   . GLU A 1 62  ? -15.124 -3.658  -4.411  1.00 33.11 ? 67  GLU A O   1 
ATOM   491  C CB  . GLU A 1 62  ? -12.623 -4.146  -6.213  1.00 30.05 ? 67  GLU A CB  1 
ATOM   492  C CG  . GLU A 1 62  ? -11.996 -3.357  -7.292  1.00 34.57 ? 67  GLU A CG  1 
ATOM   493  C CD  . GLU A 1 62  ? -11.741 -4.116  -8.594  1.00 39.63 ? 67  GLU A CD  1 
ATOM   494  O OE1 . GLU A 1 62  ? -12.066 -5.323  -8.686  1.00 42.73 ? 67  GLU A OE1 1 
ATOM   495  O OE2 . GLU A 1 62  ? -11.177 -3.485  -9.511  1.00 38.61 ? 67  GLU A OE2 1 
ATOM   496  N N   . ASN A 1 63  ? -13.658 -4.862  -3.211  1.00 32.60 ? 68  ASN A N   1 
ATOM   497  C CA  . ASN A 1 63  ? -14.691 -5.547  -2.491  1.00 33.91 ? 68  ASN A CA  1 
ATOM   498  C C   . ASN A 1 63  ? -15.051 -4.928  -1.189  1.00 32.67 ? 68  ASN A C   1 
ATOM   499  O O   . ASN A 1 63  ? -15.825 -5.467  -0.453  1.00 34.12 ? 68  ASN A O   1 
ATOM   500  C CB  . ASN A 1 63  ? -14.322 -7.023  -2.351  1.00 34.92 ? 68  ASN A CB  1 
ATOM   501  C CG  . ASN A 1 63  ? -14.371 -7.742  -3.682  1.00 41.31 ? 68  ASN A CG  1 
ATOM   502  O OD1 . ASN A 1 63  ? -13.441 -8.442  -4.046  1.00 48.37 ? 68  ASN A OD1 1 
ATOM   503  N ND2 . ASN A 1 63  ? -15.444 -7.511  -4.457  1.00 46.14 ? 68  ASN A ND2 1 
ATOM   504  N N   . ALA A 1 64  ? -14.487 -3.772  -0.908  1.00 30.76 ? 69  ALA A N   1 
ATOM   505  C CA  . ALA A 1 64  ? -14.666 -3.162  0.382   1.00 29.81 ? 69  ALA A CA  1 
ATOM   506  C C   . ALA A 1 64  ? -15.999 -2.343  0.409   1.00 29.63 ? 69  ALA A C   1 
ATOM   507  O O   . ALA A 1 64  ? -16.414 -1.720  -0.603  1.00 31.06 ? 69  ALA A O   1 
ATOM   508  C CB  . ALA A 1 64  ? -13.471 -2.237  0.705   1.00 29.43 ? 69  ALA A CB  1 
ATOM   509  N N   . LYS A 1 65  ? -16.611 -2.259  1.562   1.00 28.62 ? 70  LYS A N   1 
ATOM   510  C CA  . LYS A 1 65  ? -17.718 -1.282  1.765   1.00 30.67 ? 70  LYS A CA  1 
ATOM   511  C C   . LYS A 1 65  ? -17.232 0.163   1.919   1.00 29.14 ? 70  LYS A C   1 
ATOM   512  O O   . LYS A 1 65  ? -17.887 1.082   1.411   1.00 29.57 ? 70  LYS A O   1 
ATOM   513  C CB  . LYS A 1 65  ? -18.520 -1.609  3.058   1.00 30.69 ? 70  LYS A CB  1 
ATOM   514  C CG  . LYS A 1 65  ? -18.717 -3.086  3.288   1.00 35.70 ? 70  LYS A CG  1 
ATOM   515  C CD  . LYS A 1 65  ? -19.964 -3.335  4.109   1.00 36.23 ? 70  LYS A CD  1 
ATOM   516  C CE  . LYS A 1 65  ? -19.969 -2.720  5.470   1.00 34.69 ? 70  LYS A CE  1 
ATOM   517  N NZ  . LYS A 1 65  ? -21.125 -3.359  6.193   1.00 36.32 ? 70  LYS A NZ  1 
ATOM   518  N N   . LYS A 1 66  ? -16.114 0.351   2.665   1.00 27.04 ? 71  LYS A N   1 
ATOM   519  C CA  . LYS A 1 66  ? -15.574 1.643   3.050   1.00 27.78 ? 71  LYS A CA  1 
ATOM   520  C C   . LYS A 1 66  ? -14.073 1.634   2.762   1.00 26.94 ? 71  LYS A C   1 
ATOM   521  O O   . LYS A 1 66  ? -13.413 0.733   3.213   1.00 27.62 ? 71  LYS A O   1 
ATOM   522  C CB  . LYS A 1 66  ? -15.761 1.879   4.541   1.00 27.47 ? 71  LYS A CB  1 
ATOM   523  C CG  . LYS A 1 66  ? -17.200 2.230   4.938   1.00 35.70 ? 71  LYS A CG  1 
ATOM   524  C CD  . LYS A 1 66  ? -17.418 2.342   6.447   1.00 37.42 ? 71  LYS A CD  1 
ATOM   525  C CE  . LYS A 1 66  ? -18.913 2.646   6.801   1.00 44.13 ? 71  LYS A CE  1 
ATOM   526  N NZ  . LYS A 1 66  ? -19.280 2.343   8.256   1.00 44.85 ? 71  LYS A NZ  1 
ATOM   527  N N   . ILE A 1 67  ? -13.568 2.614   2.041   1.00 25.59 ? 72  ILE A N   1 
ATOM   528  C CA  . ILE A 1 67  ? -12.077 2.810   1.826   1.00 24.40 ? 72  ILE A CA  1 
ATOM   529  C C   . ILE A 1 67  ? -11.774 4.102   2.565   1.00 23.00 ? 72  ILE A C   1 
ATOM   530  O O   . ILE A 1 67  ? -12.564 5.105   2.483   1.00 23.49 ? 72  ILE A O   1 
ATOM   531  C CB  . ILE A 1 67  ? -11.711 2.914   0.366   1.00 24.36 ? 72  ILE A CB  1 
ATOM   532  C CG1 . ILE A 1 67  ? -12.161 1.586   -0.271  1.00 27.42 ? 72  ILE A CG1 1 
ATOM   533  C CG2 . ILE A 1 67  ? -10.144 3.285   0.140   1.00 25.01 ? 72  ILE A CG2 1 
ATOM   534  C CD1 A ILE A 1 67  ? -11.362 1.111   -1.452  0.27 27.10 ? 72  ILE A CD1 1 
ATOM   535  C CD1 B ILE A 1 67  ? -11.300 0.418   0.064   0.73 34.31 ? 72  ILE A CD1 1 
ATOM   536  N N   . GLU A 1 68  ? -10.711 4.129   3.356   1.00 20.94 ? 73  GLU A N   1 
ATOM   537  C CA  . GLU A 1 68  ? -10.297 5.349   4.024   1.00 19.11 ? 73  GLU A CA  1 
ATOM   538  C C   . GLU A 1 68  ? -8.803  5.574   3.774   1.00 20.90 ? 73  GLU A C   1 
ATOM   539  O O   . GLU A 1 68  ? -8.084  4.599   3.526   1.00 23.13 ? 73  GLU A O   1 
ATOM   540  C CB  . GLU A 1 68  ? -10.506 5.307   5.506   1.00 20.02 ? 73  GLU A CB  1 
ATOM   541  C CG  . GLU A 1 68  ? -11.996 5.082   5.839   1.00 27.23 ? 73  GLU A CG  1 
ATOM   542  C CD  . GLU A 1 68  ? -12.145 4.667   7.257   1.00 33.44 ? 73  GLU A CD  1 
ATOM   543  O OE1 . GLU A 1 68  ? -11.600 3.595   7.621   1.00 34.91 ? 73  GLU A OE1 1 
ATOM   544  O OE2 . GLU A 1 68  ? -12.761 5.448   8.012   1.00 37.93 ? 73  GLU A OE2 1 
ATOM   545  N N   . VAL A 1 69  ? -8.380  6.834   3.851   1.00 21.78 ? 74  VAL A N   1 
ATOM   546  C CA  . VAL A 1 69  ? -6.971  7.181   3.661   1.00 24.24 ? 74  VAL A CA  1 
ATOM   547  C C   . VAL A 1 69  ? -6.496  7.797   4.956   1.00 24.93 ? 74  VAL A C   1 
ATOM   548  O O   . VAL A 1 69  ? -7.253  8.516   5.639   1.00 25.03 ? 74  VAL A O   1 
ATOM   549  C CB  . VAL A 1 69  ? -6.728  8.101   2.457   1.00 26.43 ? 74  VAL A CB  1 
ATOM   550  C CG1 . VAL A 1 69  ? -7.270  7.513   1.175   1.00 28.59 ? 74  VAL A CG1 1 
ATOM   551  C CG2 . VAL A 1 69  ? -7.357  9.291   2.637   1.00 28.44 ? 74  VAL A CG2 1 
ATOM   552  N N   . GLU A 1 70  ? -5.256  7.506   5.322   1.00 24.24 ? 75  GLU A N   1 
ATOM   553  C CA  . GLU A 1 70  ? -4.671  8.072   6.523   1.00 25.56 ? 75  GLU A CA  1 
ATOM   554  C C   . GLU A 1 70  ? -3.273  8.630   6.140   1.00 23.73 ? 75  GLU A C   1 
ATOM   555  O O   . GLU A 1 70  ? -2.382  7.869   5.823   1.00 22.02 ? 75  GLU A O   1 
ATOM   556  C CB  . GLU A 1 70  ? -4.635  6.985   7.590   1.00 25.15 ? 75  GLU A CB  1 
ATOM   557  C CG  . GLU A 1 70  ? -3.986  7.347   8.891   1.00 28.68 ? 75  GLU A CG  1 
ATOM   558  C CD  . GLU A 1 70  ? -3.792  6.166   9.760   1.00 30.76 ? 75  GLU A CD  1 
ATOM   559  O OE1 . GLU A 1 70  ? -3.061  5.274   9.413   1.00 30.18 ? 75  GLU A OE1 1 
ATOM   560  O OE2 . GLU A 1 70  ? -4.483  6.085   10.797  1.00 38.29 ? 75  GLU A OE2 1 
ATOM   561  N N   . PHE A 1 71  ? -3.110  9.945   6.134   1.00 24.45 ? 76  PHE A N   1 
ATOM   562  C CA  . PHE A 1 71  ? -1.779  10.553  5.913   1.00 23.90 ? 76  PHE A CA  1 
ATOM   563  C C   . PHE A 1 71  ? -0.896  10.359  7.108   1.00 23.45 ? 76  PHE A C   1 
ATOM   564  O O   . PHE A 1 71  ? -1.399  10.135  8.219   1.00 26.07 ? 76  PHE A O   1 
ATOM   565  C CB  . PHE A 1 71  ? -1.917  12.023  5.573   1.00 24.82 ? 76  PHE A CB  1 
ATOM   566  C CG  . PHE A 1 71  ? -2.612  12.267  4.222   1.00 26.96 ? 76  PHE A CG  1 
ATOM   567  C CD1 . PHE A 1 71  ? -1.945  12.032  3.051   1.00 24.01 ? 76  PHE A CD1 1 
ATOM   568  C CD2 . PHE A 1 71  ? -3.960  12.673  4.165   1.00 31.07 ? 76  PHE A CD2 1 
ATOM   569  C CE1 . PHE A 1 71  ? -2.535  12.259  1.822   1.00 26.69 ? 76  PHE A CE1 1 
ATOM   570  C CE2 . PHE A 1 71  ? -4.590  12.899  2.917   1.00 29.98 ? 76  PHE A CE2 1 
ATOM   571  C CZ  . PHE A 1 71  ? -3.881  12.662  1.740   1.00 27.00 ? 76  PHE A CZ  1 
ATOM   572  N N   . ASP A 1 72  ? 0.398   10.333  6.923   1.00 22.45 ? 77  ASP A N   1 
ATOM   573  C CA  . ASP A 1 72  ? 1.312   10.293  8.096   1.00 24.12 ? 77  ASP A CA  1 
ATOM   574  C C   . ASP A 1 72  ? 1.657   11.777  8.475   1.00 26.02 ? 77  ASP A C   1 
ATOM   575  O O   . ASP A 1 72  ? 0.970   12.705  8.011   1.00 27.29 ? 77  ASP A O   1 
ATOM   576  C CB  . ASP A 1 72  ? 2.549   9.481   7.774   1.00 23.73 ? 77  ASP A CB  1 
ATOM   577  C CG  . ASP A 1 72  ? 3.193   8.831   9.038   1.00 28.19 ? 77  ASP A CG  1 
ATOM   578  O OD1 . ASP A 1 72  ? 3.230   9.407   10.145  1.00 35.72 ? 77  ASP A OD1 1 
ATOM   579  O OD2 . ASP A 1 72  ? 3.657   7.675   8.916   1.00 31.30 ? 77  ASP A OD2 1 
ATOM   580  N N   . LYS A 1 73  ? 2.626   11.979  9.368   1.00 27.87 ? 78  LYS A N   1 
ATOM   581  C CA  . LYS A 1 73  ? 2.917   13.334  9.889   1.00 30.98 ? 78  LYS A CA  1 
ATOM   582  C C   . LYS A 1 73  ? 3.805   14.205  8.990   1.00 30.11 ? 78  LYS A C   1 
ATOM   583  O O   . LYS A 1 73  ? 3.933   15.399  9.282   1.00 32.51 ? 78  LYS A O   1 
ATOM   584  C CB  . LYS A 1 73  ? 3.639   13.220  11.256  1.00 30.73 ? 78  LYS A CB  1 
ATOM   585  C CG  . LYS A 1 73  ? 2.867   12.420  12.259  1.00 37.64 ? 78  LYS A CG  1 
ATOM   586  C CD  . LYS A 1 73  ? 3.822   11.950  13.354  1.00 48.59 ? 78  LYS A CD  1 
ATOM   587  C CE  . LYS A 1 73  ? 2.997   11.322  14.535  1.00 54.78 ? 78  LYS A CE  1 
ATOM   588  N NZ  . LYS A 1 73  ? 1.877   12.230  15.033  1.00 57.60 ? 78  LYS A NZ  1 
ATOM   589  N N   . GLY A 1 74  ? 4.416   13.655  7.943   1.00 28.40 ? 79  GLY A N   1 
ATOM   590  C CA  . GLY A 1 74  ? 5.356   14.338  7.034   1.00 29.04 ? 79  GLY A CA  1 
ATOM   591  C C   . GLY A 1 74  ? 4.696   14.759  5.715   1.00 28.12 ? 79  GLY A C   1 
ATOM   592  O O   . GLY A 1 74  ? 3.506   15.047  5.685   1.00 27.79 ? 79  GLY A O   1 
ATOM   593  N N   . GLN A 1 75  ? 5.467   14.784  4.629   1.00 28.17 ? 80  GLN A N   1 
ATOM   594  C CA  . GLN A 1 75  ? 4.949   15.251  3.356   1.00 26.59 ? 80  GLN A CA  1 
ATOM   595  C C   . GLN A 1 75  ? 3.821   14.293  2.931   1.00 25.12 ? 80  GLN A C   1 
ATOM   596  O O   . GLN A 1 75  ? 3.873   13.069  3.123   1.00 23.87 ? 80  GLN A O   1 
ATOM   597  C CB  . GLN A 1 75  ? 5.965   15.137  2.221   1.00 28.69 ? 80  GLN A CB  1 
ATOM   598  C CG  A GLN A 1 75  ? 7.009   14.086  2.466   0.66 33.36 ? 80  GLN A CG  1 
ATOM   599  C CG  B GLN A 1 75  ? 7.203   15.923  2.188   0.34 24.49 ? 80  GLN A CG  1 
ATOM   600  C CD  A GLN A 1 75  ? 8.029   14.573  3.485   0.66 35.19 ? 80  GLN A CD  1 
ATOM   601  C CD  B GLN A 1 75  ? 8.151   15.292  1.200   0.34 26.49 ? 80  GLN A CD  1 
ATOM   602  O OE1 A GLN A 1 75  ? 8.015   14.194  4.684   0.66 34.16 ? 80  GLN A OE1 1 
ATOM   603  O OE1 B GLN A 1 75  ? 9.295   15.061  1.550   0.34 29.28 ? 80  GLN A OE1 1 
ATOM   604  N NE2 A GLN A 1 75  ? 8.907   15.475  3.011   0.66 38.35 ? 80  GLN A NE2 1 
ATOM   605  N NE2 B GLN A 1 75  ? 7.663   14.943  -0.026  0.34 25.89 ? 80  GLN A NE2 1 
ATOM   606  N N   . ARG A 1 76  ? 2.856   14.865  2.270   1.00 24.92 ? 81  ARG A N   1 
ATOM   607  C CA  . ARG A 1 76  ? 1.663   14.086  1.920   1.00 23.24 ? 81  ARG A CA  1 
ATOM   608  C C   . ARG A 1 76  ? 1.638   13.708  0.422   1.00 24.48 ? 81  ARG A C   1 
ATOM   609  O O   . ARG A 1 76  ? 0.716   13.000  -0.009  1.00 25.99 ? 81  ARG A O   1 
ATOM   610  C CB  . ARG A 1 76  ? 0.362   14.791  2.342   1.00 23.98 ? 81  ARG A CB  1 
ATOM   611  C CG  A ARG A 1 76  ? 0.175   14.962  3.815   0.63 19.61 ? 81  ARG A CG  1 
ATOM   612  C CG  B ARG A 1 76  ? 0.457   15.429  3.783   0.37 24.73 ? 81  ARG A CG  1 
ATOM   613  C CD  A ARG A 1 76  ? -1.067  15.737  3.979   0.63 20.50 ? 81  ARG A CD  1 
ATOM   614  C CD  B ARG A 1 76  ? -0.756  15.177  4.591   0.37 30.27 ? 81  ARG A CD  1 
ATOM   615  N NE  A ARG A 1 76  ? -1.512  15.594  5.371   0.63 33.10 ? 81  ARG A NE  1 
ATOM   616  N NE  B ARG A 1 76  ? -0.937  15.983  5.811   0.37 29.72 ? 81  ARG A NE  1 
ATOM   617  C CZ  A ARG A 1 76  ? -2.681  15.995  5.875   0.63 35.47 ? 81  ARG A CZ  1 
ATOM   618  C CZ  B ARG A 1 76  ? -0.217  15.890  6.929   0.37 28.51 ? 81  ARG A CZ  1 
ATOM   619  N NH1 A ARG A 1 76  ? -3.631  16.592  5.120   0.63 34.17 ? 81  ARG A NH1 1 
ATOM   620  N NH1 B ARG A 1 76  ? 0.834   15.100  6.999   0.37 16.90 ? 81  ARG A NH1 1 
ATOM   621  N NH2 A ARG A 1 76  ? -2.908  15.758  7.148   0.63 36.20 ? 81  ARG A NH2 1 
ATOM   622  N NH2 B ARG A 1 76  ? -0.537  16.656  7.969   0.37 32.15 ? 81  ARG A NH2 1 
ATOM   623  N N   . THR A 1 77  ? 2.598   14.223  -0.358  1.00 24.35 ? 82  THR A N   1 
ATOM   624  C CA  . THR A 1 77  ? 2.749   13.846  -1.799  1.00 25.99 ? 82  THR A CA  1 
ATOM   625  C C   . THR A 1 77  ? 4.182   13.557  -2.102  1.00 26.32 ? 82  THR A C   1 
ATOM   626  O O   . THR A 1 77  ? 5.130   14.131  -1.460  1.00 27.00 ? 82  THR A O   1 
ATOM   627  C CB  . THR A 1 77  ? 2.131   14.851  -2.793  1.00 26.72 ? 82  THR A CB  1 
ATOM   628  O OG1 . THR A 1 77  ? 2.952   15.975  -2.817  1.00 33.16 ? 82  THR A OG1 1 
ATOM   629  C CG2 . THR A 1 77  ? 0.812   15.374  -2.348  1.00 26.94 ? 82  THR A CG2 1 
ATOM   630  N N   . ASP A 1 78  ? 4.418   12.697  -3.061  1.00 26.07 ? 83  ASP A N   1 
ATOM   631  C CA  . ASP A 1 78  ? 5.807   12.522  -3.484  1.00 25.97 ? 83  ASP A CA  1 
ATOM   632  C C   . ASP A 1 78  ? 6.137   13.409  -4.704  1.00 28.06 ? 83  ASP A C   1 
ATOM   633  O O   . ASP A 1 78  ? 5.335   14.266  -5.158  1.00 27.85 ? 83  ASP A O   1 
ATOM   634  C CB  . ASP A 1 78  ? 6.083   11.040  -3.788  1.00 27.02 ? 83  ASP A CB  1 
ATOM   635  C CG  . ASP A 1 78  ? 5.311   10.512  -4.978  1.00 24.82 ? 83  ASP A CG  1 
ATOM   636  O OD1 . ASP A 1 78  ? 4.776   11.269  -5.789  1.00 27.14 ? 83  ASP A OD1 1 
ATOM   637  O OD2 . ASP A 1 78  ? 5.313   9.312   -5.146  1.00 29.40 ? 83  ASP A OD2 1 
ATOM   638  N N   . LYS A 1 79  ? 7.290   13.137  -5.288  1.00 28.51 ? 84  LYS A N   1 
ATOM   639  C CA  . LYS A 1 79  ? 7.741   14.020  -6.377  1.00 31.01 ? 84  LYS A CA  1 
ATOM   640  C C   . LYS A 1 79  ? 6.968   13.843  -7.726  1.00 29.15 ? 84  LYS A C   1 
ATOM   641  O O   . LYS A 1 79  ? 7.032   14.713  -8.575  1.00 31.87 ? 84  LYS A O   1 
ATOM   642  C CB  . LYS A 1 79  ? 9.263   13.934  -6.506  1.00 30.09 ? 84  LYS A CB  1 
ATOM   643  C CG  . LYS A 1 79  ? 9.796   12.700  -7.092  1.00 35.67 ? 84  LYS A CG  1 
ATOM   644  C CD  . LYS A 1 79  ? 11.334  12.909  -7.142  1.00 45.76 ? 84  LYS A CD  1 
ATOM   645  C CE  . LYS A 1 79  ? 12.115  11.664  -6.841  1.00 51.34 ? 84  LYS A CE  1 
ATOM   646  N NZ  . LYS A 1 79  ? 11.755  10.615  -7.835  1.00 53.14 ? 84  LYS A NZ  1 
ATOM   647  N N   . TYR A 1 80  ? 6.203   12.751  -7.840  1.00 27.74 ? 85  TYR A N   1 
ATOM   648  C CA  . TYR A 1 80  ? 5.352   12.440  -8.994  1.00 27.68 ? 85  TYR A CA  1 
ATOM   649  C C   . TYR A 1 80  ? 3.958   12.922  -8.741  1.00 26.76 ? 85  TYR A C   1 
ATOM   650  O O   . TYR A 1 80  ? 3.025   12.682  -9.551  1.00 29.87 ? 85  TYR A O   1 
ATOM   651  C CB  . TYR A 1 80  ? 5.382   10.960  -9.257  1.00 25.80 ? 85  TYR A CB  1 
ATOM   652  C CG  . TYR A 1 80  ? 6.734   10.483  -9.613  1.00 30.58 ? 85  TYR A CG  1 
ATOM   653  C CD1 . TYR A 1 80  ? 7.274   10.751  -10.885 1.00 31.23 ? 85  TYR A CD1 1 
ATOM   654  C CD2 . TYR A 1 80  ? 7.506   9.801   -8.694  1.00 32.56 ? 85  TYR A CD2 1 
ATOM   655  C CE1 . TYR A 1 80  ? 8.547   10.315  -11.242 1.00 34.35 ? 85  TYR A CE1 1 
ATOM   656  C CE2 . TYR A 1 80  ? 8.816   9.357   -9.016  1.00 34.56 ? 85  TYR A CE2 1 
ATOM   657  C CZ  . TYR A 1 80  ? 9.315   9.626   -10.310 1.00 40.14 ? 85  TYR A CZ  1 
ATOM   658  O OH  . TYR A 1 80  ? 10.581  9.211   -10.657 1.00 44.36 ? 85  TYR A OH  1 
ATOM   659  N N   . GLY A 1 81  ? 3.764   13.605  -7.605  1.00 26.70 ? 86  GLY A N   1 
ATOM   660  C CA  . GLY A 1 81  ? 2.384   14.123  -7.269  1.00 26.04 ? 86  GLY A CA  1 
ATOM   661  C C   . GLY A 1 81  ? 1.429   13.036  -6.726  1.00 24.72 ? 86  GLY A C   1 
ATOM   662  O O   . GLY A 1 81  ? 0.216   13.243  -6.662  1.00 26.50 ? 86  GLY A O   1 
ATOM   663  N N   . ARG A 1 82  ? 1.957   11.870  -6.385  1.00 22.43 ? 87  ARG A N   1 
ATOM   664  C CA  . ARG A 1 82  ? 1.104   10.795  -5.754  1.00 23.40 ? 87  ARG A CA  1 
ATOM   665  C C   . ARG A 1 82  ? 0.925   11.107  -4.253  1.00 22.70 ? 87  ARG A C   1 
ATOM   666  O O   . ARG A 1 82  ? 1.899   11.446  -3.577  1.00 22.47 ? 87  ARG A O   1 
ATOM   667  C CB  . ARG A 1 82  ? 1.793   9.441   -5.939  1.00 23.09 ? 87  ARG A CB  1 
ATOM   668  C CG  . ARG A 1 82  ? 1.802   9.004   -7.396  1.00 24.43 ? 87  ARG A CG  1 
ATOM   669  C CD  . ARG A 1 82  ? 2.491   7.711   -7.568  1.00 28.20 ? 87  ARG A CD  1 
ATOM   670  N NE  . ARG A 1 82  ? 3.869   7.637   -7.066  1.00 32.08 ? 87  ARG A NE  1 
ATOM   671  C CZ  . ARG A 1 82  ? 4.624   6.548   -7.138  1.00 31.38 ? 87  ARG A CZ  1 
ATOM   672  N NH1 . ARG A 1 82  ? 4.132   5.391   -7.643  1.00 34.55 ? 87  ARG A NH1 1 
ATOM   673  N NH2 . ARG A 1 82  ? 5.849   6.603   -6.611  1.00 31.08 ? 87  ARG A NH2 1 
ATOM   674  N N   . GLY A 1 83  ? -0.290  10.967  -3.746  1.00 22.64 ? 88  GLY A N   1 
ATOM   675  C CA  . GLY A 1 83  ? -0.565  11.011  -2.256  1.00 21.08 ? 88  GLY A CA  1 
ATOM   676  C C   . GLY A 1 83  ? 0.182   9.834   -1.588  1.00 21.79 ? 88  GLY A C   1 
ATOM   677  O O   . GLY A 1 83  ? 0.307   8.709   -2.155  1.00 23.18 ? 88  GLY A O   1 
ATOM   678  N N   . LEU A 1 84  ? 0.770   10.091  -0.437  1.00 20.96 ? 89  LEU A N   1 
ATOM   679  C CA  . LEU A 1 84  ? 1.454   9.062   0.370   1.00 21.07 ? 89  LEU A CA  1 
ATOM   680  C C   . LEU A 1 84  ? 0.625   8.746   1.606   1.00 19.94 ? 89  LEU A C   1 
ATOM   681  O O   . LEU A 1 84  ? 0.528   9.583   2.470   1.00 22.72 ? 89  LEU A O   1 
ATOM   682  C CB  . LEU A 1 84  ? 2.806   9.601   0.833   1.00 22.08 ? 89  LEU A CB  1 
ATOM   683  C CG  . LEU A 1 84  ? 3.823   9.737   -0.282  1.00 23.96 ? 89  LEU A CG  1 
ATOM   684  C CD1 . LEU A 1 84  ? 5.063   10.541  0.423   1.00 26.48 ? 89  LEU A CD1 1 
ATOM   685  C CD2 . LEU A 1 84  ? 4.254   8.409   -0.896  1.00 26.75 ? 89  LEU A CD2 1 
ATOM   686  N N   . ALA A 1 85  ? 0.049   7.573   1.708   1.00 19.15 ? 90  ALA A N   1 
ATOM   687  C CA  . ALA A 1 85  ? -0.878  7.280   2.778   1.00 20.60 ? 90  ALA A CA  1 
ATOM   688  C C   . ALA A 1 85  ? -0.936  5.801   3.094   1.00 18.73 ? 90  ALA A C   1 
ATOM   689  O O   . ALA A 1 85  ? -0.485  4.909   2.328   1.00 20.60 ? 90  ALA A O   1 
ATOM   690  C CB  . ALA A 1 85  ? -2.366  7.767   2.395   1.00 21.53 ? 90  ALA A CB  1 
ATOM   691  N N   . TYR A 1 86  ? -1.536  5.547   4.250   1.00 19.20 ? 91  TYR A N   1 
ATOM   692  C CA  . TYR A 1 86  ? -1.994  4.225   4.612   1.00 18.35 ? 91  TYR A CA  1 
ATOM   693  C C   . TYR A 1 86  ? -3.437  4.122   4.166   1.00 18.68 ? 91  TYR A C   1 
ATOM   694  O O   . TYR A 1 86  ? -4.228  5.058   4.321   1.00 20.91 ? 91  TYR A O   1 
ATOM   695  C CB  . TYR A 1 86  ? -1.925  4.136   6.147   1.00 19.33 ? 91  TYR A CB  1 
ATOM   696  C CG  . TYR A 1 86  ? -0.480  4.441   6.695   1.00 19.95 ? 91  TYR A CG  1 
ATOM   697  C CD1 . TYR A 1 86  ? 0.564   3.523   6.530   1.00 21.04 ? 91  TYR A CD1 1 
ATOM   698  C CD2 . TYR A 1 86  ? -0.255  5.592   7.392   1.00 21.77 ? 91  TYR A CD2 1 
ATOM   699  C CE1 . TYR A 1 86  ? 1.871   3.746   7.007   1.00 22.83 ? 91  TYR A CE1 1 
ATOM   700  C CE2 . TYR A 1 86  ? 1.039   5.878   7.906   1.00 22.24 ? 91  TYR A CE2 1 
ATOM   701  C CZ  . TYR A 1 86  ? 2.065   4.963   7.711   1.00 25.79 ? 91  TYR A CZ  1 
ATOM   702  O OH  . TYR A 1 86  ? 3.283   5.247   8.249   1.00 30.81 ? 91  TYR A OH  1 
ATOM   703  N N   . ILE A 1 87  ? -3.746  3.031   3.543   1.00 19.29 ? 92  ILE A N   1 
ATOM   704  C CA  . ILE A 1 87  ? -5.090  2.896   2.961   1.00 20.57 ? 92  ILE A CA  1 
ATOM   705  C C   . ILE A 1 87  ? -5.782  1.762   3.705   1.00 20.28 ? 92  ILE A C   1 
ATOM   706  O O   . ILE A 1 87  ? -5.156  0.735   3.889   1.00 20.44 ? 92  ILE A O   1 
ATOM   707  C CB  . ILE A 1 87  ? -4.997  2.602   1.439   1.00 20.11 ? 92  ILE A CB  1 
ATOM   708  C CG1 . ILE A 1 87  ? -4.289  3.781   0.683   1.00 21.87 ? 92  ILE A CG1 1 
ATOM   709  C CG2 . ILE A 1 87  ? -6.438  2.262   0.872   1.00 22.16 ? 92  ILE A CG2 1 
ATOM   710  C CD1 A ILE A 1 87  ? -4.977  4.999   0.664   0.76 21.15 ? 92  ILE A CD1 1 
ATOM   711  C CD1 B ILE A 1 87  ? -4.444  3.864   -0.788  0.23 18.28 ? 92  ILE A CD1 1 
ATOM   712  N N   . TYR A 1 88  ? -7.043  1.950   4.090   1.00 20.61 ? 93  TYR A N   1 
ATOM   713  C CA  . TYR A 1 88  ? -7.778  0.933   4.864   1.00 20.55 ? 93  TYR A CA  1 
ATOM   714  C C   . TYR A 1 88  ? -9.012  0.522   4.045   1.00 21.78 ? 93  TYR A C   1 
ATOM   715  O O   . TYR A 1 88  ? -9.620  1.376   3.390   1.00 24.77 ? 93  TYR A O   1 
ATOM   716  C CB  . TYR A 1 88  ? -8.286  1.565   6.151   1.00 20.85 ? 93  TYR A CB  1 
ATOM   717  C CG  . TYR A 1 88  ? -7.192  1.917   7.111   1.00 21.11 ? 93  TYR A CG  1 
ATOM   718  C CD1 . TYR A 1 88  ? -6.434  3.114   6.934   1.00 24.05 ? 93  TYR A CD1 1 
ATOM   719  C CD2 . TYR A 1 88  ? -6.813  1.014   8.110   1.00 24.35 ? 93  TYR A CD2 1 
ATOM   720  C CE1 . TYR A 1 88  ? -5.377  3.472   7.852   1.00 21.42 ? 93  TYR A CE1 1 
ATOM   721  C CE2 . TYR A 1 88  ? -5.781  1.315   8.994   1.00 24.43 ? 93  TYR A CE2 1 
ATOM   722  C CZ  . TYR A 1 88  ? -5.063  2.543   8.883   1.00 24.20 ? 93  TYR A CZ  1 
ATOM   723  O OH  . TYR A 1 88  ? -4.038  2.851   9.785   1.00 27.52 ? 93  TYR A OH  1 
ATOM   724  N N   . ALA A 1 89  ? -9.272  -0.779  3.977   1.00 22.64 ? 94  ALA A N   1 
ATOM   725  C CA  . ALA A 1 89  ? -10.455 -1.353  3.293   1.00 23.70 ? 94  ALA A CA  1 
ATOM   726  C C   . ALA A 1 89  ? -11.238 -1.996  4.447   1.00 25.26 ? 94  ALA A C   1 
ATOM   727  O O   . ALA A 1 89  ? -10.755 -2.923  5.086   1.00 25.80 ? 94  ALA A O   1 
ATOM   728  C CB  . ALA A 1 89  ? -10.030 -2.314  2.286   1.00 23.47 ? 94  ALA A CB  1 
ATOM   729  N N   . ASP A 1 90  ? -12.419 -1.435  4.791   1.00 26.19 ? 95  ASP A N   1 
ATOM   730  C CA  . ASP A 1 90  ? -13.249 -1.997  5.908   1.00 28.46 ? 95  ASP A CA  1 
ATOM   731  C C   . ASP A 1 90  ? -12.494 -2.109  7.219   1.00 26.98 ? 95  ASP A C   1 
ATOM   732  O O   . ASP A 1 90  ? -12.579 -3.094  7.896   1.00 28.38 ? 95  ASP A O   1 
ATOM   733  C CB  . ASP A 1 90  ? -13.911 -3.336  5.500   1.00 28.53 ? 95  ASP A CB  1 
ATOM   734  C CG  . ASP A 1 90  ? -14.923 -3.131  4.327   1.00 27.37 ? 95  ASP A CG  1 
ATOM   735  O OD1 . ASP A 1 90  ? -15.052 -4.026  3.464   1.00 30.41 ? 95  ASP A OD1 1 
ATOM   736  O OD2 . ASP A 1 90  ? -15.459 -2.013  4.350   1.00 30.73 ? 95  ASP A OD2 1 
ATOM   737  N N   . GLY A 1 91  ? -11.735 -1.073  7.496   1.00 25.91 ? 96  GLY A N   1 
ATOM   738  C CA  . GLY A 1 91  ? -10.920 -1.026  8.683   1.00 27.95 ? 96  GLY A CA  1 
ATOM   739  C C   . GLY A 1 91  ? -9.621  -1.818  8.670   1.00 27.06 ? 96  GLY A C   1 
ATOM   740  O O   . GLY A 1 91  ? -8.862  -1.732  9.654   1.00 30.25 ? 96  GLY A O   1 
ATOM   741  N N   . LYS A 1 92  ? -9.309  -2.567  7.626   1.00 26.52 ? 97  LYS A N   1 
ATOM   742  C CA  . LYS A 1 92  ? -8.035  -3.332  7.608   1.00 26.12 ? 97  LYS A CA  1 
ATOM   743  C C   . LYS A 1 92  ? -7.028  -2.519  6.803   1.00 24.35 ? 97  LYS A C   1 
ATOM   744  O O   . LYS A 1 92  ? -7.347  -2.159  5.696   1.00 23.33 ? 97  LYS A O   1 
ATOM   745  C CB  . LYS A 1 92  ? -8.169  -4.686  6.928   1.00 28.25 ? 97  LYS A CB  1 
ATOM   746  C CG  . LYS A 1 92  ? -9.148  -5.672  7.662   1.00 37.03 ? 97  LYS A CG  1 
ATOM   747  C CD  . LYS A 1 92  ? -9.879  -6.617  6.644   1.00 49.13 ? 97  LYS A CD  1 
ATOM   748  C CE  . LYS A 1 92  ? -11.006 -5.914  5.722   1.00 49.99 ? 97  LYS A CE  1 
ATOM   749  N NZ  . LYS A 1 92  ? -10.640 -5.754  4.221   1.00 40.93 ? 97  LYS A NZ  1 
ATOM   750  N N   . MET A 1 93  ? -5.779  -2.343  7.287   1.00 23.57 ? 98  MET A N   1 
ATOM   751  C CA  . MET A 1 93  ? -4.780  -1.574  6.497   1.00 21.54 ? 98  MET A CA  1 
ATOM   752  C C   . MET A 1 93  ? -4.263  -2.405  5.319   1.00 20.92 ? 98  MET A C   1 
ATOM   753  O O   . MET A 1 93  ? -3.741  -3.482  5.496   1.00 22.18 ? 98  MET A O   1 
ATOM   754  C CB  . MET A 1 93  ? -3.632  -1.182  7.397   1.00 20.60 ? 98  MET A CB  1 
ATOM   755  C CG  . MET A 1 93  ? -2.869  -0.025  6.788   1.00 24.73 ? 98  MET A CG  1 
ATOM   756  S SD  . MET A 1 93  ? -1.210  0.085   7.438   1.00 27.39 ? 98  MET A SD  1 
ATOM   757  C CE  . MET A 1 93  ? -1.596  0.468   9.080   1.00 25.95 ? 98  MET A CE  1 
ATOM   758  N N   . VAL A 1 94  ? -4.477  -1.955  4.079   1.00 19.75 ? 99  VAL A N   1 
ATOM   759  C CA  . VAL A 1 94  ? -3.967  -2.644  2.924   1.00 21.03 ? 99  VAL A CA  1 
ATOM   760  C C   . VAL A 1 94  ? -2.471  -2.834  2.965   1.00 18.85 ? 99  VAL A C   1 
ATOM   761  O O   . VAL A 1 94  ? -1.958  -3.888  2.628   1.00 20.48 ? 99  VAL A O   1 
ATOM   762  C CB  . VAL A 1 94  ? -4.426  -1.919  1.597   1.00 20.49 ? 99  VAL A CB  1 
ATOM   763  C CG1 . VAL A 1 94  ? -3.887  -2.683  0.323   1.00 23.13 ? 99  VAL A CG1 1 
ATOM   764  C CG2 . VAL A 1 94  ? -6.017  -1.773  1.634   1.00 25.02 ? 99  VAL A CG2 1 
ATOM   765  N N   . ASN A 1 95  ? -1.758  -1.804  3.380   1.00 19.02 ? 100 ASN A N   1 
ATOM   766  C CA  . ASN A 1 95  ? -0.247  -1.802  3.437   1.00 19.62 ? 100 ASN A CA  1 
ATOM   767  C C   . ASN A 1 95  ? 0.166   -2.976  4.283   1.00 19.59 ? 100 ASN A C   1 
ATOM   768  O O   . ASN A 1 95  ? 1.062   -3.765  3.872   1.00 22.05 ? 100 ASN A O   1 
ATOM   769  C CB  . ASN A 1 95  ? 0.266   -0.501  4.059   1.00 19.23 ? 100 ASN A CB  1 
ATOM   770  C CG  . ASN A 1 95  ? -0.389  0.816   3.505   1.00 21.35 ? 100 ASN A CG  1 
ATOM   771  O OD1 . ASN A 1 95  ? -1.618  0.994   3.532   1.00 21.47 ? 100 ASN A OD1 1 
ATOM   772  N ND2 . ASN A 1 95  ? 0.474   1.817   3.171   1.00 22.22 ? 100 ASN A ND2 1 
ATOM   773  N N   . GLU A 1 96  ? -0.440  -3.112  5.463   1.00 20.81 ? 101 GLU A N   1 
ATOM   774  C CA  . GLU A 1 96  ? -0.138  -4.268  6.350   1.00 22.01 ? 101 GLU A CA  1 
ATOM   775  C C   . GLU A 1 96  ? -0.530  -5.604  5.802   1.00 19.85 ? 101 GLU A C   1 
ATOM   776  O O   . GLU A 1 96  ? 0.299   -6.515  5.905   1.00 21.16 ? 101 GLU A O   1 
ATOM   777  C CB  . GLU A 1 96  ? -0.734  -4.075  7.789   1.00 23.11 ? 101 GLU A CB  1 
ATOM   778  C CG  . GLU A 1 96  ? -0.153  -5.080  8.848   1.00 24.29 ? 101 GLU A CG  1 
ATOM   779  C CD  . GLU A 1 96  ? -0.909  -6.422  8.936   1.00 30.62 ? 101 GLU A CD  1 
ATOM   780  O OE1 . GLU A 1 96  ? -2.083  -6.516  8.493   1.00 32.02 ? 101 GLU A OE1 1 
ATOM   781  O OE2 . GLU A 1 96  ? -0.337  -7.409  9.456   1.00 35.19 ? 101 GLU A OE2 1 
ATOM   782  N N   . ALA A 1 97  ? -1.729  -5.740  5.222   1.00 21.71 ? 102 ALA A N   1 
ATOM   783  C CA  . ALA A 1 97  ? -2.249  -6.997  4.608   1.00 22.45 ? 102 ALA A CA  1 
ATOM   784  C C   . ALA A 1 97  ? -1.224  -7.484  3.615   1.00 22.89 ? 102 ALA A C   1 
ATOM   785  O O   . ALA A 1 97  ? -0.818  -8.678  3.637   1.00 22.30 ? 102 ALA A O   1 
ATOM   786  C CB  . ALA A 1 97  ? -3.651  -6.799  3.977   1.00 23.93 ? 102 ALA A CB  1 
ATOM   787  N N   . LEU A 1 98  ? -0.707  -6.610  2.754   1.00 23.28 ? 103 LEU A N   1 
ATOM   788  C CA  . LEU A 1 98  ? 0.329   -7.038  1.756   1.00 23.51 ? 103 LEU A CA  1 
ATOM   789  C C   . LEU A 1 98  ? 1.609   -7.642  2.387   1.00 22.12 ? 103 LEU A C   1 
ATOM   790  O O   . LEU A 1 98  ? 2.026   -8.680  1.939   1.00 23.16 ? 103 LEU A O   1 
ATOM   791  C CB  . LEU A 1 98  ? 0.690   -5.869  0.799   1.00 23.05 ? 103 LEU A CB  1 
ATOM   792  C CG  . LEU A 1 98  ? -0.335  -5.467  -0.276  1.00 22.12 ? 103 LEU A CG  1 
ATOM   793  C CD1 . LEU A 1 98  ? -0.027  -3.995  -0.710  1.00 21.17 ? 103 LEU A CD1 1 
ATOM   794  C CD2 . LEU A 1 98  ? -0.300  -6.369  -1.450  1.00 23.72 ? 103 LEU A CD2 1 
ATOM   795  N N   . VAL A 1 99  ? 2.228   -6.949  3.336   1.00 20.68 ? 104 VAL A N   1 
ATOM   796  C CA  . VAL A 1 99  ? 3.423   -7.376  4.040   1.00 20.02 ? 104 VAL A CA  1 
ATOM   797  C C   . VAL A 1 99  ? 3.175   -8.700  4.815   1.00 20.36 ? 104 VAL A C   1 
ATOM   798  O O   . VAL A 1 99  ? 4.003   -9.662  4.753   1.00 20.99 ? 104 VAL A O   1 
ATOM   799  C CB  . VAL A 1 99  ? 3.926   -6.252  4.985   1.00 17.39 ? 104 VAL A CB  1 
ATOM   800  C CG1 A VAL A 1 99  ? 5.020   -6.750  5.941   0.89 21.90 ? 104 VAL A CG1 1 
ATOM   801  C CG1 B VAL A 1 99  ? 3.142   -6.144  6.251   0.11 16.16 ? 104 VAL A CG1 1 
ATOM   802  C CG2 A VAL A 1 99  ? 4.282   -5.032  4.226   0.89 20.55 ? 104 VAL A CG2 1 
ATOM   803  C CG2 B VAL A 1 99  ? 5.420   -6.416  5.271   0.11 19.09 ? 104 VAL A CG2 1 
ATOM   804  N N   . ARG A 1 100 ? 2.013   -8.771  5.440   1.00 20.88 ? 105 ARG A N   1 
ATOM   805  C CA  . ARG A 1 100 ? 1.587   -9.982  6.235   1.00 21.50 ? 105 ARG A CA  1 
ATOM   806  C C   . ARG A 1 100 ? 1.491   -11.241 5.348   1.00 22.69 ? 105 ARG A C   1 
ATOM   807  O O   . ARG A 1 100 ? 1.853   -12.328 5.803   1.00 25.81 ? 105 ARG A O   1 
ATOM   808  C CB  . ARG A 1 100 ? 0.273   -9.796  6.989   1.00 20.25 ? 105 ARG A CB  1 
ATOM   809  C CG  . ARG A 1 100 ? -0.081  -11.032 7.869   1.00 22.84 ? 105 ARG A CG  1 
ATOM   810  C CD  . ARG A 1 100 ? 0.980   -11.318 8.928   1.00 25.88 ? 105 ARG A CD  1 
ATOM   811  N NE  . ARG A 1 100 ? 0.588   -12.552 9.693   1.00 29.07 ? 105 ARG A NE  1 
ATOM   812  C CZ  . ARG A 1 100 ? 0.991   -13.789 9.418   1.00 27.43 ? 105 ARG A CZ  1 
ATOM   813  N NH1 . ARG A 1 100 ? 1.747   -14.016 8.377   1.00 29.07 ? 105 ARG A NH1 1 
ATOM   814  N NH2 . ARG A 1 100 ? 0.574   -14.833 10.151  1.00 29.92 ? 105 ARG A NH2 1 
ATOM   815  N N   . GLN A 1 101 ? 1.101   -11.100 4.064   1.00 22.61 ? 106 GLN A N   1 
ATOM   816  C CA  . GLN A 1 101 ? 1.024   -12.202 3.073   1.00 25.83 ? 106 GLN A CA  1 
ATOM   817  C C   . GLN A 1 101 ? 2.293   -12.512 2.316   1.00 24.95 ? 106 GLN A C   1 
ATOM   818  O O   . GLN A 1 101 ? 2.280   -13.350 1.440   1.00 28.40 ? 106 GLN A O   1 
ATOM   819  C CB  . GLN A 1 101 ? -0.024  -11.949 2.010   1.00 25.29 ? 106 GLN A CB  1 
ATOM   820  C CG  . GLN A 1 101 ? -1.419  -11.950 2.433   1.00 32.14 ? 106 GLN A CG  1 
ATOM   821  C CD  . GLN A 1 101 ? -1.953  -13.299 2.864   1.00 37.08 ? 106 GLN A CD  1 
ATOM   822  O OE1 . GLN A 1 101 ? -1.787  -14.302 2.182   1.00 40.85 ? 106 GLN A OE1 1 
ATOM   823  N NE2 . GLN A 1 101 ? -2.589  -13.314 4.004   1.00 38.31 ? 106 GLN A NE2 1 
ATOM   824  N N   . GLY A 1 102 ? 3.352   -11.759 2.558   1.00 25.02 ? 107 GLY A N   1 
ATOM   825  C CA  . GLY A 1 102 ? 4.603   -11.957 1.864   1.00 25.00 ? 107 GLY A CA  1 
ATOM   826  C C   . GLY A 1 102 ? 4.470   -11.486 0.418   1.00 26.22 ? 107 GLY A C   1 
ATOM   827  O O   . GLY A 1 102 ? 5.116   -12.059 -0.445  1.00 27.66 ? 107 GLY A O   1 
ATOM   828  N N   . LEU A 1 103 ? 3.621   -10.452 0.151   1.00 25.60 ? 108 LEU A N   1 
ATOM   829  C CA  . LEU A 1 103 ? 3.463   -9.826  -1.170  1.00 25.65 ? 108 LEU A CA  1 
ATOM   830  C C   . LEU A 1 103 ? 4.101   -8.439  -1.278  1.00 25.54 ? 108 LEU A C   1 
ATOM   831  O O   . LEU A 1 103 ? 3.936   -7.812  -2.304  1.00 26.65 ? 108 LEU A O   1 
ATOM   832  C CB  . LEU A 1 103 ? 1.991   -9.794  -1.613  1.00 26.54 ? 108 LEU A CB  1 
ATOM   833  C CG  . LEU A 1 103 ? 1.404   -11.198 -1.863  1.00 26.94 ? 108 LEU A CG  1 
ATOM   834  C CD1 . LEU A 1 103 ? -0.088  -11.170 -1.995  1.00 28.80 ? 108 LEU A CD1 1 
ATOM   835  C CD2 . LEU A 1 103 ? 2.021   -11.841 -3.070  1.00 31.49 ? 108 LEU A CD2 1 
ATOM   836  N N   . ALA A 1 104 ? 4.731   -7.961  -0.220  1.00 26.01 ? 109 ALA A N   1 
ATOM   837  C CA  . ALA A 1 104 ? 5.479   -6.694  -0.121  1.00 26.69 ? 109 ALA A CA  1 
ATOM   838  C C   . ALA A 1 104 ? 6.538   -6.819  0.957   1.00 28.12 ? 109 ALA A C   1 
ATOM   839  O O   . ALA A 1 104 ? 6.377   -7.568  2.000   1.00 28.00 ? 109 ALA A O   1 
ATOM   840  C CB  . ALA A 1 104 ? 4.531   -5.517  0.183   1.00 24.96 ? 109 ALA A CB  1 
ATOM   841  N N   . LYS A 1 105 ? 7.608   -6.047  0.768   1.00 27.74 ? 110 LYS A N   1 
ATOM   842  C CA  . LYS A 1 105 ? 8.589   -5.796  1.838   1.00 29.00 ? 110 LYS A CA  1 
ATOM   843  C C   . LYS A 1 105 ? 8.412   -4.420  2.374   1.00 27.15 ? 110 LYS A C   1 
ATOM   844  O O   . LYS A 1 105 ? 7.866   -3.563  1.718   1.00 27.75 ? 110 LYS A O   1 
ATOM   845  C CB  . LYS A 1 105 ? 10.043  -5.807  1.348   1.00 30.14 ? 110 LYS A CB  1 
ATOM   846  C CG  . LYS A 1 105 ? 10.497  -6.925  0.516   1.00 37.84 ? 110 LYS A CG  1 
ATOM   847  C CD  . LYS A 1 105 ? 11.974  -6.634  0.176   1.00 46.91 ? 110 LYS A CD  1 
ATOM   848  C CE  . LYS A 1 105 ? 12.317  -7.049  -1.248  1.00 54.93 ? 110 LYS A CE  1 
ATOM   849  N NZ  . LYS A 1 105 ? 12.926  -8.438  -1.284  1.00 61.22 ? 110 LYS A NZ  1 
ATOM   850  N N   . VAL A 1 106 ? 8.860   -4.218  3.594   1.00 26.50 ? 111 VAL A N   1 
ATOM   851  C CA  . VAL A 1 106 ? 8.927   -2.887  4.160   1.00 27.35 ? 111 VAL A CA  1 
ATOM   852  C C   . VAL A 1 106 ? 10.028  -2.076  3.431   1.00 29.78 ? 111 VAL A C   1 
ATOM   853  O O   . VAL A 1 106 ? 11.186  -2.505  3.322   1.00 31.32 ? 111 VAL A O   1 
ATOM   854  C CB  . VAL A 1 106 ? 9.083   -2.925  5.672   1.00 27.32 ? 111 VAL A CB  1 
ATOM   855  C CG1 . VAL A 1 106 ? 9.116   -1.527  6.216   1.00 26.10 ? 111 VAL A CG1 1 
ATOM   856  C CG2 . VAL A 1 106 ? 7.902   -3.688  6.264   1.00 26.56 ? 111 VAL A CG2 1 
ATOM   857  N N   . ALA A 1 107 ? 9.620   -0.941  2.899   1.00 30.73 ? 112 ALA A N   1 
ATOM   858  C CA  . ALA A 1 107 ? 10.393  0.012   2.128   1.00 33.07 ? 112 ALA A CA  1 
ATOM   859  C C   . ALA A 1 107 ? 11.440  0.617   3.010   1.00 36.57 ? 112 ALA A C   1 
ATOM   860  O O   . ALA A 1 107 ? 11.325  0.579   4.254   1.00 35.36 ? 112 ALA A O   1 
ATOM   861  C CB  . ALA A 1 107 ? 9.463   1.122   1.742   1.00 31.75 ? 112 ALA A CB  1 
ATOM   862  N N   . TYR A 1 108 ? 12.432  1.260   2.377   1.00 39.93 ? 113 TYR A N   1 
ATOM   863  C CA  . TYR A 1 108 ? 13.277  2.238   3.087   1.00 42.96 ? 113 TYR A CA  1 
ATOM   864  C C   . TYR A 1 108 ? 12.393  3.439   3.551   1.00 43.80 ? 113 TYR A C   1 
ATOM   865  O O   . TYR A 1 108 ? 11.527  3.978   2.814   1.00 42.74 ? 113 TYR A O   1 
ATOM   866  C CB  . TYR A 1 108 ? 14.454  2.633   2.224   1.00 44.55 ? 113 TYR A CB  1 
ATOM   867  C CG  . TYR A 1 108 ? 15.603  3.237   3.008   1.00 51.26 ? 113 TYR A CG  1 
ATOM   868  C CD1 . TYR A 1 108 ? 16.528  2.415   3.706   1.00 56.71 ? 113 TYR A CD1 1 
ATOM   869  C CD2 . TYR A 1 108 ? 15.790  4.641   3.024   1.00 55.44 ? 113 TYR A CD2 1 
ATOM   870  C CE1 . TYR A 1 108 ? 17.590  2.997   4.421   1.00 58.20 ? 113 TYR A CE1 1 
ATOM   871  C CE2 . TYR A 1 108 ? 16.822  5.216   3.708   1.00 57.82 ? 113 TYR A CE2 1 
ATOM   872  C CZ  . TYR A 1 108 ? 17.727  4.409   4.402   1.00 59.91 ? 113 TYR A CZ  1 
ATOM   873  O OH  . TYR A 1 108 ? 18.760  5.047   5.081   1.00 63.04 ? 113 TYR A OH  1 
ATOM   874  N N   . VAL A 1 109 ? 12.560  3.750   4.832   1.00 45.05 ? 114 VAL A N   1 
ATOM   875  C CA  . VAL A 1 109 ? 11.619  4.577   5.594   1.00 46.05 ? 114 VAL A CA  1 
ATOM   876  C C   . VAL A 1 109 ? 12.253  5.996   5.704   1.00 47.32 ? 114 VAL A C   1 
ATOM   877  O O   . VAL A 1 109 ? 13.482  6.137   5.908   1.00 47.13 ? 114 VAL A O   1 
ATOM   878  C CB  . VAL A 1 109 ? 11.349  3.907   6.982   1.00 45.64 ? 114 VAL A CB  1 
ATOM   879  C CG1 . VAL A 1 109 ? 10.448  4.762   7.897   1.00 44.78 ? 114 VAL A CG1 1 
ATOM   880  C CG2 . VAL A 1 109 ? 10.768  2.530   6.758   1.00 45.26 ? 114 VAL A CG2 1 
ATOM   881  N N   . TYR A 1 110 ? 11.423  7.027   5.525   1.00 47.88 ? 115 TYR A N   1 
ATOM   882  C CA  . TYR A 1 110 ? 11.868  8.436   5.556   1.00 47.46 ? 115 TYR A CA  1 
ATOM   883  C C   . TYR A 1 110 ? 11.125  9.098   6.670   1.00 46.02 ? 115 TYR A C   1 
ATOM   884  O O   . TYR A 1 110 ? 9.942   9.377   6.583   1.00 46.00 ? 115 TYR A O   1 
ATOM   885  C CB  . TYR A 1 110 ? 11.614  9.112   4.197   1.00 48.32 ? 115 TYR A CB  1 
ATOM   886  C CG  . TYR A 1 110 ? 12.468  8.514   3.065   1.00 52.59 ? 115 TYR A CG  1 
ATOM   887  C CD1 . TYR A 1 110 ? 13.847  8.835   2.954   1.00 58.18 ? 115 TYR A CD1 1 
ATOM   888  C CD2 . TYR A 1 110 ? 11.909  7.620   2.118   1.00 55.02 ? 115 TYR A CD2 1 
ATOM   889  C CE1 . TYR A 1 110 ? 14.656  8.268   1.936   1.00 60.85 ? 115 TYR A CE1 1 
ATOM   890  C CE2 . TYR A 1 110 ? 12.688  7.046   1.088   1.00 59.07 ? 115 TYR A CE2 1 
ATOM   891  C CZ  . TYR A 1 110 ? 14.075  7.380   0.993   1.00 62.98 ? 115 TYR A CZ  1 
ATOM   892  O OH  . TYR A 1 110 ? 14.883  6.843   -0.027  1.00 64.58 ? 115 TYR A OH  1 
ATOM   893  N N   . LYS A 1 111 ? 11.811  9.320   7.764   1.00 45.22 ? 116 LYS A N   1 
ATOM   894  C CA  . LYS A 1 111 ? 11.233  10.136  8.822   1.00 44.23 ? 116 LYS A CA  1 
ATOM   895  C C   . LYS A 1 111 ? 10.778  11.483  8.206   1.00 42.05 ? 116 LYS A C   1 
ATOM   896  O O   . LYS A 1 111 ? 11.409  11.975  7.285   1.00 42.55 ? 116 LYS A O   1 
ATOM   897  C CB  . LYS A 1 111 ? 12.251  10.337  9.952   1.00 45.38 ? 116 LYS A CB  1 
ATOM   898  C CG  . LYS A 1 111 ? 12.754  9.040   10.547  1.00 49.41 ? 116 LYS A CG  1 
ATOM   899  C CD  . LYS A 1 111 ? 13.462  9.311   11.902  1.00 58.70 ? 116 LYS A CD  1 
ATOM   900  C CE  . LYS A 1 111 ? 13.708  8.022   12.704  1.00 61.14 ? 116 LYS A CE  1 
ATOM   901  N NZ  . LYS A 1 111 ? 13.231  8.155   14.138  1.00 64.83 ? 116 LYS A NZ  1 
ATOM   902  N N   . PRO A 1 112 ? 9.662   12.070  8.681   1.00 39.54 ? 117 PRO A N   1 
ATOM   903  C CA  . PRO A 1 112 ? 8.745   11.726  9.772   1.00 37.03 ? 117 PRO A CA  1 
ATOM   904  C C   . PRO A 1 112 ? 7.590   10.748  9.358   1.00 34.10 ? 117 PRO A C   1 
ATOM   905  O O   . PRO A 1 112 ? 6.693   10.484  10.166  1.00 32.73 ? 117 PRO A O   1 
ATOM   906  C CB  . PRO A 1 112 ? 8.180   13.089  10.193  1.00 37.42 ? 117 PRO A CB  1 
ATOM   907  C CG  . PRO A 1 112 ? 8.557   14.078  9.141   1.00 39.22 ? 117 PRO A CG  1 
ATOM   908  C CD  . PRO A 1 112 ? 9.289   13.342  8.035   1.00 40.48 ? 117 PRO A CD  1 
ATOM   909  N N   . ASN A 1 113 ? 7.629   10.273  8.107   1.00 32.53 ? 118 ASN A N   1 
ATOM   910  C CA  . ASN A 1 113 ? 6.577   9.331   7.569   1.00 30.98 ? 118 ASN A CA  1 
ATOM   911  C C   . ASN A 1 113 ? 6.884   7.883   7.930   1.00 30.90 ? 118 ASN A C   1 
ATOM   912  O O   . ASN A 1 113 ? 7.181   7.038   7.040   1.00 31.06 ? 118 ASN A O   1 
ATOM   913  C CB  . ASN A 1 113 ? 6.437   9.451   6.031   1.00 30.19 ? 118 ASN A CB  1 
ATOM   914  C CG  . ASN A 1 113 ? 5.612   10.650  5.603   1.00 25.25 ? 118 ASN A CG  1 
ATOM   915  O OD1 . ASN A 1 113 ? 4.943   11.299  6.369   1.00 29.45 ? 118 ASN A OD1 1 
ATOM   916  N ND2 . ASN A 1 113 ? 5.702   10.962  4.343   1.00 26.82 ? 118 ASN A ND2 1 
ATOM   917  N N   . ASN A 1 114 ? 6.856   7.605   9.232   1.00 30.77 ? 119 ASN A N   1 
ATOM   918  C CA  . ASN A 1 114 ? 7.283   6.272   9.719   1.00 32.08 ? 119 ASN A CA  1 
ATOM   919  C C   . ASN A 1 114 ? 6.423   5.769   10.859  1.00 30.50 ? 119 ASN A C   1 
ATOM   920  O O   . ASN A 1 114 ? 6.811   4.840   11.573  1.00 32.24 ? 119 ASN A O   1 
ATOM   921  C CB  . ASN A 1 114 ? 8.778   6.259   10.041  1.00 33.59 ? 119 ASN A CB  1 
ATOM   922  C CG  . ASN A 1 114 ? 9.145   7.087   11.286  1.00 36.20 ? 119 ASN A CG  1 
ATOM   923  O OD1 . ASN A 1 114 ? 10.127  6.756   11.937  1.00 46.84 ? 119 ASN A OD1 1 
ATOM   924  N ND2 . ASN A 1 114 ? 8.359   8.085   11.670  1.00 33.02 ? 119 ASN A ND2 1 
ATOM   925  N N   . THR A 1 115 ? 5.259   6.362   11.015  1.00 29.35 ? 120 THR A N   1 
ATOM   926  C CA  . THR A 1 115 ? 4.410   6.096   12.156  1.00 30.43 ? 120 THR A CA  1 
ATOM   927  C C   . THR A 1 115 ? 4.105   4.624   12.337  1.00 30.92 ? 120 THR A C   1 
ATOM   928  O O   . THR A 1 115 ? 4.239   4.098   13.430  1.00 31.19 ? 120 THR A O   1 
ATOM   929  C CB  . THR A 1 115 ? 3.124   6.945   12.120  1.00 31.39 ? 120 THR A CB  1 
ATOM   930  O OG1 . THR A 1 115 ? 3.455   8.304   12.365  1.00 31.76 ? 120 THR A OG1 1 
ATOM   931  C CG2 . THR A 1 115 ? 2.154   6.507   13.127  1.00 32.64 ? 120 THR A CG2 1 
ATOM   932  N N   . HIS A 1 116 ? 3.717   3.915   11.276  1.00 30.02 ? 121 HIS A N   1 
ATOM   933  C CA  . HIS A 1 116 ? 3.372   2.467   11.417  1.00 29.64 ? 121 HIS A CA  1 
ATOM   934  C C   . HIS A 1 116 ? 4.526   1.517   11.065  1.00 27.69 ? 121 HIS A C   1 
ATOM   935  O O   . HIS A 1 116 ? 4.303   0.345   10.765  1.00 29.45 ? 121 HIS A O   1 
ATOM   936  C CB  . HIS A 1 116 ? 2.138   2.095   10.564  1.00 28.18 ? 121 HIS A CB  1 
ATOM   937  C CG  . HIS A 1 116 ? 0.907   2.834   10.947  1.00 28.60 ? 121 HIS A CG  1 
ATOM   938  N ND1 . HIS A 1 116 ? 0.399   2.817   12.224  1.00 32.63 ? 121 HIS A ND1 1 
ATOM   939  C CD2 . HIS A 1 116 ? 0.050   3.583   10.214  1.00 29.50 ? 121 HIS A CD2 1 
ATOM   940  C CE1 . HIS A 1 116 ? -0.716  3.533   12.266  1.00 33.68 ? 121 HIS A CE1 1 
ATOM   941  N NE2 . HIS A 1 116 ? -0.949  4.001   11.057  1.00 33.38 ? 121 HIS A NE2 1 
ATOM   942  N N   . GLU A 1 117 ? 5.764   2.023   11.065  1.00 28.87 ? 122 GLU A N   1 
ATOM   943  C CA  . GLU A 1 117 ? 6.927   1.270   10.634  1.00 29.53 ? 122 GLU A CA  1 
ATOM   944  C C   . GLU A 1 117 ? 7.153   0.004   11.463  1.00 31.35 ? 122 GLU A C   1 
ATOM   945  O O   . GLU A 1 117 ? 7.383   -1.077  10.903  1.00 30.01 ? 122 GLU A O   1 
ATOM   946  C CB  . GLU A 1 117 ? 8.184   2.083   10.693  1.00 29.21 ? 122 GLU A CB  1 
ATOM   947  C CG  . GLU A 1 117 ? 9.396   1.211   10.481  1.00 35.50 ? 122 GLU A CG  1 
ATOM   948  C CD  . GLU A 1 117 ? 10.731  1.973   10.624  1.00 38.37 ? 122 GLU A CD  1 
ATOM   949  O OE1 . GLU A 1 117 ? 10.793  3.161   11.023  1.00 39.04 ? 122 GLU A OE1 1 
ATOM   950  O OE2 . GLU A 1 117 ? 11.730  1.349   10.301  1.00 40.50 ? 122 GLU A OE2 1 
ATOM   951  N N   . GLN A 1 118 ? 7.057   0.145   12.789  1.00 32.90 ? 123 GLN A N   1 
ATOM   952  C CA  . GLN A 1 118 ? 7.269   -0.995  13.715  1.00 34.42 ? 123 GLN A CA  1 
ATOM   953  C C   . GLN A 1 118 ? 6.224   -2.048  13.515  1.00 31.38 ? 123 GLN A C   1 
ATOM   954  O O   . GLN A 1 118 ? 6.543   -3.221  13.420  1.00 30.21 ? 123 GLN A O   1 
ATOM   955  C CB  . GLN A 1 118 ? 7.234   -0.482  15.142  1.00 35.42 ? 123 GLN A CB  1 
ATOM   956  C CG  . GLN A 1 118 ? 8.592   0.004   15.514  1.00 44.80 ? 123 GLN A CG  1 
ATOM   957  C CD  . GLN A 1 118 ? 9.072   -0.918  16.596  1.00 59.79 ? 123 GLN A CD  1 
ATOM   958  O OE1 . GLN A 1 118 ? 8.727   -0.705  17.787  1.00 64.08 ? 123 GLN A OE1 1 
ATOM   959  N NE2 . GLN A 1 118 ? 9.744   -2.034  16.198  1.00 61.21 ? 123 GLN A NE2 1 
ATOM   960  N N   . HIS A 1 119 ? 4.995   -1.619  13.386  1.00 30.60 ? 124 HIS A N   1 
ATOM   961  C CA  . HIS A 1 119 ? 3.895   -2.531  13.127  1.00 31.22 ? 124 HIS A CA  1 
ATOM   962  C C   . HIS A 1 119 ? 4.084   -3.345  11.836  1.00 30.68 ? 124 HIS A C   1 
ATOM   963  O O   . HIS A 1 119 ? 3.934   -4.587  11.817  1.00 28.48 ? 124 HIS A O   1 
ATOM   964  C CB  . HIS A 1 119 ? 2.589   -1.764  13.145  1.00 33.13 ? 124 HIS A CB  1 
ATOM   965  C CG  . HIS A 1 119 ? 1.378   -2.601  12.834  1.00 40.20 ? 124 HIS A CG  1 
ATOM   966  N ND1 . HIS A 1 119 ? 1.103   -3.788  13.476  1.00 47.46 ? 124 HIS A ND1 1 
ATOM   967  C CD2 . HIS A 1 119 ? 0.381   -2.429  11.923  1.00 44.53 ? 124 HIS A CD2 1 
ATOM   968  C CE1 . HIS A 1 119 ? 0.003   -4.320  12.965  1.00 45.40 ? 124 HIS A CE1 1 
ATOM   969  N NE2 . HIS A 1 119 ? -0.476  -3.498  12.054  1.00 46.05 ? 124 HIS A NE2 1 
ATOM   970  N N   . LEU A 1 120 ? 4.476   -2.673  10.769  1.00 29.79 ? 125 LEU A N   1 
ATOM   971  C CA  . LEU A 1 120 ? 4.737   -3.364  9.501   1.00 28.33 ? 125 LEU A CA  1 
ATOM   972  C C   . LEU A 1 120 ? 5.961   -4.323  9.577   1.00 28.40 ? 125 LEU A C   1 
ATOM   973  O O   . LEU A 1 120 ? 5.968   -5.423  8.992   1.00 26.96 ? 125 LEU A O   1 
ATOM   974  C CB  . LEU A 1 120 ? 4.891   -2.315  8.364   1.00 27.43 ? 125 LEU A CB  1 
ATOM   975  C CG  . LEU A 1 120 ? 3.616   -1.607  7.868   1.00 26.91 ? 125 LEU A CG  1 
ATOM   976  C CD1 A LEU A 1 120 ? 3.959   -1.014  6.456   0.68 29.01 ? 125 LEU A CD1 1 
ATOM   977  C CD1 B LEU A 1 120 ? 2.597   -1.288  8.951   0.32 26.22 ? 125 LEU A CD1 1 
ATOM   978  C CD2 A LEU A 1 120 ? 2.413   -2.496  7.730   0.68 27.87 ? 125 LEU A CD2 1 
ATOM   979  C CD2 B LEU A 1 120 ? 3.947   -0.350  7.066   0.32 26.19 ? 125 LEU A CD2 1 
ATOM   980  N N   . ARG A 1 121 ? 6.996   -3.878  10.287  1.00 28.57 ? 126 ARG A N   1 
ATOM   981  C CA  . ARG A 1 121 ? 8.181   -4.718  10.461  1.00 30.49 ? 126 ARG A CA  1 
ATOM   982  C C   . ARG A 1 121 ? 7.819   -6.070  11.135  1.00 29.32 ? 126 ARG A C   1 
ATOM   983  O O   . ARG A 1 121 ? 8.337   -7.126  10.703  1.00 30.25 ? 126 ARG A O   1 
ATOM   984  C CB  . ARG A 1 121 ? 9.304   -4.015  11.223  1.00 30.03 ? 126 ARG A CB  1 
ATOM   985  C CG  . ARG A 1 121 ? 9.876   -2.922  10.411  1.00 35.14 ? 126 ARG A CG  1 
ATOM   986  C CD  . ARG A 1 121 ? 11.378  -2.798  10.553  1.00 42.02 ? 126 ARG A CD  1 
ATOM   987  N NE  . ARG A 1 121 ? 11.844  -1.644  9.801   1.00 40.57 ? 126 ARG A NE  1 
ATOM   988  C CZ  . ARG A 1 121 ? 12.302  -1.694  8.544   1.00 39.42 ? 126 ARG A CZ  1 
ATOM   989  N NH1 . ARG A 1 121 ? 12.396  -2.828  7.848   1.00 38.10 ? 126 ARG A NH1 1 
ATOM   990  N NH2 . ARG A 1 121 ? 12.694  -0.577  7.962   1.00 45.25 ? 126 ARG A NH2 1 
ATOM   991  N N   . LYS A 1 122 ? 6.954   -6.008  12.156  1.00 30.49 ? 127 LYS A N   1 
ATOM   992  C CA  . LYS A 1 122 ? 6.453   -7.213  12.834  1.00 30.67 ? 127 LYS A CA  1 
ATOM   993  C C   . LYS A 1 122 ? 5.734   -8.132  11.902  1.00 29.55 ? 127 LYS A C   1 
ATOM   994  O O   . LYS A 1 122 ? 5.985   -9.345  11.948  1.00 27.01 ? 127 LYS A O   1 
ATOM   995  C CB  . LYS A 1 122 ? 5.531   -6.844  13.992  1.00 31.51 ? 127 LYS A CB  1 
ATOM   996  C CG  . LYS A 1 122 ? 6.346   -6.130  15.077  1.00 37.16 ? 127 LYS A CG  1 
ATOM   997  C CD  . LYS A 1 122 ? 5.443   -5.666  16.235  1.00 44.21 ? 127 LYS A CD  1 
ATOM   998  C CE  . LYS A 1 122 ? 6.258   -4.774  17.236  1.00 45.24 ? 127 LYS A CE  1 
ATOM   999  N NZ  . LYS A 1 122 ? 5.386   -4.311  18.363  1.00 51.09 ? 127 LYS A NZ  1 
ATOM   1000 N N   . SER A 1 123 ? 4.832   -7.582  11.049  1.00 26.82 ? 128 SER A N   1 
ATOM   1001 C CA  . SER A 1 123 ? 4.156   -8.449  10.065  1.00 26.11 ? 128 SER A CA  1 
ATOM   1002 C C   . SER A 1 123 ? 5.125   -9.061  9.066   1.00 24.12 ? 128 SER A C   1 
ATOM   1003 O O   . SER A 1 123 ? 4.983   -10.233 8.668   1.00 23.76 ? 128 SER A O   1 
ATOM   1004 C CB  . SER A 1 123 ? 3.052   -7.664  9.341   1.00 25.25 ? 128 SER A CB  1 
ATOM   1005 O OG  . SER A 1 123 ? 2.036   -7.338  10.257  1.00 29.39 ? 128 SER A OG  1 
ATOM   1006 N N   . GLU A 1 124 ? 6.115   -8.283  8.662   1.00 24.99 ? 129 GLU A N   1 
ATOM   1007 C CA  . GLU A 1 124 ? 7.104   -8.784  7.721   1.00 24.68 ? 129 GLU A CA  1 
ATOM   1008 C C   . GLU A 1 124 ? 7.899   -9.948  8.307   1.00 25.10 ? 129 GLU A C   1 
ATOM   1009 O O   . GLU A 1 124 ? 8.144   -10.915 7.594   1.00 26.11 ? 129 GLU A O   1 
ATOM   1010 C CB  . GLU A 1 124 ? 8.100   -7.711  7.331   1.00 24.49 ? 129 GLU A CB  1 
ATOM   1011 C CG  . GLU A 1 124 ? 8.964   -8.182  6.201   1.00 26.96 ? 129 GLU A CG  1 
ATOM   1012 C CD  . GLU A 1 124 ? 10.027  -7.120  5.900   1.00 34.72 ? 129 GLU A CD  1 
ATOM   1013 O OE1 . GLU A 1 124 ? 10.739  -6.730  6.844   1.00 42.87 ? 129 GLU A OE1 1 
ATOM   1014 O OE2 . GLU A 1 124 ? 10.107  -6.669  4.744   1.00 31.94 ? 129 GLU A OE2 1 
ATOM   1015 N N   . ALA A 1 125 ? 8.258   -9.831  9.584   1.00 27.20 ? 130 ALA A N   1 
ATOM   1016 C CA  . ALA A 1 125 ? 9.021   -10.887 10.314  1.00 27.90 ? 130 ALA A CA  1 
ATOM   1017 C C   . ALA A 1 125 ? 8.216   -12.213 10.351  1.00 27.76 ? 130 ALA A C   1 
ATOM   1018 O O   . ALA A 1 125 ? 8.757   -13.271 10.035  1.00 28.53 ? 130 ALA A O   1 
ATOM   1019 C CB  . ALA A 1 125 ? 9.324   -10.424 11.716  1.00 26.89 ? 130 ALA A CB  1 
ATOM   1020 N N   . GLN A 1 126 ? 6.923   -12.096 10.632  1.00 28.01 ? 131 GLN A N   1 
ATOM   1021 C CA  . GLN A 1 126 ? 5.936   -13.195 10.533  1.00 28.35 ? 131 GLN A CA  1 
ATOM   1022 C C   . GLN A 1 126 ? 5.810   -13.849 9.167   1.00 28.09 ? 131 GLN A C   1 
ATOM   1023 O O   . GLN A 1 126 ? 5.891   -15.082 9.041   1.00 30.18 ? 131 GLN A O   1 
ATOM   1024 C CB  . GLN A 1 126 ? 4.581   -12.704 11.059  1.00 29.15 ? 131 GLN A CB  1 
ATOM   1025 C CG  . GLN A 1 126 ? 3.645   -13.818 11.501  1.00 33.45 ? 131 GLN A CG  1 
ATOM   1026 C CD  . GLN A 1 126 ? 4.254   -14.791 12.545  1.00 39.72 ? 131 GLN A CD  1 
ATOM   1027 O OE1 . GLN A 1 126 ? 4.216   -16.017 12.358  1.00 44.41 ? 131 GLN A OE1 1 
ATOM   1028 N NE2 . GLN A 1 126 ? 4.809   -14.253 13.637  1.00 37.40 ? 131 GLN A NE2 1 
ATOM   1029 N N   . ALA A 1 127 ? 5.703   -13.032 8.108   1.00 27.75 ? 132 ALA A N   1 
ATOM   1030 C CA  . ALA A 1 127 ? 5.625   -13.570 6.801   1.00 29.47 ? 132 ALA A CA  1 
ATOM   1031 C C   . ALA A 1 127 ? 6.946   -14.311 6.397   1.00 30.53 ? 132 ALA A C   1 
ATOM   1032 O O   . ALA A 1 127 ? 6.892   -15.288 5.692   1.00 30.95 ? 132 ALA A O   1 
ATOM   1033 C CB  . ALA A 1 127 ? 5.288   -12.496 5.822   1.00 28.35 ? 132 ALA A CB  1 
ATOM   1034 N N   . LYS A 1 128 ? 8.102   -13.831 6.884   1.00 32.48 ? 133 LYS A N   1 
ATOM   1035 C CA  . LYS A 1 128 ? 9.419   -14.403 6.538   1.00 34.05 ? 133 LYS A CA  1 
ATOM   1036 C C   . LYS A 1 128 ? 9.467   -15.765 7.242   1.00 33.13 ? 133 LYS A C   1 
ATOM   1037 O O   . LYS A 1 128 ? 9.865   -16.730 6.639   1.00 33.56 ? 133 LYS A O   1 
ATOM   1038 C CB  . LYS A 1 128 ? 10.584  -13.504 7.042   1.00 34.88 ? 133 LYS A CB  1 
ATOM   1039 C CG  . LYS A 1 128 ? 10.851  -12.170 6.298   1.00 41.46 ? 133 LYS A CG  1 
ATOM   1040 C CD  . LYS A 1 128 ? 12.178  -11.408 6.646   1.00 44.33 ? 133 LYS A CD  1 
ATOM   1041 C CE  . LYS A 1 128 ? 12.756  -11.747 8.016   1.00 51.77 ? 133 LYS A CE  1 
ATOM   1042 N NZ  . LYS A 1 128 ? 12.431  -10.793 9.165   1.00 53.86 ? 133 LYS A NZ  1 
ATOM   1043 N N   . LYS A 1 129 ? 9.022   -15.788 8.495   1.00 35.12 ? 134 LYS A N   1 
ATOM   1044 C CA  . LYS A 1 129 ? 9.030   -16.961 9.405   1.00 36.31 ? 134 LYS A CA  1 
ATOM   1045 C C   . LYS A 1 129 ? 8.104   -18.012 8.875   1.00 35.80 ? 134 LYS A C   1 
ATOM   1046 O O   . LYS A 1 129 ? 8.353   -19.219 9.041   1.00 37.04 ? 134 LYS A O   1 
ATOM   1047 C CB  . LYS A 1 129 ? 8.547   -16.526 10.788  1.00 36.66 ? 134 LYS A CB  1 
ATOM   1048 C CG  . LYS A 1 129 ? 8.847   -17.475 11.910  1.00 43.26 ? 134 LYS A CG  1 
ATOM   1049 C CD  . LYS A 1 129 ? 8.067   -17.117 13.122  1.00 52.50 ? 134 LYS A CD  1 
ATOM   1050 C CE  . LYS A 1 129 ? 8.839   -16.209 14.097  1.00 58.78 ? 134 LYS A CE  1 
ATOM   1051 N NZ  . LYS A 1 129 ? 8.039   -16.254 15.398  1.00 64.01 ? 134 LYS A NZ  1 
ATOM   1052 N N   . GLU A 1 130 ? 7.037   -17.592 8.209   1.00 34.00 ? 135 GLU A N   1 
ATOM   1053 C CA  . GLU A 1 130 ? 6.097   -18.518 7.543   1.00 32.80 ? 135 GLU A CA  1 
ATOM   1054 C C   . GLU A 1 130 ? 6.465   -18.889 6.123   1.00 34.15 ? 135 GLU A C   1 
ATOM   1055 O O   . GLU A 1 130 ? 5.774   -19.689 5.502   1.00 35.58 ? 135 GLU A O   1 
ATOM   1056 C CB  . GLU A 1 130 ? 4.662   -17.972 7.608   1.00 31.19 ? 135 GLU A CB  1 
ATOM   1057 C CG  . GLU A 1 130 ? 4.207   -17.813 8.991   1.00 28.15 ? 135 GLU A CG  1 
ATOM   1058 C CD  . GLU A 1 130 ? 2.843   -17.237 9.136   1.00 26.46 ? 135 GLU A CD  1 
ATOM   1059 O OE1 . GLU A 1 130 ? 2.161   -16.932 8.123   1.00 27.41 ? 135 GLU A OE1 1 
ATOM   1060 O OE2 . GLU A 1 130 ? 2.403   -17.076 10.275  1.00 30.90 ? 135 GLU A OE2 1 
ATOM   1061 N N   . LYS A 1 131 ? 7.544   -18.296 5.617   1.00 35.20 ? 136 LYS A N   1 
ATOM   1062 C CA  . LYS A 1 131 ? 8.037   -18.485 4.255   1.00 35.63 ? 136 LYS A CA  1 
ATOM   1063 C C   . LYS A 1 131 ? 7.018   -18.219 3.170   1.00 34.89 ? 136 LYS A C   1 
ATOM   1064 O O   . LYS A 1 131 ? 6.897   -18.985 2.217   1.00 35.18 ? 136 LYS A O   1 
ATOM   1065 C CB  . LYS A 1 131 ? 8.680   -19.880 4.150   1.00 38.96 ? 136 LYS A CB  1 
ATOM   1066 C CG  . LYS A 1 131 ? 9.951   -19.974 5.088   1.00 42.72 ? 136 LYS A CG  1 
ATOM   1067 C CD  . LYS A 1 131 ? 10.631  -21.376 5.158   1.00 51.42 ? 136 LYS A CD  1 
ATOM   1068 C CE  . LYS A 1 131 ? 10.481  -21.973 6.584   1.00 59.08 ? 136 LYS A CE  1 
ATOM   1069 N NZ  . LYS A 1 131 ? 11.043  -23.382 6.663   1.00 62.32 ? 136 LYS A NZ  1 
ATOM   1070 N N   . LEU A 1 132 ? 6.219   -17.144 3.309   1.00 32.16 ? 137 LEU A N   1 
ATOM   1071 C CA  . LEU A 1 132 ? 5.117   -16.887 2.348   1.00 32.15 ? 137 LEU A CA  1 
ATOM   1072 C C   . LEU A 1 132 ? 5.597   -16.148 1.067   1.00 32.52 ? 137 LEU A C   1 
ATOM   1073 O O   . LEU A 1 132 ? 6.330   -15.153 1.180   1.00 32.51 ? 137 LEU A O   1 
ATOM   1074 C CB  . LEU A 1 132 ? 3.999   -16.027 3.019   1.00 31.92 ? 137 LEU A CB  1 
ATOM   1075 C CG  . LEU A 1 132 ? 3.213   -16.647 4.166   1.00 32.03 ? 137 LEU A CG  1 
ATOM   1076 C CD1 . LEU A 1 132 ? 2.359   -15.546 4.876   1.00 31.01 ? 137 LEU A CD1 1 
ATOM   1077 C CD2 . LEU A 1 132 ? 2.325   -17.685 3.489   1.00 34.12 ? 137 LEU A CD2 1 
ATOM   1078 N N   . ASN A 1 133 ? 5.183   -16.623 -0.108  1.00 33.05 ? 138 ASN A N   1 
ATOM   1079 C CA  . ASN A 1 133 ? 5.307   -15.891 -1.376  1.00 32.97 ? 138 ASN A CA  1 
ATOM   1080 C C   . ASN A 1 133 ? 6.695   -15.418 -1.577  1.00 35.12 ? 138 ASN A C   1 
ATOM   1081 O O   . ASN A 1 133 ? 7.623   -16.214 -1.699  1.00 36.39 ? 138 ASN A O   1 
ATOM   1082 C CB  . ASN A 1 133 ? 4.229   -14.794 -1.401  1.00 31.37 ? 138 ASN A CB  1 
ATOM   1083 C CG  . ASN A 1 133 ? 2.824   -15.411 -1.550  1.00 34.87 ? 138 ASN A CG  1 
ATOM   1084 O OD1 . ASN A 1 133 ? 2.587   -16.225 -2.453  1.00 32.91 ? 138 ASN A OD1 1 
ATOM   1085 N ND2 . ASN A 1 133 ? 1.903   -15.055 -0.662  1.00 33.11 ? 138 ASN A ND2 1 
ATOM   1086 N N   . ILE A 1 134 ? 6.910   -14.129 -1.543  1.00 35.49 ? 139 ILE A N   1 
ATOM   1087 C CA  . ILE A 1 134 ? 8.258   -13.588 -1.693  1.00 36.87 ? 139 ILE A CA  1 
ATOM   1088 C C   . ILE A 1 134 ? 9.338   -14.260 -0.818  1.00 37.98 ? 139 ILE A C   1 
ATOM   1089 O O   . ILE A 1 134 ? 10.513  -14.320 -1.207  1.00 38.61 ? 139 ILE A O   1 
ATOM   1090 C CB  . ILE A 1 134 ? 8.086   -12.058 -1.456  1.00 37.80 ? 139 ILE A CB  1 
ATOM   1091 C CG1 . ILE A 1 134 ? 7.791   -11.327 -2.765  1.00 38.08 ? 139 ILE A CG1 1 
ATOM   1092 C CG2 . ILE A 1 134 ? 8.975   -11.459 -0.416  1.00 39.84 ? 139 ILE A CG2 1 
ATOM   1093 C CD1 . ILE A 1 134 ? 7.607   -9.857  -2.496  1.00 48.64 ? 139 ILE A CD1 1 
ATOM   1094 N N   . TRP A 1 135 ? 8.946   -14.768 0.352   1.00 38.22 ? 140 TRP A N   1 
ATOM   1095 C CA  . TRP A 1 135 ? 9.862   -15.351 1.314   1.00 38.93 ? 140 TRP A CA  1 
ATOM   1096 C C   . TRP A 1 135 ? 10.052  -16.883 1.166   1.00 39.96 ? 140 TRP A C   1 
ATOM   1097 O O   . TRP A 1 135 ? 10.764  -17.462 1.918   1.00 40.49 ? 140 TRP A O   1 
ATOM   1098 C CB  . TRP A 1 135 ? 9.364   -15.041 2.711   1.00 37.33 ? 140 TRP A CB  1 
ATOM   1099 C CG  . TRP A 1 135 ? 9.255   -13.602 2.929   1.00 37.27 ? 140 TRP A CG  1 
ATOM   1100 C CD1 . TRP A 1 135 ? 8.120   -12.904 3.237   1.00 31.86 ? 140 TRP A CD1 1 
ATOM   1101 C CD2 . TRP A 1 135 ? 10.310  -12.635 2.871   1.00 37.79 ? 140 TRP A CD2 1 
ATOM   1102 N NE1 . TRP A 1 135 ? 8.404   -11.592 3.405   1.00 32.30 ? 140 TRP A NE1 1 
ATOM   1103 C CE2 . TRP A 1 135 ? 9.733   -11.377 3.171   1.00 36.10 ? 140 TRP A CE2 1 
ATOM   1104 C CE3 . TRP A 1 135 ? 11.679  -12.705 2.571   1.00 39.44 ? 140 TRP A CE3 1 
ATOM   1105 C CZ2 . TRP A 1 135 ? 10.481  -10.181 3.191   1.00 40.92 ? 140 TRP A CZ2 1 
ATOM   1106 C CZ3 . TRP A 1 135 ? 12.427  -11.518 2.572   1.00 36.45 ? 140 TRP A CZ3 1 
ATOM   1107 C CH2 . TRP A 1 135 ? 11.826  -10.269 2.875   1.00 40.02 ? 140 TRP A CH2 1 
ATOM   1108 N N   . SER A 1 136 ? 9.428   -17.534 0.215   1.00 41.52 ? 141 SER A N   1 
ATOM   1109 C CA  . SER A 1 136 ? 9.533   -18.973 0.205   1.00 44.43 ? 141 SER A CA  1 
ATOM   1110 C C   . SER A 1 136 ? 10.740  -19.451 -0.598  1.00 45.67 ? 141 SER A C   1 
ATOM   1111 O O   . SER A 1 136 ? 10.960  -18.947 -1.710  1.00 48.03 ? 141 SER A O   1 
ATOM   1112 C CB  . SER A 1 136 ? 8.279   -19.542 -0.395  1.00 44.41 ? 141 SER A CB  1 
ATOM   1113 O OG  . SER A 1 136 ? 8.106   -18.990 -1.664  1.00 48.32 ? 141 SER A OG  1 
HETATM 1114 O O   . HOH B 2 .   ? 11.790  -10.574 -3.008  1.00 9.78  ? 201 HOH A O   1 
HETATM 1115 O O   . HOH B 2 .   ? 1.694   11.161  4.525   1.00 24.93 ? 202 HOH A O   1 
HETATM 1116 O O   . HOH B 2 .   ? 2.006   -5.338  -8.264  1.00 27.93 ? 203 HOH A O   1 
HETATM 1117 O O   . HOH B 2 .   ? -14.727 2.797   -2.766  1.00 30.84 ? 204 HOH A O   1 
HETATM 1118 O O   . HOH B 2 .   ? -15.277 4.064   0.148   1.00 28.79 ? 205 HOH A O   1 
HETATM 1119 O O   . HOH B 2 .   ? 6.490   -9.501  3.769   1.00 30.29 ? 206 HOH A O   1 
HETATM 1120 O O   . HOH B 2 .   ? -11.855 1.442   5.992   1.00 29.88 ? 207 HOH A O   1 
HETATM 1121 O O   . HOH B 2 .   ? -5.468  11.654  7.179   1.00 30.40 ? 208 HOH A O   1 
HETATM 1122 O O   . HOH B 2 .   ? -3.614  11.817  9.371   1.00 32.00 ? 209 HOH A O   1 
HETATM 1123 O O   . HOH B 2 .   ? -5.222  -2.933  10.014  1.00 34.34 ? 210 HOH A O   1 
HETATM 1124 O O   . HOH B 2 .   ? -2.251  12.266  -8.406  1.00 36.88 ? 211 HOH A O   1 
HETATM 1125 O O   . HOH B 2 .   ? 0.447   11.681  -9.911  1.00 37.63 ? 212 HOH A O   1 
HETATM 1126 O O   . HOH B 2 .   ? -4.360  -5.512  7.646   1.00 37.26 ? 213 HOH A O   1 
HETATM 1127 O O   . HOH B 2 .   ? 8.654   6.817   4.574   1.00 39.42 ? 214 HOH A O   1 
HETATM 1128 O O   . HOH B 2 .   ? 3.726   -19.252 -0.143  1.00 38.50 ? 215 HOH A O   1 
HETATM 1129 O O   . HOH B 2 .   ? 6.579   -1.005  -5.380  1.00 36.63 ? 216 HOH A O   1 
HETATM 1130 O O   . HOH B 2 .   ? 7.050   4.838   1.371   1.00 36.95 ? 217 HOH A O   1 
HETATM 1131 O O   . HOH B 2 .   ? -3.164  -8.898  7.751   1.00 37.78 ? 218 HOH A O   1 
HETATM 1132 O O   . HOH B 2 .   ? -11.930 -6.030  1.204   1.00 38.78 ? 219 HOH A O   1 
HETATM 1133 O O   . HOH B 2 .   ? -3.994  -3.560  -8.171  1.00 42.54 ? 220 HOH A O   1 
HETATM 1134 O O   . HOH B 2 .   ? 7.058   7.556   -3.735  1.00 38.16 ? 221 HOH A O   1 
HETATM 1135 O O   . HOH B 2 .   ? -1.043  -15.850 0.017   1.00 40.18 ? 222 HOH A O   1 
HETATM 1136 O O   . HOH B 2 .   ? -16.713 -1.507  6.816   1.00 42.04 ? 223 HOH A O   1 
HETATM 1137 O O   . HOH B 2 .   ? -14.282 12.663  -2.855  1.00 53.85 ? 224 HOH A O   1 
HETATM 1138 O O   . HOH B 2 .   ? -14.568 -0.255  -2.867  1.00 41.97 ? 225 HOH A O   1 
HETATM 1139 O O   . HOH B 2 .   ? 12.123  -5.071  4.073   1.00 42.44 ? 226 HOH A O   1 
HETATM 1140 O O   . HOH B 2 .   ? 7.706   9.289   2.789   1.00 39.43 ? 227 HOH A O   1 
HETATM 1141 O O   . HOH B 2 .   ? 4.393   -14.120 -10.318 1.00 48.93 ? 228 HOH A O   1 
HETATM 1142 O O   . HOH B 2 .   ? 6.818   2.800   -7.198  1.00 43.67 ? 229 HOH A O   1 
HETATM 1143 O O   . HOH B 2 .   ? 0.881   9.507   -11.061 1.00 48.80 ? 230 HOH A O   1 
HETATM 1144 O O   . HOH B 2 .   ? -3.131  -12.558 -5.092  1.00 45.32 ? 231 HOH A O   1 
HETATM 1145 O O   . HOH B 2 .   ? -9.659  8.531   12.555  1.00 49.77 ? 232 HOH A O   1 
HETATM 1146 O O   . HOH B 2 .   ? -11.189 2.281   9.859   1.00 51.49 ? 233 HOH A O   1 
HETATM 1147 O O   . HOH B 2 .   ? 1.501   1.576   14.678  1.00 49.81 ? 234 HOH A O   1 
HETATM 1148 O O   . HOH B 2 .   ? -1.522  -3.959  -12.136 1.00 51.62 ? 235 HOH A O   1 
HETATM 1149 O O   . HOH B 2 .   ? -5.798  -6.968  9.120   1.00 50.38 ? 236 HOH A O   1 
HETATM 1150 O O   . HOH B 2 .   ? -10.024 -1.166  -9.849  1.00 48.58 ? 237 HOH A O   1 
HETATM 1151 O O   . HOH B 2 .   ? 12.808  0.765   -0.207  1.00 47.82 ? 238 HOH A O   1 
HETATM 1152 O O   . HOH B 2 .   ? 9.197   4.830   3.009   1.00 49.28 ? 239 HOH A O   1 
HETATM 1153 O O   . HOH B 2 .   ? -12.114 -7.693  -7.292  1.00 52.20 ? 240 HOH A O   1 
HETATM 1154 O O   . HOH B 2 .   ? 11.019  -7.429  9.890   1.00 50.19 ? 241 HOH A O   1 
HETATM 1155 O O   . HOH B 2 .   ? 4.234   0.956   14.458  1.00 49.24 ? 242 HOH A O   1 
HETATM 1156 O O   . HOH B 2 .   ? -4.683  -4.104  -10.670 1.00 53.48 ? 243 HOH A O   1 
HETATM 1157 O O   . HOH B 2 .   ? -0.083  -14.249 13.207  1.00 46.85 ? 244 HOH A O   1 
HETATM 1158 O O   . HOH B 2 .   ? -2.999  -8.921  -11.565 1.00 50.09 ? 245 HOH A O   1 
HETATM 1159 O O   . HOH B 2 .   ? 10.110  2.827   13.672  1.00 61.85 ? 246 HOH A O   1 
HETATM 1160 O O   . HOH B 2 .   ? -0.176  -11.492 12.363  1.00 62.06 ? 247 HOH A O   1 
HETATM 1161 O O   . HOH B 2 .   ? 10.780  -20.082 9.500   1.00 56.46 ? 248 HOH A O   1 
HETATM 1162 O O   . HOH B 2 .   ? -2.070  7.644   -12.376 1.00 48.16 ? 249 HOH A O   1 
HETATM 1163 O O   . HOH B 2 .   ? -0.587  15.297  11.539  1.00 63.46 ? 250 HOH A O   1 
HETATM 1164 O O   . HOH B 2 .   ? 16.323  10.608  14.709  1.00 53.57 ? 251 HOH A O   1 
HETATM 1165 O O   . HOH B 2 .   ? 12.983  4.969   -19.260 1.00 49.46 ? 252 HOH A O   1 
HETATM 1166 O O   . HOH B 2 .   ? -13.715 7.590   7.741   1.00 52.73 ? 253 HOH A O   1 
HETATM 1167 O O   . HOH B 2 .   ? 13.554  -1.163  5.820   1.00 54.99 ? 254 HOH A O   1 
HETATM 1168 O O   . HOH B 2 .   ? -16.675 -5.979  -6.502  1.00 53.17 ? 255 HOH A O   1 
HETATM 1169 O O   . HOH B 2 .   ? -16.006 13.443  6.405   1.00 51.31 ? 256 HOH A O   1 
HETATM 1170 O O   . HOH B 2 .   ? 9.122   9.054   -5.050  1.00 48.40 ? 257 HOH A O   1 
HETATM 1171 O O   . HOH B 2 .   ? -0.690  15.976  -6.856  1.00 40.63 ? 258 HOH A O   1 
HETATM 1172 O O   . HOH B 2 .   ? 9.404   -11.003 -6.229  1.00 61.96 ? 259 HOH A O   1 
HETATM 1173 O O   . HOH B 2 .   ? -18.071 14.676  5.078   1.00 60.52 ? 260 HOH A O   1 
HETATM 1174 O O   . HOH B 2 .   ? -11.129 9.336   -17.459 1.00 70.03 ? 261 HOH A O   1 
HETATM 1175 O O   . HOH B 2 .   ? 9.177   11.394  -4.296  1.00 57.31 ? 262 HOH A O   1 
HETATM 1176 O O   . HOH B 2 .   ? 5.064   -21.743 0.431   1.00 65.48 ? 263 HOH A O   1 
HETATM 1177 O O   . HOH B 2 .   ? 14.109  -4.703  -7.466  1.00 87.24 ? 264 HOH A O   1 
HETATM 1178 O O   . HOH B 2 .   ? 6.675   -22.144 2.097   1.00 56.55 ? 265 HOH A O   1 
HETATM 1179 O O   . HOH B 2 .   ? 15.401  -9.349  2.597   1.00 61.38 ? 266 HOH A O   1 
HETATM 1180 O O   . HOH B 2 .   ? 0.208   14.666  15.001  1.00 59.46 ? 267 HOH A O   1 
HETATM 1181 O O   . HOH B 2 .   ? 0.279   -17.963 -7.031  1.00 80.83 ? 268 HOH A O   1 
HETATM 1182 O O   . HOH B 2 .   ? 11.334  -13.421 10.603  1.00 59.98 ? 269 HOH A O   1 
HETATM 1183 O O   . HOH B 2 .   ? -6.412  15.761  5.842   1.00 52.44 ? 270 HOH A O   1 
HETATM 1184 O O   . HOH B 2 .   ? 14.465  8.560   -10.389 1.00 57.20 ? 271 HOH A O   1 
HETATM 1185 O O   . HOH B 2 .   ? -3.523  10.811  -13.672 1.00 53.04 ? 272 HOH A O   1 
HETATM 1186 O O   . HOH B 2 .   ? -6.441  5.525   14.961  1.00 60.95 ? 273 HOH A O   1 
HETATM 1187 O O   . HOH B 2 .   ? -10.533 9.024   -12.991 1.00 61.03 ? 274 HOH A O   1 
HETATM 1188 O O   . HOH B 2 .   ? 10.752  -8.568  -4.383  1.00 61.50 ? 275 HOH A O   1 
HETATM 1189 O O   . HOH B 2 .   ? -1.368  13.888  9.408   1.00 66.73 ? 276 HOH A O   1 
HETATM 1190 O O   . HOH B 2 .   ? -5.317  16.002  23.878  1.00 65.03 ? 277 HOH A O   1 
HETATM 1191 O O   . HOH B 2 .   ? 15.183  0.325   -8.065  1.00 58.21 ? 278 HOH A O   1 
HETATM 1192 O O   . HOH B 2 .   ? -13.457 -5.864  3.281   1.00 55.62 ? 279 HOH A O   1 
HETATM 1193 O O   . HOH B 2 .   ? -1.956  0.162   13.447  1.00 61.88 ? 280 HOH A O   1 
HETATM 1194 O O   . HOH B 2 .   ? -11.278 -0.779  -12.930 1.00 61.94 ? 281 HOH A O   1 
HETATM 1195 O O   . HOH B 2 .   ? 10.966  -11.523 15.004  1.00 63.52 ? 282 HOH A O   1 
HETATM 1196 O O   . HOH B 2 .   ? 15.760  5.088   6.894   1.00 65.24 ? 283 HOH A O   1 
HETATM 1197 O O   . HOH B 2 .   ? -10.137 -6.150  11.004  1.00 61.45 ? 284 HOH A O   1 
HETATM 1198 O O   . HOH B 2 .   ? 11.214  -10.449 -10.695 1.00 60.63 ? 285 HOH A O   1 
HETATM 1199 O O   . HOH B 2 .   ? -6.363  6.940   12.558  1.00 73.10 ? 286 HOH A O   1 
HETATM 1200 O O   . HOH B 2 .   ? -12.570 -0.368  -9.904  1.00 68.50 ? 287 HOH A O   1 
HETATM 1201 O O   . HOH B 2 .   ? -3.354  -11.106 9.734   1.00 47.58 ? 288 HOH A O   1 
HETATM 1202 O O   . HOH B 2 .   ? 12.534  -2.733  -1.118  1.00 63.76 ? 289 HOH A O   1 
HETATM 1203 O O   . HOH B 2 .   ? -14.988 14.767  -1.098  1.00 79.84 ? 290 HOH A O   1 
HETATM 1204 O O   . HOH B 2 .   ? 12.205  5.157   13.691  1.00 69.23 ? 291 HOH A O   1 
HETATM 1205 O O   . HOH B 2 .   ? -2.938  16.247  -1.170  1.00 65.73 ? 292 HOH A O   1 
HETATM 1206 O O   . HOH B 2 .   ? 8.095   12.074  -0.747  1.00 87.69 ? 293 HOH A O   1 
HETATM 1207 O O   . HOH B 2 .   ? -4.206  -1.757  -14.010 1.00 64.49 ? 294 HOH A O   1 
HETATM 1208 O O   . HOH B 2 .   ? 13.954  4.024   -9.177  1.00 63.98 ? 295 HOH A O   1 
HETATM 1209 O O   . HOH B 2 .   ? 13.311  -19.941 1.088   1.00 60.22 ? 296 HOH A O   1 
HETATM 1210 O O   . HOH B 2 .   ? 11.644  -18.318 -8.337  1.00 74.93 ? 297 HOH A O   1 
HETATM 1211 O O   . HOH B 2 .   ? -11.427 10.602  11.561  1.00 75.72 ? 298 HOH A O   1 
HETATM 1212 O O   . HOH B 2 .   ? 11.040  -0.066  13.171  1.00 99.39 ? 299 HOH A O   1 
HETATM 1213 O O   . HOH B 2 .   ? 11.703  6.381   -8.144  1.00 68.16 ? 300 HOH A O   1 
HETATM 1214 O O   . HOH B 2 .   ? -14.960 2.994   -10.707 1.00 61.68 ? 301 HOH A O   1 
HETATM 1215 O O   . HOH B 2 .   ? -12.620 12.356  0.334   1.00 50.48 ? 302 HOH A O   1 
HETATM 1216 O O   . HOH B 2 .   ? -10.655 17.067  -9.995  1.00 96.58 ? 303 HOH A O   1 
HETATM 1217 O O   . HOH B 2 .   ? 10.170  7.320   -1.405  1.00 68.01 ? 304 HOH A O   1 
HETATM 1218 O O   . HOH B 2 .   ? -8.361  -14.179 -5.232  1.00 71.91 ? 305 HOH A O   1 
HETATM 1219 O O   . HOH B 2 .   ? 14.858  2.206   6.452   1.00 51.58 ? 306 HOH A O   1 
HETATM 1220 O O   . HOH B 2 .   ? -13.042 20.005  3.670   1.00 64.90 ? 307 HOH A O   1 
HETATM 1221 O O   . HOH B 2 .   ? -3.764  -13.196 -10.331 1.00 75.72 ? 308 HOH A O   1 
HETATM 1222 O O   . HOH B 2 .   ? -10.413 -8.203  9.802   1.00 81.69 ? 309 HOH A O   1 
HETATM 1223 O O   . HOH B 2 .   ? -3.919  -4.189  -13.296 1.00 72.81 ? 310 HOH A O   1 
HETATM 1224 O O   . HOH B 2 .   ? 9.635   -7.334  14.501  1.00 63.20 ? 311 HOH A O   1 
HETATM 1225 O O   . HOH B 2 .   ? -1.585  6.506   14.925  1.00 66.11 ? 312 HOH A O   1 
HETATM 1226 O O   . HOH B 2 .   ? -9.726  -11.855 -12.015 1.00 68.35 ? 313 HOH A O   1 
HETATM 1227 O O   . HOH B 2 .   ? 16.593  -10.109 -8.566  1.00 72.95 ? 314 HOH A O   1 
HETATM 1228 O O   . HOH B 2 .   ? 10.977  -6.840  -7.210  1.00 87.64 ? 315 HOH A O   1 
HETATM 1229 O O   . HOH B 2 .   ? 17.770  -3.924  -9.532  1.00 80.03 ? 316 HOH A O   1 
HETATM 1230 O O   . HOH B 2 .   ? -15.497 9.919   -0.689  1.00 52.46 ? 317 HOH A O   1 
HETATM 1231 O O   . HOH B 2 .   ? 10.012  3.114   -0.731  1.00 59.95 ? 318 HOH A O   1 
HETATM 1232 O O   . HOH B 2 .   ? -7.312  20.469  -5.494  1.00 72.08 ? 319 HOH A O   1 
HETATM 1233 O O   . HOH B 2 .   ? 14.193  13.739  5.873   1.00 78.78 ? 320 HOH A O   1 
HETATM 1234 O O   . HOH B 2 .   ? -10.137 12.025  -16.101 1.00 63.19 ? 321 HOH A O   1 
HETATM 1235 O O   . HOH B 2 .   ? -7.508  -9.811  -1.138  1.00 62.59 ? 322 HOH A O   1 
HETATM 1236 O O   . HOH B 2 .   ? -8.625  -11.925 -0.776  1.00 66.09 ? 323 HOH A O   1 
HETATM 1237 O O   . HOH B 2 .   ? -2.618  -10.343 5.077   1.00 39.00 ? 324 HOH A O   1 
HETATM 1238 O O   . HOH B 2 .   ? 13.914  -5.594  -18.076 1.00 66.56 ? 325 HOH A O   1 
HETATM 1239 O O   . HOH B 2 .   ? 11.515  -6.447  13.254  1.00 59.46 ? 326 HOH A O   1 
HETATM 1240 O O   . HOH B 2 .   ? 6.748   3.113   14.043  1.00 44.19 ? 327 HOH A O   1 
HETATM 1241 O O   . HOH B 2 .   ? 11.216  -5.096  -23.056 1.00 70.31 ? 328 HOH A O   1 
HETATM 1242 O O   . HOH B 2 .   ? 16.175  5.796   -17.110 1.00 77.71 ? 329 HOH A O   1 
HETATM 1243 O O   . HOH B 2 .   ? -7.803  -13.774 -2.380  1.00 81.83 ? 330 HOH A O   1 
HETATM 1244 O O   . HOH B 2 .   ? 15.413  1.129   -3.779  1.00 81.33 ? 331 HOH A O   1 
HETATM 1245 O O   . HOH B 2 .   ? 6.512   -10.715 14.628  1.00 51.75 ? 332 HOH A O   1 
HETATM 1246 O O   . HOH B 2 .   ? -10.188 15.564  13.276  1.00 62.14 ? 333 HOH A O   1 
HETATM 1247 O O   . HOH B 2 .   ? -3.620  4.979   13.035  1.00 55.59 ? 334 HOH A O   1 
HETATM 1248 O O   . HOH B 2 .   ? -10.826 4.549   -14.184 1.00 70.84 ? 335 HOH A O   1 
HETATM 1249 O O   . HOH B 2 .   ? 17.510  8.783   16.352  1.00 60.91 ? 336 HOH A O   1 
HETATM 1250 O O   . HOH B 2 .   ? -11.718 14.169  4.513   1.00 64.95 ? 337 HOH A O   1 
HETATM 1251 O O   . HOH B 2 .   ? 7.648   7.209   0.073   1.00 65.83 ? 338 HOH A O   1 
HETATM 1252 O O   . HOH B 2 .   ? 8.509   -9.495  15.690  1.00 58.06 ? 339 HOH A O   1 
HETATM 1253 O O   . HOH B 2 .   ? 14.643  -3.758  11.030  1.00 66.80 ? 340 HOH A O   1 
# 
